data_1JQY
#
_entry.id   1JQY
#
_cell.length_a   64.990
_cell.length_b   166.006
_cell.length_c   74.420
_cell.angle_alpha   90.00
_cell.angle_beta   92.13
_cell.angle_gamma   90.00
#
_symmetry.space_group_name_H-M   'P 1 21 1'
#
loop_
_entity.id
_entity.type
_entity.pdbx_description
1 polymer 'HEAT-LABILE ENTEROTOXIN B CHAIN'
2 non-polymer (3-NITRO-5-(3-MORPHOLIN-4-YL-PROPYLAMINOCARBONYL)PHENYL)-GALACTOPYRANOSIDE
3 water water
#
_entity_poly.entity_id   1
_entity_poly.type   'polypeptide(L)'
_entity_poly.pdbx_seq_one_letter_code
;APQTITELCSEYRNTQIYTINDKILSYTESMAGKREMVIITFKSGETFQVEVPGSQHIDSQKKAIERMKDTLRITYLTET
KIDKLCVWNNKTPNSIAAISMKN
;
_entity_poly.pdbx_strand_id   D,E,F,G,H,L,M,N,O,P,V,W,X,Y,Z
#
# COMPACT_ATOMS: atom_id res chain seq x y z
N ALA A 1 -67.89 6.41 -57.94
CA ALA A 1 -66.62 6.96 -57.31
C ALA A 1 -65.58 7.12 -58.38
N PRO A 2 -64.50 7.82 -58.15
CA PRO A 2 -63.46 7.99 -59.16
C PRO A 2 -62.83 6.64 -59.49
N GLN A 3 -62.18 6.65 -60.68
CA GLN A 3 -61.63 5.40 -61.19
C GLN A 3 -60.15 5.38 -61.27
N THR A 4 -59.52 6.51 -61.05
CA THR A 4 -58.09 6.67 -61.09
C THR A 4 -57.74 7.72 -60.05
N ILE A 5 -56.46 7.63 -59.66
CA ILE A 5 -56.03 8.60 -58.61
C ILE A 5 -56.07 10.04 -59.15
N THR A 6 -55.73 10.21 -60.42
CA THR A 6 -55.76 11.57 -61.04
C THR A 6 -57.15 12.18 -60.95
N GLU A 7 -58.21 11.48 -61.36
CA GLU A 7 -59.60 11.86 -61.18
C GLU A 7 -59.95 12.11 -59.72
N LEU A 8 -59.48 11.20 -58.85
CA LEU A 8 -59.78 11.34 -57.43
C LEU A 8 -59.16 12.63 -56.95
N CYS A 9 -57.88 12.77 -57.19
CA CYS A 9 -57.18 13.96 -56.66
C CYS A 9 -57.70 15.31 -57.06
N SER A 10 -58.20 15.43 -58.26
CA SER A 10 -58.79 16.59 -58.90
C SER A 10 -60.08 17.02 -58.24
N GLU A 11 -60.67 16.16 -57.40
CA GLU A 11 -61.88 16.54 -56.65
C GLU A 11 -61.56 17.41 -55.45
N TYR A 12 -60.30 17.62 -55.09
CA TYR A 12 -59.91 18.41 -53.95
C TYR A 12 -59.13 19.64 -54.39
N ARG A 13 -59.18 20.66 -53.57
CA ARG A 13 -58.41 21.88 -53.73
C ARG A 13 -57.11 21.68 -52.92
N ASN A 14 -56.12 22.45 -53.39
CA ASN A 14 -54.76 22.41 -52.91
C ASN A 14 -54.13 21.01 -53.11
N THR A 15 -54.38 20.39 -54.27
CA THR A 15 -53.78 19.09 -54.53
C THR A 15 -53.13 19.01 -55.92
N GLN A 16 -52.15 18.19 -56.12
CA GLN A 16 -51.47 17.97 -57.39
C GLN A 16 -50.90 16.56 -57.45
N ILE A 17 -50.78 16.03 -58.68
CA ILE A 17 -50.26 14.69 -58.79
C ILE A 17 -48.74 14.80 -58.89
N TYR A 18 -48.00 13.94 -58.24
CA TYR A 18 -46.59 13.77 -58.43
C TYR A 18 -46.40 12.38 -59.08
N THR A 19 -45.76 12.41 -60.25
CA THR A 19 -45.44 11.13 -60.89
C THR A 19 -44.00 10.72 -60.51
N ILE A 20 -43.96 9.69 -59.67
CA ILE A 20 -42.75 9.20 -59.09
C ILE A 20 -42.10 8.08 -59.91
N ASN A 21 -42.85 7.01 -60.17
CA ASN A 21 -42.23 5.91 -60.88
C ASN A 21 -40.89 5.57 -60.26
N ASP A 22 -40.84 5.24 -58.96
CA ASP A 22 -39.60 4.88 -58.28
C ASP A 22 -39.96 4.32 -56.89
N LYS A 23 -39.06 3.54 -56.35
CA LYS A 23 -39.15 2.99 -55.02
C LYS A 23 -38.79 4.11 -54.05
N ILE A 24 -39.25 3.98 -52.80
CA ILE A 24 -38.90 4.93 -51.76
C ILE A 24 -37.42 4.79 -51.35
N LEU A 25 -36.68 5.89 -51.37
CA LEU A 25 -35.27 6.02 -51.02
C LEU A 25 -35.21 5.95 -49.53
N SER A 26 -35.92 6.80 -48.79
CA SER A 26 -35.88 6.54 -47.30
C SER A 26 -37.25 6.60 -46.63
N TYR A 27 -37.38 5.94 -45.50
CA TYR A 27 -38.59 5.94 -44.70
C TYR A 27 -38.22 6.41 -43.29
N THR A 28 -38.96 7.34 -42.71
CA THR A 28 -38.77 7.91 -41.41
C THR A 28 -40.14 7.82 -40.68
N GLU A 29 -40.10 7.38 -39.43
CA GLU A 29 -41.30 7.20 -38.64
C GLU A 29 -41.04 7.86 -37.30
N SER A 30 -41.98 8.63 -36.76
CA SER A 30 -41.82 9.25 -35.49
C SER A 30 -42.95 8.96 -34.52
N MET A 31 -42.71 8.63 -33.29
CA MET A 31 -43.70 8.50 -32.23
C MET A 31 -43.50 9.67 -31.24
N ALA A 32 -42.84 10.77 -31.65
CA ALA A 32 -42.61 11.88 -30.69
C ALA A 32 -43.88 12.73 -30.51
N GLY A 33 -44.30 13.12 -29.31
CA GLY A 33 -45.57 13.80 -29.09
C GLY A 33 -45.77 15.00 -30.02
N LYS A 34 -46.94 14.94 -30.69
CA LYS A 34 -47.27 16.02 -31.63
C LYS A 34 -46.47 15.87 -32.91
N ARG A 35 -45.60 14.86 -33.10
CA ARG A 35 -44.98 14.69 -34.42
C ARG A 35 -45.14 13.19 -34.77
N GLU A 36 -46.32 12.70 -34.52
CA GLU A 36 -46.65 11.29 -34.83
C GLU A 36 -46.93 11.17 -36.30
N MET A 37 -45.83 10.95 -37.02
CA MET A 37 -45.93 11.04 -38.46
C MET A 37 -44.91 10.14 -39.17
N VAL A 38 -45.08 10.03 -40.50
CA VAL A 38 -44.12 9.32 -41.35
C VAL A 38 -43.68 10.32 -42.44
N ILE A 39 -42.45 10.23 -42.81
CA ILE A 39 -41.86 11.04 -43.89
C ILE A 39 -41.14 10.13 -44.87
N ILE A 40 -41.33 10.33 -46.15
CA ILE A 40 -40.68 9.53 -47.16
C ILE A 40 -39.98 10.49 -48.12
N THR A 41 -38.93 9.97 -48.72
CA THR A 41 -38.17 10.74 -49.67
C THR A 41 -37.84 9.79 -50.80
N PHE A 42 -37.55 10.39 -51.95
CA PHE A 42 -37.13 9.80 -53.18
C PHE A 42 -35.75 10.32 -53.64
N LYS A 43 -35.11 9.54 -54.49
CA LYS A 43 -33.84 9.80 -55.17
C LYS A 43 -33.93 11.09 -55.97
N SER A 44 -35.07 11.56 -56.42
CA SER A 44 -35.28 12.86 -56.96
C SER A 44 -35.02 14.00 -55.95
N GLY A 45 -34.89 13.82 -54.66
CA GLY A 45 -34.84 14.85 -53.67
C GLY A 45 -36.24 15.22 -53.11
N GLU A 46 -37.35 14.77 -53.68
CA GLU A 46 -38.67 15.03 -53.19
C GLU A 46 -38.92 14.36 -51.83
N THR A 47 -39.59 15.13 -50.96
CA THR A 47 -39.93 14.69 -49.60
C THR A 47 -41.43 14.77 -49.37
N PHE A 48 -42.09 13.81 -48.72
CA PHE A 48 -43.53 13.82 -48.54
C PHE A 48 -43.84 13.31 -47.14
N GLN A 49 -44.95 13.81 -46.60
CA GLN A 49 -45.38 13.38 -45.30
C GLN A 49 -46.76 12.77 -45.32
N VAL A 50 -46.98 11.98 -44.25
CA VAL A 50 -48.29 11.52 -43.84
C VAL A 50 -48.50 12.44 -42.61
N GLU A 51 -49.42 13.39 -42.64
CA GLU A 51 -49.48 14.34 -41.50
C GLU A 51 -49.96 13.71 -40.19
N VAL A 52 -49.57 14.32 -39.08
CA VAL A 52 -50.12 14.05 -37.73
C VAL A 52 -51.63 14.22 -37.75
N PRO A 53 -52.42 13.34 -37.18
CA PRO A 53 -53.88 13.45 -37.15
C PRO A 53 -54.32 14.74 -36.45
N GLY A 54 -55.14 15.57 -37.09
CA GLY A 54 -55.48 16.85 -36.49
C GLY A 54 -56.92 17.28 -36.76
N SER A 55 -57.27 18.54 -36.43
CA SER A 55 -58.65 19.00 -36.62
C SER A 55 -58.94 19.17 -38.08
N GLN A 56 -57.98 19.15 -39.03
CA GLN A 56 -58.24 19.20 -40.44
C GLN A 56 -58.89 17.86 -40.90
N HIS A 57 -58.63 16.79 -40.16
CA HIS A 57 -59.13 15.49 -40.60
C HIS A 57 -60.53 15.24 -40.11
N ILE A 58 -61.36 14.53 -40.85
CA ILE A 58 -62.66 14.18 -40.29
C ILE A 58 -62.53 12.72 -39.76
N ASP A 59 -63.55 12.30 -39.05
CA ASP A 59 -63.75 11.00 -38.46
C ASP A 59 -63.25 9.81 -39.29
N SER A 60 -63.77 9.65 -40.49
CA SER A 60 -63.44 8.52 -41.34
C SER A 60 -62.01 8.51 -41.82
N GLN A 61 -61.22 9.57 -41.65
CA GLN A 61 -59.86 9.70 -42.07
C GLN A 61 -58.92 9.10 -41.04
N LYS A 62 -59.44 8.89 -39.82
CA LYS A 62 -58.56 8.32 -38.81
C LYS A 62 -57.97 6.96 -39.18
N LYS A 63 -58.75 5.96 -39.54
CA LYS A 63 -58.10 4.68 -39.87
C LYS A 63 -57.36 4.79 -41.19
N ALA A 64 -57.85 5.57 -42.13
CA ALA A 64 -57.19 5.73 -43.44
C ALA A 64 -55.77 6.25 -43.24
N ILE A 65 -55.54 7.25 -42.39
CA ILE A 65 -54.21 7.77 -42.13
C ILE A 65 -53.36 6.58 -41.61
N GLU A 66 -53.85 5.78 -40.62
CA GLU A 66 -53.10 4.64 -40.16
C GLU A 66 -52.83 3.65 -41.28
N ARG A 67 -53.82 3.44 -42.19
CA ARG A 67 -53.58 2.53 -43.28
C ARG A 67 -52.50 3.09 -44.21
N MET A 68 -52.56 4.44 -44.48
CA MET A 68 -51.58 4.98 -45.41
C MET A 68 -50.18 4.84 -44.75
N LYS A 69 -50.01 5.07 -43.45
CA LYS A 69 -48.64 4.84 -42.94
C LYS A 69 -48.26 3.35 -43.03
N ASP A 70 -49.18 2.41 -42.82
CA ASP A 70 -48.83 1.02 -42.99
C ASP A 70 -48.39 0.75 -44.42
N THR A 71 -49.13 1.33 -45.38
CA THR A 71 -48.83 1.05 -46.79
C THR A 71 -47.41 1.54 -47.12
N LEU A 72 -47.04 2.77 -46.81
CA LEU A 72 -45.68 3.30 -47.08
C LEU A 72 -44.58 2.43 -46.44
N ARG A 73 -44.82 1.90 -45.24
CA ARG A 73 -43.86 1.04 -44.58
C ARG A 73 -43.70 -0.23 -45.40
N ILE A 74 -44.74 -0.93 -45.82
CA ILE A 74 -44.54 -2.19 -46.57
C ILE A 74 -44.02 -1.95 -47.98
N THR A 75 -44.40 -0.81 -48.56
CA THR A 75 -43.89 -0.44 -49.90
C THR A 75 -42.38 -0.20 -49.84
N TYR A 76 -41.92 0.49 -48.78
CA TYR A 76 -40.50 0.73 -48.54
C TYR A 76 -39.84 -0.67 -48.39
N LEU A 77 -40.42 -1.50 -47.50
CA LEU A 77 -39.76 -2.75 -47.20
C LEU A 77 -39.67 -3.67 -48.40
N THR A 78 -40.61 -3.73 -49.32
CA THR A 78 -40.55 -4.64 -50.45
C THR A 78 -39.91 -3.94 -51.61
N GLU A 79 -39.50 -2.68 -51.55
CA GLU A 79 -38.84 -1.94 -52.63
C GLU A 79 -39.76 -1.87 -53.83
N THR A 80 -41.03 -1.65 -53.59
CA THR A 80 -42.08 -1.54 -54.52
C THR A 80 -42.05 -0.09 -55.09
N LYS A 81 -42.12 -0.03 -56.39
CA LYS A 81 -42.16 1.22 -57.09
C LYS A 81 -43.50 1.96 -56.89
N ILE A 82 -43.50 3.21 -56.56
CA ILE A 82 -44.72 4.02 -56.43
C ILE A 82 -44.84 4.64 -57.82
N ASP A 83 -46.04 4.77 -58.34
CA ASP A 83 -46.31 5.34 -59.63
C ASP A 83 -46.57 6.83 -59.42
N LYS A 84 -47.72 7.12 -58.81
CA LYS A 84 -48.07 8.49 -58.47
C LYS A 84 -48.44 8.67 -57.02
N LEU A 85 -48.33 9.95 -56.62
CA LEU A 85 -48.83 10.52 -55.37
C LEU A 85 -49.78 11.70 -55.70
N CYS A 86 -50.89 11.72 -55.01
CA CYS A 86 -51.80 12.86 -55.00
C CYS A 86 -51.50 13.51 -53.65
N VAL A 87 -50.97 14.70 -53.63
CA VAL A 87 -50.56 15.36 -52.39
C VAL A 87 -51.27 16.71 -52.18
N TRP A 88 -51.30 17.19 -50.96
CA TRP A 88 -51.78 18.47 -50.58
C TRP A 88 -50.49 19.34 -50.57
N ASN A 89 -50.51 20.37 -51.40
CA ASN A 89 -49.35 21.24 -51.58
C ASN A 89 -49.44 22.53 -50.77
N ASN A 90 -50.27 22.56 -49.73
CA ASN A 90 -50.34 23.72 -48.86
C ASN A 90 -49.73 23.27 -47.56
N LYS A 91 -48.81 22.30 -47.62
CA LYS A 91 -48.18 21.84 -46.39
C LYS A 91 -46.73 21.54 -46.72
N THR A 92 -45.77 21.57 -45.81
CA THR A 92 -44.42 21.19 -46.22
C THR A 92 -44.00 20.24 -45.09
N PRO A 93 -43.41 19.14 -45.44
CA PRO A 93 -43.36 18.69 -46.81
C PRO A 93 -44.78 18.44 -47.32
N ASN A 94 -44.98 18.38 -48.62
CA ASN A 94 -46.33 18.11 -49.14
C ASN A 94 -46.85 16.79 -48.47
N SER A 95 -48.17 16.67 -48.40
CA SER A 95 -48.92 15.72 -47.64
C SER A 95 -49.63 14.72 -48.51
N ILE A 96 -49.41 13.42 -48.28
CA ILE A 96 -50.03 12.39 -49.09
C ILE A 96 -51.52 12.25 -48.82
N ALA A 97 -52.24 12.29 -49.93
CA ALA A 97 -53.67 12.11 -49.93
C ALA A 97 -53.96 10.75 -50.60
N ALA A 98 -53.16 10.31 -51.51
CA ALA A 98 -53.49 9.08 -52.25
C ALA A 98 -52.22 8.51 -52.89
N ILE A 99 -52.15 7.21 -53.10
CA ILE A 99 -50.97 6.61 -53.70
C ILE A 99 -51.38 5.56 -54.71
N SER A 100 -50.63 5.40 -55.83
CA SER A 100 -50.99 4.35 -56.73
C SER A 100 -49.66 3.63 -57.02
N MET A 101 -49.75 2.42 -57.51
CA MET A 101 -48.58 1.58 -57.81
C MET A 101 -49.04 0.65 -58.91
N LYS A 102 -48.19 0.46 -59.91
CA LYS A 102 -48.47 -0.29 -61.11
C LYS A 102 -47.36 -1.36 -61.25
N ASN A 103 -47.84 -2.49 -61.70
CA ASN A 103 -46.97 -3.64 -61.84
C ASN A 103 -47.12 -4.22 -63.26
N ALA B 1 -73.61 -22.49 -44.25
CA ALA B 1 -73.18 -21.21 -44.93
C ALA B 1 -72.79 -21.54 -46.33
N PRO B 2 -72.56 -20.56 -47.20
CA PRO B 2 -72.15 -20.90 -48.57
C PRO B 2 -70.84 -21.61 -48.64
N GLN B 3 -70.63 -22.49 -49.63
CA GLN B 3 -69.36 -23.22 -49.79
C GLN B 3 -68.39 -22.63 -50.80
N THR B 4 -68.85 -21.80 -51.73
CA THR B 4 -67.96 -21.19 -52.72
C THR B 4 -68.23 -19.70 -52.81
N ILE B 5 -67.35 -18.95 -53.49
CA ILE B 5 -67.69 -17.51 -53.67
C ILE B 5 -68.94 -17.41 -54.54
N THR B 6 -69.12 -18.30 -55.53
CA THR B 6 -70.24 -18.10 -56.47
C THR B 6 -71.58 -18.24 -55.76
N GLU B 7 -71.73 -19.28 -54.93
CA GLU B 7 -72.89 -19.52 -54.12
C GLU B 7 -73.14 -18.35 -53.16
N LEU B 8 -72.03 -17.85 -52.62
CA LEU B 8 -72.23 -16.71 -51.71
C LEU B 8 -72.71 -15.52 -52.58
N CYS B 9 -72.14 -15.24 -53.71
CA CYS B 9 -72.51 -14.10 -54.55
C CYS B 9 -73.99 -14.05 -54.95
N SER B 10 -74.47 -15.26 -55.28
CA SER B 10 -75.84 -15.40 -55.73
C SER B 10 -76.82 -15.34 -54.57
N GLU B 11 -76.42 -15.13 -53.31
CA GLU B 11 -77.37 -14.78 -52.26
C GLU B 11 -77.64 -13.29 -52.30
N TYR B 12 -76.99 -12.44 -53.10
CA TYR B 12 -77.16 -11.01 -53.12
C TYR B 12 -77.74 -10.45 -54.40
N ARG B 13 -78.53 -9.40 -54.24
CA ARG B 13 -79.07 -8.70 -55.37
C ARG B 13 -77.91 -7.89 -55.97
N ASN B 14 -78.01 -7.73 -57.30
CA ASN B 14 -77.15 -6.82 -58.00
C ASN B 14 -75.70 -7.24 -57.98
N THR B 15 -75.48 -8.55 -58.04
CA THR B 15 -74.05 -8.92 -58.03
C THR B 15 -73.74 -9.68 -59.29
N GLN B 16 -72.46 -10.01 -59.44
CA GLN B 16 -72.01 -10.81 -60.56
C GLN B 16 -70.56 -11.14 -60.23
N ILE B 17 -70.20 -12.26 -60.84
CA ILE B 17 -68.90 -12.84 -60.68
C ILE B 17 -68.07 -12.36 -61.86
N TYR B 18 -66.83 -11.97 -61.58
CA TYR B 18 -65.89 -11.83 -62.70
C TYR B 18 -64.87 -12.94 -62.44
N THR B 19 -64.52 -13.74 -63.41
CA THR B 19 -63.45 -14.73 -63.30
C THR B 19 -62.17 -14.05 -63.81
N ILE B 20 -61.28 -13.66 -62.91
CA ILE B 20 -60.10 -12.89 -63.30
C ILE B 20 -58.88 -13.67 -63.70
N ASN B 21 -58.58 -14.61 -62.82
CA ASN B 21 -57.44 -15.49 -63.01
C ASN B 21 -56.22 -14.63 -63.32
N ASP B 22 -55.92 -13.63 -62.49
CA ASP B 22 -54.76 -12.80 -62.81
C ASP B 22 -54.31 -11.99 -61.60
N LYS B 23 -53.03 -11.59 -61.62
CA LYS B 23 -52.49 -10.68 -60.60
C LYS B 23 -53.06 -9.31 -60.82
N ILE B 24 -53.19 -8.52 -59.79
CA ILE B 24 -53.73 -7.16 -59.87
C ILE B 24 -52.71 -6.33 -60.66
N LEU B 25 -53.11 -5.54 -61.64
CA LEU B 25 -52.17 -4.72 -62.39
C LEU B 25 -51.83 -3.45 -61.60
N SER B 26 -52.84 -2.81 -61.03
CA SER B 26 -52.56 -1.58 -60.30
C SER B 26 -53.41 -1.46 -59.03
N TYR B 27 -52.84 -0.74 -58.11
CA TYR B 27 -53.33 -0.52 -56.76
C TYR B 27 -53.31 0.98 -56.45
N THR B 28 -54.48 1.48 -56.10
CA THR B 28 -54.61 2.91 -55.62
C THR B 28 -55.26 2.90 -54.23
N GLU B 29 -54.80 3.85 -53.41
CA GLU B 29 -55.33 3.93 -52.07
C GLU B 29 -55.45 5.39 -51.64
N SER B 30 -56.58 5.73 -51.05
CA SER B 30 -56.82 7.13 -50.73
C SER B 30 -57.28 7.31 -49.30
N MET B 31 -56.69 8.31 -48.63
CA MET B 31 -57.14 8.71 -47.32
C MET B 31 -57.78 10.10 -47.40
N ALA B 32 -58.15 10.57 -48.60
CA ALA B 32 -58.75 11.93 -48.60
C ALA B 32 -60.19 11.90 -48.07
N GLY B 33 -60.66 12.93 -47.39
CA GLY B 33 -62.00 13.10 -46.88
C GLY B 33 -63.10 12.68 -47.82
N LYS B 34 -63.93 11.71 -47.45
CA LYS B 34 -65.00 11.11 -48.18
C LYS B 34 -64.56 10.24 -49.33
N ARG B 35 -63.25 10.07 -49.55
CA ARG B 35 -62.83 9.16 -50.60
C ARG B 35 -61.86 8.16 -49.93
N GLU B 36 -62.24 7.62 -48.76
CA GLU B 36 -61.30 6.69 -48.08
C GLU B 36 -61.55 5.32 -48.70
N MET B 37 -60.81 4.99 -49.78
CA MET B 37 -61.11 3.82 -50.55
C MET B 37 -59.88 3.26 -51.23
N VAL B 38 -60.02 2.05 -51.84
CA VAL B 38 -59.00 1.42 -52.63
C VAL B 38 -59.58 1.19 -54.03
N ILE B 39 -58.71 1.28 -55.03
CA ILE B 39 -59.18 1.05 -56.42
C ILE B 39 -58.19 0.08 -57.02
N ILE B 40 -58.68 -1.02 -57.62
CA ILE B 40 -57.71 -1.91 -58.26
C ILE B 40 -58.10 -2.02 -59.74
N THR B 41 -57.11 -2.33 -60.56
CA THR B 41 -57.33 -2.55 -61.97
C THR B 41 -56.67 -3.87 -62.39
N PHE B 42 -57.08 -4.41 -63.55
CA PHE B 42 -56.54 -5.64 -64.10
C PHE B 42 -56.01 -5.42 -65.50
N LYS B 43 -55.19 -6.30 -66.05
CA LYS B 43 -54.67 -6.08 -67.41
C LYS B 43 -55.75 -5.96 -68.49
N SER B 44 -56.93 -6.47 -68.21
CA SER B 44 -58.13 -6.36 -68.98
C SER B 44 -58.77 -4.98 -69.09
N GLY B 45 -58.51 -4.04 -68.21
CA GLY B 45 -59.21 -2.78 -68.21
C GLY B 45 -60.28 -2.70 -67.13
N GLU B 46 -60.67 -3.81 -66.52
CA GLU B 46 -61.57 -3.93 -65.40
C GLU B 46 -60.96 -3.14 -64.22
N THR B 47 -61.83 -2.26 -63.70
CA THR B 47 -61.48 -1.41 -62.59
C THR B 47 -62.43 -1.78 -61.44
N PHE B 48 -61.94 -1.91 -60.21
CA PHE B 48 -62.88 -2.21 -59.12
C PHE B 48 -62.49 -1.37 -57.88
N GLN B 49 -63.48 -1.11 -57.03
CA GLN B 49 -63.30 -0.48 -55.78
C GLN B 49 -63.78 -1.33 -54.58
N VAL B 50 -63.18 -0.91 -53.43
CA VAL B 50 -63.69 -1.19 -52.11
C VAL B 50 -64.33 0.17 -51.76
N GLU B 51 -65.67 0.19 -51.67
CA GLU B 51 -66.35 1.44 -51.35
C GLU B 51 -65.94 2.03 -50.02
N VAL B 52 -66.11 3.32 -49.93
CA VAL B 52 -65.95 4.14 -48.72
C VAL B 52 -67.02 3.65 -47.77
N PRO B 53 -66.68 3.41 -46.52
CA PRO B 53 -67.66 2.88 -45.56
C PRO B 53 -68.81 3.88 -45.45
N GLY B 54 -70.04 3.35 -45.43
CA GLY B 54 -71.17 4.31 -45.37
C GLY B 54 -72.48 3.76 -44.84
N SER B 55 -73.57 4.51 -45.04
CA SER B 55 -74.93 4.16 -44.68
C SER B 55 -75.37 2.79 -45.19
N GLN B 56 -74.94 2.40 -46.40
CA GLN B 56 -75.30 1.13 -46.95
C GLN B 56 -74.67 -0.02 -46.15
N HIS B 57 -73.68 0.21 -45.27
CA HIS B 57 -72.95 -0.83 -44.62
C HIS B 57 -73.52 -1.08 -43.23
N ILE B 58 -73.49 -2.29 -42.75
CA ILE B 58 -73.98 -2.56 -41.38
C ILE B 58 -72.68 -2.70 -40.56
N ASP B 59 -72.79 -2.64 -39.25
CA ASP B 59 -71.71 -2.69 -38.30
C ASP B 59 -70.69 -3.83 -38.52
N SER B 60 -71.21 -5.02 -38.77
CA SER B 60 -70.33 -6.15 -38.99
C SER B 60 -69.52 -6.03 -40.27
N GLN B 61 -69.92 -5.21 -41.23
CA GLN B 61 -69.06 -5.03 -42.41
C GLN B 61 -67.87 -4.11 -42.14
N LYS B 62 -67.93 -3.32 -41.07
CA LYS B 62 -66.87 -2.30 -40.93
C LYS B 62 -65.51 -2.96 -40.80
N LYS B 63 -65.40 -4.01 -39.97
CA LYS B 63 -64.11 -4.71 -39.90
C LYS B 63 -63.81 -5.46 -41.19
N ALA B 64 -64.80 -5.99 -41.87
CA ALA B 64 -64.64 -6.72 -43.09
C ALA B 64 -64.15 -5.81 -44.23
N ILE B 65 -64.58 -4.59 -44.31
CA ILE B 65 -64.12 -3.62 -45.38
C ILE B 65 -62.63 -3.38 -45.15
N GLU B 66 -62.19 -3.18 -43.93
CA GLU B 66 -60.81 -2.96 -43.57
C GLU B 66 -60.04 -4.27 -43.92
N ARG B 67 -60.54 -5.46 -43.63
CA ARG B 67 -59.83 -6.68 -43.95
C ARG B 67 -59.62 -6.80 -45.46
N MET B 68 -60.63 -6.46 -46.19
CA MET B 68 -60.62 -6.52 -47.66
C MET B 68 -59.54 -5.64 -48.28
N LYS B 69 -59.50 -4.38 -47.83
CA LYS B 69 -58.35 -3.57 -48.26
C LYS B 69 -57.01 -4.13 -47.79
N ASP B 70 -56.88 -4.69 -46.59
CA ASP B 70 -55.58 -5.32 -46.23
C ASP B 70 -55.27 -6.43 -47.25
N THR B 71 -56.28 -7.16 -47.71
CA THR B 71 -56.15 -8.31 -48.58
C THR B 71 -55.69 -7.91 -49.96
N LEU B 72 -56.32 -6.86 -50.47
CA LEU B 72 -55.96 -6.32 -51.80
C LEU B 72 -54.57 -5.76 -51.84
N ARG B 73 -54.17 -5.12 -50.73
CA ARG B 73 -52.78 -4.64 -50.72
C ARG B 73 -51.74 -5.74 -50.67
N ILE B 74 -51.89 -6.70 -49.73
CA ILE B 74 -50.85 -7.76 -49.75
C ILE B 74 -50.95 -8.62 -51.02
N THR B 75 -52.14 -8.90 -51.56
CA THR B 75 -52.26 -9.54 -52.85
C THR B 75 -51.51 -8.83 -53.97
N TYR B 76 -51.76 -7.51 -54.09
CA TYR B 76 -51.04 -6.71 -55.05
C TYR B 76 -49.53 -6.88 -54.83
N LEU B 77 -49.05 -6.77 -53.59
CA LEU B 77 -47.59 -6.72 -53.39
C LEU B 77 -46.90 -8.05 -53.63
N THR B 78 -47.58 -9.14 -53.40
CA THR B 78 -47.01 -10.45 -53.63
C THR B 78 -47.29 -10.88 -55.08
N GLU B 79 -48.05 -10.21 -55.91
CA GLU B 79 -48.41 -10.67 -57.24
C GLU B 79 -49.26 -11.92 -57.19
N THR B 80 -50.02 -12.17 -56.13
CA THR B 80 -50.85 -13.34 -55.99
C THR B 80 -51.96 -13.27 -57.01
N LYS B 81 -52.20 -14.35 -57.73
CA LYS B 81 -53.29 -14.23 -58.77
C LYS B 81 -54.68 -14.34 -58.21
N ILE B 82 -55.59 -13.47 -58.53
CA ILE B 82 -56.95 -13.57 -58.05
C ILE B 82 -57.75 -14.49 -58.99
N ASP B 83 -58.65 -15.27 -58.43
CA ASP B 83 -59.46 -16.19 -59.23
C ASP B 83 -60.72 -15.46 -59.67
N LYS B 84 -61.62 -15.30 -58.70
CA LYS B 84 -62.85 -14.58 -58.90
C LYS B 84 -63.08 -13.42 -57.95
N LEU B 85 -63.84 -12.44 -58.41
CA LEU B 85 -64.32 -11.34 -57.62
C LEU B 85 -65.85 -11.40 -57.67
N CYS B 86 -66.49 -11.27 -56.51
CA CYS B 86 -67.96 -11.14 -56.49
C CYS B 86 -68.20 -9.64 -56.35
N VAL B 87 -68.75 -8.89 -57.29
CA VAL B 87 -68.91 -7.44 -57.16
C VAL B 87 -70.36 -6.91 -57.31
N TRP B 88 -70.64 -5.81 -56.65
CA TRP B 88 -71.96 -5.18 -56.86
C TRP B 88 -71.87 -4.38 -58.16
N ASN B 89 -72.75 -4.53 -59.14
CA ASN B 89 -72.68 -3.83 -60.41
C ASN B 89 -73.65 -2.67 -60.45
N ASN B 90 -74.06 -2.22 -59.23
CA ASN B 90 -74.92 -1.04 -59.22
C ASN B 90 -74.06 0.11 -58.71
N LYS B 91 -72.77 -0.03 -58.92
CA LYS B 91 -71.78 0.97 -58.47
C LYS B 91 -70.80 1.09 -59.62
N THR B 92 -70.18 2.25 -59.72
CA THR B 92 -69.14 2.36 -60.72
C THR B 92 -67.96 3.07 -60.09
N PRO B 93 -66.76 2.52 -60.21
CA PRO B 93 -66.55 1.21 -60.82
C PRO B 93 -67.19 0.12 -59.94
N ASN B 94 -67.36 -1.09 -60.42
CA ASN B 94 -68.02 -2.14 -59.62
C ASN B 94 -67.45 -2.36 -58.23
N SER B 95 -68.22 -2.73 -57.22
CA SER B 95 -67.78 -2.77 -55.84
C SER B 95 -67.59 -4.16 -55.27
N ILE B 96 -66.43 -4.42 -54.70
CA ILE B 96 -66.15 -5.81 -54.28
C ILE B 96 -66.96 -6.22 -53.07
N ALA B 97 -67.53 -7.39 -53.09
CA ALA B 97 -68.22 -7.96 -51.94
C ALA B 97 -67.39 -9.13 -51.42
N ALA B 98 -66.67 -9.78 -52.32
CA ALA B 98 -65.95 -11.00 -51.98
C ALA B 98 -64.87 -11.31 -53.00
N ILE B 99 -63.82 -12.03 -52.57
CA ILE B 99 -62.75 -12.29 -53.52
C ILE B 99 -62.24 -13.70 -53.30
N SER B 100 -61.76 -14.39 -54.35
CA SER B 100 -61.22 -15.71 -54.08
C SER B 100 -59.87 -15.86 -54.79
N MET B 101 -58.99 -16.66 -54.20
CA MET B 101 -57.69 -16.89 -54.78
C MET B 101 -57.41 -18.40 -54.73
N LYS B 102 -56.76 -18.83 -55.81
CA LYS B 102 -56.39 -20.24 -55.95
C LYS B 102 -54.99 -20.52 -56.47
N ASN B 103 -54.32 -21.51 -55.86
CA ASN B 103 -52.96 -21.85 -56.27
C ASN B 103 -53.02 -23.28 -56.84
N ALA C 1 -53.40 -25.99 -19.02
CA ALA C 1 -53.83 -25.68 -20.42
C ALA C 1 -53.41 -26.84 -21.31
N PRO C 2 -54.19 -27.09 -22.35
CA PRO C 2 -53.83 -28.10 -23.33
C PRO C 2 -52.45 -27.91 -23.91
N GLN C 3 -51.83 -28.96 -24.49
CA GLN C 3 -50.49 -28.80 -25.00
C GLN C 3 -50.40 -29.20 -26.47
N THR C 4 -51.52 -29.70 -27.03
CA THR C 4 -51.51 -30.01 -28.42
C THR C 4 -52.94 -29.64 -28.89
N ILE C 5 -53.04 -29.59 -30.19
CA ILE C 5 -54.34 -29.33 -30.78
C ILE C 5 -55.29 -30.51 -30.62
N THR C 6 -54.76 -31.75 -30.56
CA THR C 6 -55.67 -32.91 -30.42
C THR C 6 -56.43 -32.80 -29.11
N GLU C 7 -55.67 -32.46 -28.10
CA GLU C 7 -56.09 -32.24 -26.76
C GLU C 7 -57.06 -31.08 -26.61
N LEU C 8 -56.69 -29.91 -27.21
CA LEU C 8 -57.58 -28.76 -27.12
C LEU C 8 -58.88 -29.18 -27.78
N CYS C 9 -58.80 -29.81 -28.98
CA CYS C 9 -59.99 -30.23 -29.64
C CYS C 9 -60.85 -31.19 -28.84
N SER C 10 -60.32 -32.10 -28.00
CA SER C 10 -61.26 -33.05 -27.37
C SER C 10 -61.95 -32.48 -26.14
N GLU C 11 -61.66 -31.24 -25.81
CA GLU C 11 -62.39 -30.55 -24.74
C GLU C 11 -63.77 -30.11 -25.19
N TYR C 12 -64.14 -30.09 -26.44
CA TYR C 12 -65.40 -29.56 -26.92
C TYR C 12 -66.20 -30.71 -27.56
N ARG C 13 -67.50 -30.56 -27.58
CA ARG C 13 -68.44 -31.40 -28.27
C ARG C 13 -68.49 -31.11 -29.76
N ASN C 14 -68.98 -32.01 -30.62
CA ASN C 14 -69.19 -31.78 -32.03
C ASN C 14 -67.98 -31.35 -32.84
N THR C 15 -66.82 -31.85 -32.36
CA THR C 15 -65.65 -31.45 -33.12
C THR C 15 -64.93 -32.69 -33.63
N GLN C 16 -63.95 -32.29 -34.44
CA GLN C 16 -63.09 -33.37 -34.93
C GLN C 16 -61.79 -32.83 -35.50
N ILE C 17 -60.79 -33.67 -35.36
CA ILE C 17 -59.48 -33.43 -35.92
C ILE C 17 -59.38 -33.99 -37.33
N TYR C 18 -58.81 -33.17 -38.19
CA TYR C 18 -58.63 -33.50 -39.57
C TYR C 18 -57.13 -33.38 -39.77
N THR C 19 -56.48 -34.39 -40.28
CA THR C 19 -55.04 -34.29 -40.51
C THR C 19 -54.88 -33.78 -41.93
N ILE C 20 -54.44 -32.56 -42.17
CA ILE C 20 -54.38 -31.93 -43.46
C ILE C 20 -53.10 -32.27 -44.19
N ASN C 21 -51.94 -31.96 -43.65
CA ASN C 21 -50.64 -32.30 -44.21
C ASN C 21 -50.51 -31.77 -45.62
N ASP C 22 -50.92 -30.47 -45.74
CA ASP C 22 -50.99 -29.82 -47.03
C ASP C 22 -51.21 -28.32 -46.89
N LYS C 23 -50.92 -27.66 -48.00
CA LYS C 23 -51.10 -26.22 -48.10
C LYS C 23 -52.56 -26.00 -48.50
N ILE C 24 -53.08 -24.80 -48.26
CA ILE C 24 -54.40 -24.40 -48.71
C ILE C 24 -54.40 -24.27 -50.22
N LEU C 25 -55.43 -24.66 -50.91
CA LEU C 25 -55.58 -24.62 -52.34
C LEU C 25 -56.31 -23.36 -52.74
N SER C 26 -57.35 -23.00 -52.00
CA SER C 26 -58.06 -21.77 -52.35
C SER C 26 -58.41 -21.02 -51.06
N TYR C 27 -58.39 -19.71 -51.19
CA TYR C 27 -58.77 -18.77 -50.15
C TYR C 27 -59.92 -17.94 -50.65
N THR C 28 -61.02 -17.90 -49.86
CA THR C 28 -62.14 -17.07 -50.25
C THR C 28 -62.42 -16.10 -49.08
N GLU C 29 -62.58 -14.81 -49.30
CA GLU C 29 -62.91 -13.89 -48.23
C GLU C 29 -64.10 -13.01 -48.64
N SER C 30 -65.09 -12.78 -47.83
CA SER C 30 -66.25 -11.97 -48.12
C SER C 30 -66.50 -10.88 -47.09
N MET C 31 -66.91 -9.66 -47.56
CA MET C 31 -67.29 -8.56 -46.71
C MET C 31 -68.77 -8.18 -46.95
N ALA C 32 -69.48 -9.09 -47.64
CA ALA C 32 -70.93 -8.86 -47.80
C ALA C 32 -71.59 -8.92 -46.43
N GLY C 33 -72.67 -8.15 -46.24
CA GLY C 33 -73.41 -7.99 -45.00
C GLY C 33 -74.00 -9.32 -44.51
N LYS C 34 -73.71 -9.80 -43.33
CA LYS C 34 -74.13 -11.12 -42.80
C LYS C 34 -73.37 -12.27 -43.39
N ARG C 35 -72.49 -12.01 -44.34
CA ARG C 35 -71.64 -13.10 -44.86
C ARG C 35 -70.16 -12.75 -44.69
N GLU C 36 -69.79 -12.08 -43.61
CA GLU C 36 -68.42 -11.62 -43.32
C GLU C 36 -67.66 -12.85 -42.80
N MET C 37 -67.03 -13.57 -43.74
CA MET C 37 -66.39 -14.83 -43.44
C MET C 37 -65.26 -15.12 -44.43
N VAL C 38 -64.59 -16.25 -44.20
CA VAL C 38 -63.50 -16.79 -44.93
C VAL C 38 -63.81 -18.28 -45.12
N ILE C 39 -63.60 -18.73 -46.34
CA ILE C 39 -63.72 -20.13 -46.70
C ILE C 39 -62.39 -20.60 -47.26
N ILE C 40 -61.88 -21.72 -46.83
CA ILE C 40 -60.69 -22.29 -47.47
C ILE C 40 -61.03 -23.65 -48.08
N THR C 41 -60.24 -24.08 -49.06
CA THR C 41 -60.40 -25.44 -49.57
C THR C 41 -59.03 -26.10 -49.74
N PHE C 42 -59.02 -27.44 -49.89
CA PHE C 42 -57.87 -28.28 -50.11
C PHE C 42 -57.97 -29.09 -51.40
N LYS C 43 -56.81 -29.64 -51.81
CA LYS C 43 -56.74 -30.47 -53.01
C LYS C 43 -57.49 -31.79 -52.85
N SER C 44 -57.72 -32.27 -51.67
CA SER C 44 -58.48 -33.37 -51.18
C SER C 44 -59.97 -33.13 -51.43
N GLY C 45 -60.35 -31.87 -51.70
CA GLY C 45 -61.77 -31.58 -51.92
C GLY C 45 -62.46 -31.02 -50.65
N GLU C 46 -61.81 -31.01 -49.52
CA GLU C 46 -62.48 -30.50 -48.32
C GLU C 46 -62.58 -28.98 -48.32
N THR C 47 -63.66 -28.51 -47.71
CA THR C 47 -63.93 -27.06 -47.61
C THR C 47 -64.14 -26.67 -46.15
N PHE C 48 -63.55 -25.61 -45.61
CA PHE C 48 -63.77 -25.19 -44.25
C PHE C 48 -64.08 -23.69 -44.20
N GLN C 49 -64.73 -23.31 -43.10
CA GLN C 49 -65.10 -21.90 -42.95
C GLN C 49 -64.61 -21.43 -41.56
N VAL C 50 -64.41 -20.13 -41.54
CA VAL C 50 -64.30 -19.37 -40.30
C VAL C 50 -65.71 -18.73 -40.30
N GLU C 51 -66.52 -19.03 -39.29
CA GLU C 51 -67.90 -18.54 -39.28
C GLU C 51 -68.05 -17.04 -39.05
N VAL C 52 -69.10 -16.47 -39.59
CA VAL C 52 -69.43 -15.05 -39.32
C VAL C 52 -69.59 -14.96 -37.81
N PRO C 53 -69.01 -13.94 -37.18
CA PRO C 53 -69.16 -13.73 -35.76
C PRO C 53 -70.65 -13.69 -35.43
N GLY C 54 -71.07 -14.41 -34.40
CA GLY C 54 -72.50 -14.51 -34.06
C GLY C 54 -72.73 -14.73 -32.57
N SER C 55 -73.95 -15.16 -32.23
CA SER C 55 -74.53 -15.35 -30.92
C SER C 55 -73.99 -16.60 -30.25
N GLN C 56 -73.52 -17.47 -31.15
CA GLN C 56 -72.87 -18.68 -30.67
C GLN C 56 -71.48 -18.33 -30.15
N HIS C 57 -70.88 -17.17 -30.42
CA HIS C 57 -69.53 -16.92 -29.94
C HIS C 57 -69.52 -16.12 -28.63
N ILE C 58 -68.58 -16.41 -27.74
CA ILE C 58 -68.48 -15.54 -26.58
C ILE C 58 -67.68 -14.31 -26.97
N ASP C 59 -67.69 -13.28 -26.17
CA ASP C 59 -66.97 -12.05 -26.43
C ASP C 59 -65.47 -12.24 -26.66
N SER C 60 -64.82 -13.01 -25.79
CA SER C 60 -63.38 -13.29 -25.96
C SER C 60 -63.10 -14.06 -27.26
N GLN C 61 -64.09 -14.66 -27.93
CA GLN C 61 -63.80 -15.28 -29.23
C GLN C 61 -63.77 -14.28 -30.39
N LYS C 62 -64.20 -13.02 -30.16
CA LYS C 62 -64.26 -12.11 -31.32
C LYS C 62 -62.88 -11.76 -31.86
N LYS C 63 -61.94 -11.31 -31.01
CA LYS C 63 -60.60 -11.04 -31.49
C LYS C 63 -59.92 -12.30 -32.02
N ALA C 64 -60.21 -13.47 -31.38
CA ALA C 64 -59.65 -14.74 -31.86
C ALA C 64 -60.14 -15.07 -33.28
N ILE C 65 -61.37 -14.71 -33.61
CA ILE C 65 -61.98 -14.96 -34.91
C ILE C 65 -61.28 -14.13 -35.99
N GLU C 66 -60.95 -12.87 -35.71
CA GLU C 66 -60.24 -12.05 -36.69
C GLU C 66 -58.81 -12.58 -36.80
N ARG C 67 -58.15 -13.02 -35.74
CA ARG C 67 -56.79 -13.54 -35.81
C ARG C 67 -56.74 -14.77 -36.68
N MET C 68 -57.71 -15.68 -36.55
CA MET C 68 -57.79 -16.92 -37.32
C MET C 68 -57.86 -16.59 -38.80
N LYS C 69 -58.79 -15.69 -39.13
CA LYS C 69 -58.85 -15.23 -40.55
C LYS C 69 -57.52 -14.61 -40.99
N ASP C 70 -56.84 -13.87 -40.09
CA ASP C 70 -55.57 -13.32 -40.47
C ASP C 70 -54.60 -14.50 -40.79
N THR C 71 -54.60 -15.49 -39.90
CA THR C 71 -53.66 -16.61 -39.99
C THR C 71 -53.90 -17.35 -41.27
N LEU C 72 -55.17 -17.57 -41.59
CA LEU C 72 -55.42 -18.33 -42.83
C LEU C 72 -54.96 -17.58 -44.07
N ARG C 73 -55.15 -16.26 -44.15
CA ARG C 73 -54.76 -15.52 -45.34
C ARG C 73 -53.24 -15.66 -45.59
N ILE C 74 -52.47 -15.34 -44.58
CA ILE C 74 -51.02 -15.48 -44.60
C ILE C 74 -50.55 -16.92 -44.78
N THR C 75 -51.23 -17.90 -44.15
CA THR C 75 -50.82 -19.29 -44.45
C THR C 75 -51.05 -19.58 -45.95
N TYR C 76 -52.17 -19.11 -46.52
CA TYR C 76 -52.42 -19.31 -47.94
C TYR C 76 -51.33 -18.71 -48.79
N LEU C 77 -51.02 -17.41 -48.61
CA LEU C 77 -50.05 -16.66 -49.43
C LEU C 77 -48.65 -17.20 -49.36
N THR C 78 -48.24 -17.77 -48.22
CA THR C 78 -46.90 -18.30 -48.13
C THR C 78 -46.84 -19.79 -48.52
N GLU C 79 -47.99 -20.42 -48.79
CA GLU C 79 -48.02 -21.84 -49.10
C GLU C 79 -47.50 -22.64 -47.93
N THR C 80 -47.87 -22.23 -46.73
CA THR C 80 -47.38 -22.94 -45.56
C THR C 80 -48.22 -24.21 -45.42
N LYS C 81 -47.53 -25.29 -45.13
CA LYS C 81 -48.26 -26.53 -44.94
C LYS C 81 -49.00 -26.57 -43.62
N ILE C 82 -50.27 -26.91 -43.72
CA ILE C 82 -51.02 -27.02 -42.45
C ILE C 82 -50.90 -28.50 -42.02
N ASP C 83 -50.75 -28.75 -40.75
CA ASP C 83 -50.64 -30.03 -40.11
C ASP C 83 -52.07 -30.49 -39.83
N LYS C 84 -52.75 -29.97 -38.82
CA LYS C 84 -54.12 -30.35 -38.49
C LYS C 84 -55.08 -29.18 -38.35
N LEU C 85 -56.37 -29.42 -38.46
CA LEU C 85 -57.44 -28.47 -38.21
C LEU C 85 -58.36 -29.13 -37.19
N CYS C 86 -58.80 -28.39 -36.18
CA CYS C 86 -59.82 -28.90 -35.26
C CYS C 86 -61.12 -28.19 -35.66
N VAL C 87 -62.12 -28.95 -36.13
CA VAL C 87 -63.29 -28.23 -36.67
C VAL C 87 -64.59 -28.68 -36.05
N TRP C 88 -65.57 -27.78 -35.98
CA TRP C 88 -66.89 -28.12 -35.50
C TRP C 88 -67.59 -28.81 -36.67
N ASN C 89 -68.13 -30.01 -36.43
CA ASN C 89 -68.79 -30.76 -37.49
C ASN C 89 -70.29 -30.64 -37.55
N ASN C 90 -70.90 -29.75 -36.81
CA ASN C 90 -72.37 -29.52 -36.81
C ASN C 90 -72.63 -28.28 -37.68
N LYS C 91 -71.65 -27.97 -38.57
CA LYS C 91 -71.91 -26.83 -39.45
C LYS C 91 -71.48 -27.20 -40.86
N THR C 92 -72.00 -26.45 -41.84
CA THR C 92 -71.50 -26.69 -43.17
C THR C 92 -71.25 -25.39 -43.92
N PRO C 93 -70.07 -25.28 -44.48
CA PRO C 93 -68.91 -26.10 -44.27
C PRO C 93 -68.50 -26.28 -42.82
N ASN C 94 -67.78 -27.34 -42.49
CA ASN C 94 -67.34 -27.53 -41.12
C ASN C 94 -66.55 -26.28 -40.73
N SER C 95 -66.71 -25.88 -39.51
CA SER C 95 -66.18 -24.63 -38.98
C SER C 95 -64.92 -24.75 -38.14
N ILE C 96 -63.98 -23.85 -38.49
CA ILE C 96 -62.65 -23.93 -37.85
C ILE C 96 -62.72 -23.41 -36.43
N ALA C 97 -62.14 -24.21 -35.53
CA ALA C 97 -61.90 -23.98 -34.15
C ALA C 97 -60.40 -23.79 -33.94
N ALA C 98 -59.52 -24.53 -34.57
CA ALA C 98 -58.11 -24.39 -34.22
C ALA C 98 -57.24 -24.93 -35.37
N ILE C 99 -55.99 -24.48 -35.44
CA ILE C 99 -55.15 -24.86 -36.55
C ILE C 99 -53.73 -25.15 -36.08
N SER C 100 -52.94 -25.99 -36.75
CA SER C 100 -51.59 -26.27 -36.33
C SER C 100 -50.81 -26.53 -37.63
N MET C 101 -49.53 -26.15 -37.56
CA MET C 101 -48.64 -26.21 -38.68
C MET C 101 -47.32 -26.71 -38.12
N LYS C 102 -46.59 -27.55 -38.86
CA LYS C 102 -45.29 -27.87 -38.27
C LYS C 102 -44.23 -28.03 -39.36
N ASN C 103 -43.03 -27.69 -38.97
CA ASN C 103 -41.86 -27.61 -39.81
C ASN C 103 -40.92 -28.80 -39.64
N ALA D 1 -35.10 0.83 -17.11
CA ALA D 1 -35.74 -0.48 -17.56
C ALA D 1 -34.68 -1.53 -17.75
N PRO D 2 -35.03 -2.79 -17.74
CA PRO D 2 -34.14 -3.88 -18.04
C PRO D 2 -33.55 -3.65 -19.43
N GLN D 3 -32.32 -4.13 -19.61
CA GLN D 3 -31.61 -3.97 -20.84
C GLN D 3 -31.53 -5.30 -21.57
N THR D 4 -31.85 -6.41 -20.91
CA THR D 4 -31.79 -7.67 -21.62
C THR D 4 -32.98 -8.54 -21.24
N ILE D 5 -33.32 -9.65 -21.83
CA ILE D 5 -34.48 -10.42 -21.37
C ILE D 5 -34.23 -11.13 -20.03
N THR D 6 -32.96 -11.49 -19.77
CA THR D 6 -32.64 -12.19 -18.50
C THR D 6 -32.73 -11.14 -17.40
N GLU D 7 -32.32 -9.87 -17.63
CA GLU D 7 -32.59 -8.97 -16.48
C GLU D 7 -34.07 -8.74 -16.26
N LEU D 8 -34.89 -8.78 -17.33
CA LEU D 8 -36.32 -8.47 -17.17
C LEU D 8 -37.00 -9.68 -16.54
N CYS D 9 -36.53 -10.85 -16.86
CA CYS D 9 -37.17 -12.10 -16.36
C CYS D 9 -37.04 -12.27 -14.86
N SER D 10 -35.89 -11.82 -14.36
CA SER D 10 -35.53 -11.95 -12.95
C SER D 10 -36.17 -10.92 -12.05
N GLU D 11 -36.92 -9.95 -12.59
CA GLU D 11 -37.74 -9.00 -11.85
C GLU D 11 -39.04 -9.72 -11.47
N TYR D 12 -39.35 -10.88 -12.05
CA TYR D 12 -40.59 -11.58 -11.76
C TYR D 12 -40.40 -12.85 -10.98
N ARG D 13 -41.41 -13.20 -10.20
CA ARG D 13 -41.42 -14.41 -9.40
C ARG D 13 -41.97 -15.53 -10.26
N ASN D 14 -41.62 -16.76 -9.99
CA ASN D 14 -42.07 -17.88 -10.80
C ASN D 14 -41.77 -17.72 -12.28
N THR D 15 -40.55 -17.28 -12.64
CA THR D 15 -40.12 -17.21 -14.02
C THR D 15 -38.75 -17.90 -14.16
N GLN D 16 -38.40 -18.20 -15.38
CA GLN D 16 -37.12 -18.75 -15.72
C GLN D 16 -36.86 -18.62 -17.22
N ILE D 17 -35.57 -18.58 -17.54
CA ILE D 17 -35.09 -18.50 -18.89
C ILE D 17 -34.89 -19.85 -19.59
N TYR D 18 -35.40 -19.96 -20.81
CA TYR D 18 -35.16 -21.19 -21.57
C TYR D 18 -34.33 -20.62 -22.73
N THR D 19 -33.14 -21.18 -22.88
CA THR D 19 -32.27 -20.79 -23.97
C THR D 19 -32.65 -21.75 -25.08
N ILE D 20 -33.35 -21.33 -26.10
CA ILE D 20 -33.78 -22.28 -27.13
C ILE D 20 -32.84 -22.34 -28.30
N ASN D 21 -32.32 -21.20 -28.73
CA ASN D 21 -31.52 -21.13 -29.94
C ASN D 21 -32.00 -22.08 -31.02
N ASP D 22 -33.23 -21.94 -31.52
CA ASP D 22 -33.85 -22.84 -32.47
C ASP D 22 -35.11 -22.16 -33.04
N LYS D 23 -35.59 -22.65 -34.14
CA LYS D 23 -36.73 -22.12 -34.85
C LYS D 23 -37.88 -22.96 -34.28
N ILE D 24 -39.07 -22.42 -34.32
CA ILE D 24 -40.22 -23.10 -33.76
C ILE D 24 -40.54 -24.28 -34.67
N LEU D 25 -40.76 -25.42 -34.00
CA LEU D 25 -41.11 -26.66 -34.68
C LEU D 25 -42.60 -26.61 -35.01
N SER D 26 -43.51 -26.31 -34.05
CA SER D 26 -44.92 -26.36 -34.45
C SER D 26 -45.70 -25.16 -33.94
N TYR D 27 -46.70 -24.66 -34.67
CA TYR D 27 -47.42 -23.48 -34.10
C TYR D 27 -48.89 -23.87 -34.03
N THR D 28 -49.57 -23.74 -32.88
CA THR D 28 -50.95 -24.13 -32.82
C THR D 28 -51.81 -22.92 -32.45
N GLU D 29 -52.95 -22.67 -33.03
CA GLU D 29 -53.72 -21.47 -32.67
C GLU D 29 -55.20 -21.86 -32.51
N SER D 30 -55.85 -21.33 -31.47
CA SER D 30 -57.22 -21.71 -31.25
C SER D 30 -58.20 -20.54 -31.02
N MET D 31 -59.38 -20.53 -31.62
CA MET D 31 -60.41 -19.51 -31.40
C MET D 31 -61.63 -20.13 -30.67
N ALA D 32 -61.42 -21.33 -30.12
CA ALA D 32 -62.53 -21.98 -29.36
C ALA D 32 -62.71 -21.25 -28.01
N GLY D 33 -63.97 -21.08 -27.63
CA GLY D 33 -64.29 -20.33 -26.41
C GLY D 33 -63.51 -20.82 -25.20
N LYS D 34 -62.88 -19.90 -24.50
CA LYS D 34 -62.05 -20.16 -23.32
C LYS D 34 -60.69 -20.75 -23.58
N ARG D 35 -60.26 -21.06 -24.78
CA ARG D 35 -59.00 -21.58 -25.19
C ARG D 35 -58.44 -20.72 -26.37
N GLU D 36 -58.60 -19.40 -26.22
CA GLU D 36 -58.18 -18.40 -27.19
C GLU D 36 -56.72 -18.16 -26.82
N MET D 37 -55.84 -19.01 -27.36
CA MET D 37 -54.44 -19.12 -26.99
C MET D 37 -53.62 -19.62 -28.18
N VAL D 38 -52.30 -19.63 -28.01
CA VAL D 38 -51.34 -20.10 -28.99
C VAL D 38 -50.35 -21.03 -28.29
N ILE D 39 -49.99 -22.08 -28.95
CA ILE D 39 -49.07 -23.07 -28.40
C ILE D 39 -47.96 -23.28 -29.40
N ILE D 40 -46.74 -23.19 -28.85
CA ILE D 40 -45.62 -23.55 -29.69
C ILE D 40 -44.84 -24.72 -29.10
N THR D 41 -44.22 -25.51 -29.97
CA THR D 41 -43.26 -26.53 -29.55
C THR D 41 -41.97 -26.36 -30.40
N PHE D 42 -40.91 -26.94 -29.87
CA PHE D 42 -39.55 -27.03 -30.25
C PHE D 42 -39.09 -28.48 -30.49
N LYS D 43 -38.13 -28.63 -31.36
CA LYS D 43 -37.55 -29.92 -31.76
C LYS D 43 -37.09 -30.60 -30.48
N SER D 44 -36.52 -29.89 -29.52
CA SER D 44 -36.15 -30.48 -28.23
C SER D 44 -37.27 -31.11 -27.40
N GLY D 45 -38.54 -30.99 -27.70
CA GLY D 45 -39.59 -31.51 -26.84
C GLY D 45 -40.25 -30.43 -26.03
N GLU D 46 -39.59 -29.31 -25.80
CA GLU D 46 -40.18 -28.18 -25.07
C GLU D 46 -41.47 -27.68 -25.72
N THR D 47 -42.41 -27.27 -24.89
CA THR D 47 -43.73 -26.80 -25.20
C THR D 47 -44.12 -25.58 -24.40
N PHE D 48 -44.58 -24.53 -25.04
CA PHE D 48 -44.91 -23.27 -24.39
C PHE D 48 -46.25 -22.71 -24.92
N GLN D 49 -46.96 -21.97 -24.09
CA GLN D 49 -48.19 -21.29 -24.45
C GLN D 49 -48.13 -19.77 -24.23
N VAL D 50 -49.13 -19.11 -24.84
CA VAL D 50 -49.52 -17.76 -24.59
C VAL D 50 -50.85 -17.95 -23.86
N GLU D 51 -51.02 -17.65 -22.57
CA GLU D 51 -52.30 -17.96 -21.91
C GLU D 51 -53.43 -17.17 -22.53
N VAL D 52 -54.63 -17.62 -22.26
CA VAL D 52 -55.87 -16.94 -22.56
C VAL D 52 -55.93 -15.74 -21.62
N PRO D 53 -56.23 -14.56 -22.14
CA PRO D 53 -56.33 -13.39 -21.29
C PRO D 53 -57.26 -13.77 -20.14
N GLY D 54 -56.98 -13.34 -18.94
CA GLY D 54 -57.87 -13.54 -17.79
C GLY D 54 -57.60 -12.49 -16.73
N SER D 55 -58.21 -12.67 -15.56
CA SER D 55 -58.05 -11.75 -14.43
C SER D 55 -56.63 -11.69 -13.90
N GLN D 56 -55.73 -12.64 -14.15
CA GLN D 56 -54.33 -12.46 -13.77
C GLN D 56 -53.61 -11.42 -14.64
N HIS D 57 -54.20 -10.84 -15.69
CA HIS D 57 -53.57 -9.93 -16.61
C HIS D 57 -54.06 -8.49 -16.49
N ILE D 58 -53.21 -7.47 -16.41
CA ILE D 58 -53.71 -6.08 -16.34
C ILE D 58 -53.94 -5.54 -17.74
N ASP D 59 -54.74 -4.48 -17.96
CA ASP D 59 -55.09 -4.05 -19.31
C ASP D 59 -53.94 -3.79 -20.27
N SER D 60 -52.80 -3.30 -19.70
CA SER D 60 -51.66 -2.99 -20.55
C SER D 60 -51.12 -4.32 -21.10
N GLN D 61 -51.32 -5.39 -20.35
CA GLN D 61 -50.99 -6.72 -20.79
C GLN D 61 -51.94 -7.28 -21.86
N LYS D 62 -53.17 -6.82 -21.90
CA LYS D 62 -54.08 -7.32 -22.96
C LYS D 62 -53.59 -7.04 -24.38
N LYS D 63 -53.14 -5.86 -24.71
CA LYS D 63 -52.56 -5.60 -26.05
C LYS D 63 -51.26 -6.36 -26.28
N ALA D 64 -50.40 -6.52 -25.28
CA ALA D 64 -49.11 -7.15 -25.34
C ALA D 64 -49.34 -8.63 -25.67
N ILE D 65 -50.40 -9.23 -25.14
CA ILE D 65 -50.72 -10.62 -25.41
C ILE D 65 -51.06 -10.77 -26.89
N GLU D 66 -51.78 -9.82 -27.52
CA GLU D 66 -52.11 -10.00 -28.92
C GLU D 66 -50.87 -9.83 -29.76
N ARG D 67 -49.99 -8.90 -29.34
CA ARG D 67 -48.70 -8.67 -29.93
C ARG D 67 -47.80 -9.91 -29.88
N MET D 68 -47.83 -10.65 -28.78
CA MET D 68 -46.98 -11.82 -28.60
C MET D 68 -47.45 -12.98 -29.48
N LYS D 69 -48.75 -13.13 -29.65
CA LYS D 69 -49.21 -14.13 -30.59
C LYS D 69 -48.82 -13.77 -32.02
N ASP D 70 -48.91 -12.51 -32.39
CA ASP D 70 -48.55 -11.99 -33.69
C ASP D 70 -47.05 -12.35 -33.88
N THR D 71 -46.26 -12.04 -32.86
CA THR D 71 -44.83 -12.37 -33.05
C THR D 71 -44.51 -13.85 -33.25
N LEU D 72 -45.21 -14.72 -32.55
CA LEU D 72 -44.96 -16.17 -32.70
C LEU D 72 -45.40 -16.72 -34.03
N ARG D 73 -46.53 -16.24 -34.55
CA ARG D 73 -46.91 -16.71 -35.88
C ARG D 73 -45.89 -16.23 -36.90
N ILE D 74 -45.47 -14.94 -36.95
CA ILE D 74 -44.54 -14.58 -38.04
C ILE D 74 -43.16 -15.21 -37.81
N THR D 75 -42.77 -15.40 -36.52
CA THR D 75 -41.47 -16.02 -36.23
C THR D 75 -41.46 -17.49 -36.75
N TYR D 76 -42.62 -18.12 -36.57
CA TYR D 76 -42.81 -19.50 -36.98
C TYR D 76 -42.72 -19.47 -38.49
N LEU D 77 -43.52 -18.55 -39.09
CA LEU D 77 -43.54 -18.62 -40.55
C LEU D 77 -42.24 -18.39 -41.26
N THR D 78 -41.37 -17.54 -40.69
CA THR D 78 -40.13 -17.22 -41.35
C THR D 78 -39.04 -18.13 -40.78
N GLU D 79 -39.37 -19.10 -39.92
CA GLU D 79 -38.30 -19.98 -39.43
C GLU D 79 -37.22 -19.17 -38.70
N THR D 80 -37.66 -18.21 -37.88
CA THR D 80 -36.62 -17.35 -37.27
C THR D 80 -36.18 -18.07 -36.02
N LYS D 81 -34.92 -17.82 -35.68
CA LYS D 81 -34.36 -18.47 -34.49
C LYS D 81 -34.71 -17.62 -33.27
N ILE D 82 -35.28 -18.33 -32.32
CA ILE D 82 -35.58 -17.81 -31.03
C ILE D 82 -34.32 -18.02 -30.19
N ASP D 83 -33.85 -16.93 -29.62
CA ASP D 83 -32.71 -17.01 -28.73
C ASP D 83 -33.20 -17.51 -27.37
N LYS D 84 -33.87 -16.75 -26.53
CA LYS D 84 -34.39 -17.14 -25.26
C LYS D 84 -35.89 -16.88 -25.05
N LEU D 85 -36.48 -17.53 -24.08
CA LEU D 85 -37.84 -17.40 -23.61
C LEU D 85 -37.84 -17.11 -22.10
N CYS D 86 -38.67 -16.16 -21.65
CA CYS D 86 -38.82 -15.94 -20.22
C CYS D 86 -40.21 -16.50 -19.96
N VAL D 87 -40.33 -17.54 -19.14
CA VAL D 87 -41.65 -18.15 -18.99
C VAL D 87 -42.00 -18.20 -17.50
N TRP D 88 -43.30 -18.26 -17.22
CA TRP D 88 -43.84 -18.47 -15.90
C TRP D 88 -43.97 -20.00 -15.73
N ASN D 89 -43.33 -20.48 -14.63
CA ASN D 89 -43.25 -21.92 -14.47
C ASN D 89 -44.29 -22.46 -13.49
N ASN D 90 -45.27 -21.62 -13.16
CA ASN D 90 -46.41 -22.11 -12.36
C ASN D 90 -47.53 -22.44 -13.32
N LYS D 91 -47.24 -22.78 -14.56
CA LYS D 91 -48.37 -23.07 -15.49
C LYS D 91 -47.89 -24.23 -16.34
N THR D 92 -48.79 -24.98 -16.94
CA THR D 92 -48.47 -26.03 -17.90
C THR D 92 -49.38 -25.94 -19.10
N PRO D 93 -48.85 -25.76 -20.32
CA PRO D 93 -47.42 -25.65 -20.54
C PRO D 93 -46.88 -24.42 -19.91
N ASN D 94 -45.58 -24.25 -19.75
CA ASN D 94 -45.06 -22.98 -19.19
C ASN D 94 -45.50 -21.83 -20.10
N SER D 95 -45.73 -20.67 -19.55
CA SER D 95 -46.33 -19.51 -20.19
C SER D 95 -45.36 -18.42 -20.56
N ILE D 96 -45.46 -17.95 -21.82
CA ILE D 96 -44.48 -16.96 -22.25
C ILE D 96 -44.66 -15.61 -21.62
N ALA D 97 -43.59 -15.08 -21.02
CA ALA D 97 -43.57 -13.72 -20.46
C ALA D 97 -42.84 -12.83 -21.45
N ALA D 98 -41.73 -13.29 -22.04
CA ALA D 98 -40.89 -12.45 -22.89
C ALA D 98 -40.14 -13.36 -23.85
N ILE D 99 -39.77 -12.81 -24.97
CA ILE D 99 -39.06 -13.57 -26.00
C ILE D 99 -37.90 -12.74 -26.50
N SER D 100 -36.83 -13.42 -26.96
CA SER D 100 -35.75 -12.67 -27.59
C SER D 100 -35.20 -13.48 -28.75
N MET D 101 -34.75 -12.74 -29.73
CA MET D 101 -34.24 -13.35 -31.00
C MET D 101 -32.96 -12.65 -31.43
N LYS D 102 -31.96 -13.31 -32.02
CA LYS D 102 -30.72 -12.69 -32.47
C LYS D 102 -30.17 -13.32 -33.75
N ASN D 103 -29.77 -12.53 -34.74
CA ASN D 103 -29.39 -12.78 -36.10
C ASN D 103 -30.16 -13.88 -36.88
N ALA E 1 -44.14 20.91 -41.35
CA ALA E 1 -43.58 19.86 -40.42
C ALA E 1 -42.13 19.54 -40.67
N PRO E 2 -41.37 18.95 -39.74
CA PRO E 2 -39.98 18.59 -40.03
C PRO E 2 -39.84 17.87 -41.37
N GLN E 3 -38.62 17.90 -41.90
CA GLN E 3 -38.44 17.23 -43.21
C GLN E 3 -37.47 16.10 -43.11
N THR E 4 -36.77 15.97 -42.00
CA THR E 4 -35.85 14.85 -41.85
C THR E 4 -35.94 14.32 -40.42
N ILE E 5 -35.33 13.17 -40.15
CA ILE E 5 -35.28 12.74 -38.75
C ILE E 5 -34.42 13.68 -37.89
N THR E 6 -33.37 14.33 -38.39
CA THR E 6 -32.57 15.21 -37.54
C THR E 6 -33.28 16.49 -37.14
N GLU E 7 -33.97 17.18 -38.03
CA GLU E 7 -34.75 18.35 -37.72
C GLU E 7 -35.82 17.96 -36.68
N LEU E 8 -36.46 16.78 -36.85
CA LEU E 8 -37.52 16.41 -35.93
C LEU E 8 -36.90 16.18 -34.57
N CYS E 9 -35.79 15.42 -34.57
CA CYS E 9 -35.13 15.15 -33.29
C CYS E 9 -34.70 16.38 -32.49
N SER E 10 -34.23 17.44 -33.15
CA SER E 10 -33.85 18.71 -32.54
C SER E 10 -34.96 19.48 -31.85
N GLU E 11 -36.24 19.09 -32.09
CA GLU E 11 -37.34 19.83 -31.49
C GLU E 11 -37.57 19.46 -30.05
N TYR E 12 -37.00 18.39 -29.55
CA TYR E 12 -37.29 17.86 -28.24
C TYR E 12 -36.11 18.11 -27.34
N ARG E 13 -36.34 18.05 -26.07
CA ARG E 13 -35.28 18.14 -25.08
C ARG E 13 -34.75 16.74 -24.85
N ASN E 14 -33.48 16.62 -24.42
CA ASN E 14 -32.95 15.32 -24.02
C ASN E 14 -32.87 14.29 -25.12
N THR E 15 -32.63 14.73 -26.35
CA THR E 15 -32.54 13.73 -27.40
C THR E 15 -31.17 13.87 -28.07
N GLN E 16 -31.02 12.80 -28.85
CA GLN E 16 -29.80 12.63 -29.64
C GLN E 16 -30.01 11.61 -30.76
N ILE E 17 -29.30 11.90 -31.83
CA ILE E 17 -29.32 11.13 -33.03
C ILE E 17 -28.17 10.13 -33.04
N TYR E 18 -28.51 8.86 -33.13
CA TYR E 18 -27.53 7.83 -33.37
C TYR E 18 -27.58 7.40 -34.86
N THR E 19 -26.43 7.38 -35.49
CA THR E 19 -26.36 6.98 -36.89
C THR E 19 -25.82 5.57 -36.87
N ILE E 20 -26.76 4.63 -36.82
CA ILE E 20 -26.26 3.24 -36.74
C ILE E 20 -25.88 2.63 -38.07
N ASN E 21 -26.69 2.88 -39.09
CA ASN E 21 -26.60 2.28 -40.42
C ASN E 21 -26.28 0.79 -40.40
N ASP E 22 -27.13 -0.01 -39.76
CA ASP E 22 -26.94 -1.44 -39.68
C ASP E 22 -28.24 -2.12 -39.30
N LYS E 23 -28.27 -3.44 -39.51
CA LYS E 23 -29.49 -4.16 -39.14
C LYS E 23 -29.59 -4.21 -37.63
N ILE E 24 -30.67 -4.74 -37.08
CA ILE E 24 -30.81 -4.85 -35.61
C ILE E 24 -30.20 -6.23 -35.34
N LEU E 25 -29.40 -6.35 -34.35
CA LEU E 25 -28.73 -7.52 -33.89
C LEU E 25 -29.72 -8.39 -33.14
N SER E 26 -30.44 -7.90 -32.16
CA SER E 26 -31.36 -8.64 -31.33
C SER E 26 -32.58 -7.73 -31.02
N TYR E 27 -33.66 -8.45 -30.93
CA TYR E 27 -35.01 -8.02 -30.70
C TYR E 27 -35.56 -8.75 -29.49
N THR E 28 -35.99 -8.03 -28.49
CA THR E 28 -36.61 -8.63 -27.29
C THR E 28 -37.97 -7.98 -27.07
N GLU E 29 -38.97 -8.80 -26.77
CA GLU E 29 -40.34 -8.33 -26.62
C GLU E 29 -40.93 -8.90 -25.36
N SER E 30 -41.52 -8.03 -24.52
CA SER E 30 -42.10 -8.53 -23.26
C SER E 30 -43.55 -8.19 -23.11
N MET E 31 -44.35 -9.10 -22.55
CA MET E 31 -45.76 -8.84 -22.25
C MET E 31 -45.96 -9.02 -20.72
N ALA E 32 -44.90 -9.11 -19.98
CA ALA E 32 -44.95 -9.20 -18.50
C ALA E 32 -45.54 -7.93 -17.92
N GLY E 33 -46.38 -7.96 -16.88
CA GLY E 33 -47.04 -6.75 -16.36
C GLY E 33 -46.11 -5.66 -15.90
N LYS E 34 -46.29 -4.48 -16.43
CA LYS E 34 -45.60 -3.25 -16.25
C LYS E 34 -44.30 -3.20 -17.03
N ARG E 35 -43.98 -4.20 -17.83
CA ARG E 35 -42.79 -4.23 -18.65
C ARG E 35 -43.20 -4.66 -20.11
N GLU E 36 -44.27 -4.06 -20.62
CA GLU E 36 -44.80 -4.30 -21.96
C GLU E 36 -44.06 -3.38 -22.89
N MET E 37 -42.91 -3.87 -23.31
CA MET E 37 -41.89 -3.13 -24.00
C MET E 37 -41.09 -3.88 -25.06
N VAL E 38 -40.40 -3.10 -25.89
CA VAL E 38 -39.48 -3.73 -26.85
C VAL E 38 -38.10 -3.15 -26.59
N ILE E 39 -37.12 -4.05 -26.62
CA ILE E 39 -35.71 -3.74 -26.58
C ILE E 39 -34.93 -4.27 -27.79
N ILE E 40 -34.15 -3.45 -28.44
CA ILE E 40 -33.28 -3.82 -29.55
C ILE E 40 -31.82 -3.48 -29.22
N THR E 41 -30.90 -4.25 -29.78
CA THR E 41 -29.47 -3.99 -29.60
C THR E 41 -28.84 -4.07 -30.99
N PHE E 42 -27.74 -3.40 -31.25
CA PHE E 42 -26.95 -3.38 -32.44
C PHE E 42 -25.51 -3.86 -32.19
N LYS E 43 -24.87 -4.34 -33.25
CA LYS E 43 -23.52 -4.85 -33.22
C LYS E 43 -22.50 -3.91 -32.63
N SER E 44 -22.55 -2.62 -32.96
CA SER E 44 -21.72 -1.58 -32.47
C SER E 44 -21.87 -1.26 -30.98
N GLY E 45 -22.60 -2.02 -30.20
CA GLY E 45 -22.79 -1.78 -28.79
C GLY E 45 -24.03 -1.19 -28.19
N GLU E 46 -24.87 -0.41 -28.85
CA GLU E 46 -26.00 0.27 -28.20
C GLU E 46 -27.20 -0.60 -27.91
N THR E 47 -28.04 -0.30 -27.00
CA THR E 47 -29.24 -0.97 -26.55
C THR E 47 -30.30 0.12 -26.44
N PHE E 48 -31.41 -0.04 -27.16
CA PHE E 48 -32.47 0.97 -27.10
C PHE E 48 -33.80 0.30 -26.69
N GLN E 49 -34.66 1.15 -26.14
CA GLN E 49 -35.99 0.66 -25.84
C GLN E 49 -37.13 1.46 -26.49
N VAL E 50 -38.26 0.79 -26.55
CA VAL E 50 -39.57 1.38 -26.79
C VAL E 50 -40.25 1.29 -25.39
N GLU E 51 -40.36 2.46 -24.77
CA GLU E 51 -40.90 2.52 -23.40
C GLU E 51 -42.27 1.91 -23.17
N VAL E 52 -42.54 1.41 -21.96
CA VAL E 52 -43.87 0.90 -21.58
C VAL E 52 -44.82 2.07 -21.61
N PRO E 53 -45.97 2.06 -22.27
CA PRO E 53 -46.84 3.23 -22.39
C PRO E 53 -47.16 3.89 -21.04
N GLY E 54 -47.10 5.20 -20.88
CA GLY E 54 -47.36 5.74 -19.55
C GLY E 54 -47.87 7.15 -19.62
N SER E 55 -47.94 7.85 -18.49
CA SER E 55 -48.57 9.17 -18.45
C SER E 55 -47.65 10.19 -19.08
N GLN E 56 -46.39 9.80 -19.41
CA GLN E 56 -45.49 10.75 -20.04
C GLN E 56 -45.88 10.91 -21.55
N HIS E 57 -46.61 9.94 -22.06
CA HIS E 57 -47.12 9.95 -23.41
C HIS E 57 -48.52 10.60 -23.43
N ILE E 58 -48.67 11.37 -24.49
CA ILE E 58 -50.00 11.96 -24.74
C ILE E 58 -50.81 10.93 -25.51
N ASP E 59 -52.14 11.12 -25.62
CA ASP E 59 -53.03 10.24 -26.32
C ASP E 59 -52.69 9.91 -27.78
N SER E 60 -52.30 10.78 -28.63
CA SER E 60 -51.91 10.45 -30.01
C SER E 60 -50.59 9.66 -30.01
N GLN E 61 -49.85 9.59 -28.87
CA GLN E 61 -48.69 8.74 -28.82
C GLN E 61 -49.12 7.30 -28.54
N LYS E 62 -50.28 6.95 -27.99
CA LYS E 62 -50.56 5.52 -27.82
C LYS E 62 -50.50 4.76 -29.15
N LYS E 63 -51.19 5.13 -30.20
CA LYS E 63 -51.04 4.31 -31.41
C LYS E 63 -49.65 4.33 -32.03
N ALA E 64 -48.90 5.42 -31.98
CA ALA E 64 -47.57 5.62 -32.49
C ALA E 64 -46.58 4.63 -31.89
N ILE E 65 -46.66 4.46 -30.60
CA ILE E 65 -45.85 3.48 -29.86
C ILE E 65 -46.10 2.06 -30.38
N GLU E 66 -47.40 1.65 -30.46
CA GLU E 66 -47.68 0.37 -31.02
C GLU E 66 -47.12 0.25 -32.42
N ARG E 67 -47.19 1.26 -33.31
CA ARG E 67 -46.68 1.23 -34.63
C ARG E 67 -45.16 0.98 -34.64
N MET E 68 -44.51 1.67 -33.72
CA MET E 68 -43.07 1.64 -33.61
C MET E 68 -42.68 0.19 -33.27
N LYS E 69 -43.36 -0.38 -32.28
CA LYS E 69 -42.98 -1.79 -32.05
C LYS E 69 -43.19 -2.68 -33.26
N ASP E 70 -44.30 -2.49 -34.00
CA ASP E 70 -44.57 -3.17 -35.25
C ASP E 70 -43.40 -3.04 -36.20
N THR E 71 -42.94 -1.80 -36.41
CA THR E 71 -41.83 -1.52 -37.29
C THR E 71 -40.51 -2.20 -36.89
N LEU E 72 -40.12 -2.13 -35.61
CA LEU E 72 -38.89 -2.78 -35.14
C LEU E 72 -38.91 -4.31 -35.33
N ARG E 73 -40.05 -4.96 -35.18
CA ARG E 73 -40.21 -6.41 -35.35
C ARG E 73 -39.95 -6.81 -36.82
N ILE E 74 -40.67 -6.18 -37.74
CA ILE E 74 -40.49 -6.44 -39.16
C ILE E 74 -39.13 -6.07 -39.69
N THR E 75 -38.59 -5.00 -39.13
CA THR E 75 -37.24 -4.51 -39.54
C THR E 75 -36.23 -5.58 -39.13
N TYR E 76 -36.40 -6.10 -37.91
CA TYR E 76 -35.53 -7.14 -37.41
C TYR E 76 -35.64 -8.38 -38.32
N LEU E 77 -36.80 -8.91 -38.52
CA LEU E 77 -37.03 -10.12 -39.27
C LEU E 77 -36.52 -10.07 -40.69
N THR E 78 -36.45 -8.94 -41.34
CA THR E 78 -36.02 -8.70 -42.67
C THR E 78 -34.57 -8.19 -42.70
N GLU E 79 -33.93 -7.89 -41.57
CA GLU E 79 -32.57 -7.41 -41.59
C GLU E 79 -32.50 -6.06 -42.26
N THR E 80 -33.60 -5.28 -42.23
CA THR E 80 -33.54 -3.97 -42.83
C THR E 80 -32.54 -3.14 -42.01
N LYS E 81 -31.76 -2.39 -42.77
CA LYS E 81 -30.79 -1.52 -42.13
C LYS E 81 -31.52 -0.29 -41.57
N ILE E 82 -31.16 0.07 -40.36
CA ILE E 82 -31.69 1.32 -39.74
C ILE E 82 -30.63 2.38 -39.98
N ASP E 83 -31.00 3.55 -40.46
CA ASP E 83 -29.99 4.57 -40.73
C ASP E 83 -29.80 5.35 -39.41
N LYS E 84 -30.77 6.18 -39.05
CA LYS E 84 -30.69 6.91 -37.79
C LYS E 84 -31.77 6.54 -36.81
N LEU E 85 -31.51 6.85 -35.51
CA LEU E 85 -32.49 6.70 -34.45
C LEU E 85 -32.42 8.00 -33.64
N CYS E 86 -33.55 8.67 -33.45
CA CYS E 86 -33.62 9.88 -32.61
C CYS E 86 -34.02 9.31 -31.26
N VAL E 87 -33.16 9.30 -30.23
CA VAL E 87 -33.55 8.67 -28.98
C VAL E 87 -33.59 9.69 -27.81
N TRP E 88 -34.29 9.45 -26.72
CA TRP E 88 -34.28 10.28 -25.52
C TRP E 88 -33.18 9.69 -24.61
N ASN E 89 -32.23 10.50 -24.15
CA ASN E 89 -31.08 10.01 -23.37
C ASN E 89 -31.26 10.30 -21.88
N ASN E 90 -32.51 10.57 -21.47
CA ASN E 90 -32.87 10.74 -20.06
C ASN E 90 -33.57 9.49 -19.55
N LYS E 91 -33.33 8.35 -20.24
CA LYS E 91 -33.85 7.05 -19.87
C LYS E 91 -32.71 6.04 -20.13
N THR E 92 -32.78 4.87 -19.52
CA THR E 92 -31.82 3.82 -19.67
C THR E 92 -32.58 2.50 -19.68
N PRO E 93 -32.49 1.79 -20.77
CA PRO E 93 -31.70 2.18 -21.93
C PRO E 93 -32.36 3.31 -22.70
N ASN E 94 -31.61 3.99 -23.56
CA ASN E 94 -32.19 5.15 -24.22
C ASN E 94 -33.46 4.76 -25.00
N SER E 95 -34.35 5.72 -25.06
CA SER E 95 -35.70 5.43 -25.59
C SER E 95 -36.01 5.98 -26.97
N ILE E 96 -36.56 5.14 -27.82
CA ILE E 96 -36.83 5.59 -29.21
C ILE E 96 -37.92 6.62 -29.38
N ALA E 97 -37.57 7.68 -30.15
CA ALA E 97 -38.56 8.69 -30.46
C ALA E 97 -38.86 8.60 -31.93
N ALA E 98 -37.83 8.25 -32.71
CA ALA E 98 -37.99 8.18 -34.16
C ALA E 98 -36.94 7.27 -34.77
N ILE E 99 -37.23 6.71 -35.92
CA ILE E 99 -36.21 5.91 -36.63
C ILE E 99 -36.32 6.35 -38.08
N SER E 100 -35.29 5.99 -38.85
CA SER E 100 -35.23 6.22 -40.27
C SER E 100 -34.50 5.05 -40.91
N MET E 101 -34.88 4.76 -42.13
CA MET E 101 -34.18 3.65 -42.81
C MET E 101 -33.92 4.12 -44.25
N LYS E 102 -32.80 3.80 -44.82
CA LYS E 102 -32.45 4.21 -46.15
C LYS E 102 -31.61 3.24 -46.94
N ASN E 103 -32.11 3.22 -48.15
CA ASN E 103 -31.82 2.55 -49.38
C ASN E 103 -30.45 2.84 -49.98
N ALA F 1 38.75 10.93 77.59
CA ALA F 1 39.19 11.52 76.30
C ALA F 1 40.31 10.72 75.66
N PRO F 2 40.17 10.48 74.37
CA PRO F 2 41.13 9.72 73.61
C PRO F 2 42.50 10.31 73.86
N GLN F 3 43.48 9.44 73.75
CA GLN F 3 44.85 9.85 73.97
C GLN F 3 45.65 9.76 72.68
N THR F 4 45.13 9.07 71.67
CA THR F 4 45.81 8.97 70.39
C THR F 4 44.75 9.04 69.27
N ILE F 5 45.24 9.28 68.05
CA ILE F 5 44.31 9.41 66.92
C ILE F 5 43.64 8.10 66.56
N THR F 6 44.38 7.01 66.75
CA THR F 6 43.82 5.68 66.53
C THR F 6 42.60 5.49 67.43
N GLU F 7 42.86 5.61 68.72
CA GLU F 7 41.80 5.47 69.72
C GLU F 7 40.59 6.30 69.32
N LEU F 8 40.82 7.60 69.11
CA LEU F 8 39.75 8.49 68.66
C LEU F 8 39.06 7.93 67.44
N CYS F 9 39.85 7.68 66.39
CA CYS F 9 39.29 7.17 65.14
C CYS F 9 38.33 6.01 65.39
N SER F 10 38.84 4.95 66.05
CA SER F 10 38.00 3.79 66.30
C SER F 10 36.88 3.98 67.30
N GLU F 11 36.31 5.14 67.52
CA GLU F 11 35.17 5.42 68.35
C GLU F 11 34.02 5.79 67.41
N TYR F 12 34.26 5.71 66.10
CA TYR F 12 33.29 6.12 65.10
C TYR F 12 33.10 5.08 64.02
N ARG F 13 31.93 5.10 63.40
CA ARG F 13 31.59 4.22 62.29
C ARG F 13 32.20 4.71 60.98
N ASN F 14 32.26 3.84 59.99
CA ASN F 14 32.75 4.14 58.66
C ASN F 14 34.08 4.88 58.64
N THR F 15 35.04 4.50 59.50
CA THR F 15 36.31 5.20 59.52
C THR F 15 37.48 4.24 59.28
N GLN F 16 38.64 4.87 59.27
CA GLN F 16 39.91 4.20 59.04
C GLN F 16 41.05 5.19 59.23
N ILE F 17 42.22 4.70 59.52
CA ILE F 17 43.43 5.47 59.75
C ILE F 17 44.41 5.27 58.60
N TYR F 18 44.87 6.33 57.95
CA TYR F 18 45.86 6.14 56.89
C TYR F 18 47.16 6.63 57.54
N THR F 19 48.24 5.90 57.30
CA THR F 19 49.52 6.32 57.85
C THR F 19 50.24 7.04 56.71
N ILE F 20 50.13 8.36 56.71
CA ILE F 20 50.68 9.16 55.64
C ILE F 20 52.21 9.26 55.68
N ASN F 21 52.65 9.72 56.85
CA ASN F 21 54.07 9.93 57.06
C ASN F 21 54.68 10.76 55.95
N ASP F 22 54.03 11.92 55.72
CA ASP F 22 54.58 12.76 54.62
C ASP F 22 53.89 14.12 54.51
N LYS F 23 54.60 15.07 53.96
CA LYS F 23 54.14 16.41 53.70
C LYS F 23 53.05 16.43 52.63
N ILE F 24 52.12 17.40 52.65
CA ILE F 24 51.08 17.50 51.63
C ILE F 24 51.71 17.80 50.28
N LEU F 25 51.15 17.21 49.23
CA LEU F 25 51.76 17.45 47.91
C LEU F 25 50.98 18.65 47.34
N SER F 26 49.65 18.57 47.44
CA SER F 26 48.82 19.64 46.90
C SER F 26 47.67 20.01 47.84
N TYR F 27 47.45 21.31 47.86
CA TYR F 27 46.41 21.98 48.63
C TYR F 27 45.50 22.76 47.66
N THR F 28 44.22 22.41 47.73
CA THR F 28 43.17 23.02 46.92
C THR F 28 42.11 23.59 47.88
N GLU F 29 41.70 24.82 47.58
CA GLU F 29 40.74 25.52 48.37
C GLU F 29 39.71 26.26 47.48
N SER F 30 38.44 26.08 47.87
CA SER F 30 37.32 26.62 47.16
C SER F 30 36.38 27.50 47.97
N MET F 31 35.92 28.58 47.34
CA MET F 31 34.92 29.43 47.97
C MET F 31 33.68 29.47 47.04
N ALA F 32 33.60 28.54 46.09
CA ALA F 32 32.48 28.36 45.22
C ALA F 32 31.26 27.87 46.02
N GLY F 33 30.11 28.46 45.73
CA GLY F 33 28.87 28.24 46.46
C GLY F 33 28.53 26.78 46.52
N LYS F 34 28.27 26.20 47.67
CA LYS F 34 28.05 24.77 47.79
C LYS F 34 29.32 23.97 47.60
N ARG F 35 30.49 24.51 47.26
CA ARG F 35 31.71 23.69 47.28
C ARG F 35 32.72 24.37 48.21
N GLU F 36 32.22 24.93 49.33
CA GLU F 36 33.17 25.62 50.25
C GLU F 36 34.07 24.64 50.98
N MET F 37 35.14 24.12 50.37
CA MET F 37 35.92 23.06 50.98
C MET F 37 37.39 23.12 50.68
N VAL F 38 38.14 22.13 51.17
CA VAL F 38 39.57 22.00 50.90
C VAL F 38 39.84 20.52 50.56
N ILE F 39 40.74 20.29 49.65
CA ILE F 39 41.12 18.99 49.09
C ILE F 39 42.63 19.00 49.16
N ILE F 40 43.24 17.98 49.67
CA ILE F 40 44.67 17.80 49.79
C ILE F 40 45.02 16.50 49.06
N THR F 41 46.19 16.40 48.46
CA THR F 41 46.62 15.15 47.85
C THR F 41 48.02 14.87 48.44
N PHE F 42 48.43 13.64 48.33
CA PHE F 42 49.73 13.15 48.78
C PHE F 42 50.45 12.56 47.59
N LYS F 43 51.72 12.24 47.78
CA LYS F 43 52.54 11.63 46.72
C LYS F 43 52.09 10.21 46.41
N SER F 44 51.41 9.52 47.32
CA SER F 44 50.84 8.22 47.16
C SER F 44 49.70 8.15 46.14
N GLY F 45 49.16 9.33 45.81
CA GLY F 45 48.07 9.53 44.90
C GLY F 45 46.77 9.62 45.70
N GLU F 46 46.90 9.45 47.02
CA GLU F 46 45.73 9.52 47.90
C GLU F 46 45.22 10.95 48.00
N THR F 47 43.91 11.15 48.00
CA THR F 47 43.22 12.40 48.03
C THR F 47 42.23 12.42 49.21
N PHE F 48 42.33 13.52 49.97
CA PHE F 48 41.40 13.71 51.08
C PHE F 48 40.72 15.05 50.93
N GLN F 49 39.63 15.13 51.66
CA GLN F 49 38.79 16.30 51.71
C GLN F 49 38.34 16.60 53.15
N VAL F 50 38.05 17.87 53.29
CA VAL F 50 37.44 18.46 54.46
C VAL F 50 36.09 18.89 53.86
N GLU F 51 35.04 18.22 54.30
CA GLU F 51 33.74 18.49 53.69
C GLU F 51 33.16 19.86 53.88
N VAL F 52 32.26 20.16 52.95
CA VAL F 52 31.44 21.36 53.10
C VAL F 52 30.62 21.14 54.38
N PRO F 53 30.42 22.13 55.22
CA PRO F 53 29.54 22.01 56.38
C PRO F 53 28.17 21.59 55.85
N GLY F 54 27.54 20.61 56.50
CA GLY F 54 26.25 20.13 56.04
C GLY F 54 25.39 19.60 57.19
N SER F 55 24.31 18.92 56.84
CA SER F 55 23.36 18.37 57.77
C SER F 55 23.88 17.21 58.59
N GLN F 56 24.92 16.57 58.17
CA GLN F 56 25.55 15.48 58.90
C GLN F 56 26.38 16.03 60.07
N HIS F 57 26.71 17.31 60.01
CA HIS F 57 27.53 17.88 61.08
C HIS F 57 26.65 18.50 62.18
N ILE F 58 27.08 18.37 63.41
CA ILE F 58 26.43 19.00 64.54
C ILE F 58 27.02 20.39 64.72
N ASP F 59 26.34 21.20 65.49
CA ASP F 59 26.66 22.52 65.94
C ASP F 59 28.13 22.75 66.30
N SER F 60 28.67 21.88 67.16
CA SER F 60 29.98 21.95 67.68
C SER F 60 31.08 21.69 66.65
N GLN F 61 30.76 21.19 65.45
CA GLN F 61 31.78 20.86 64.47
C GLN F 61 32.03 22.01 63.49
N LYS F 62 31.13 22.95 63.42
CA LYS F 62 31.18 24.12 62.54
C LYS F 62 32.48 24.84 62.76
N LYS F 63 32.87 25.11 64.00
CA LYS F 63 34.13 25.76 64.29
C LYS F 63 35.33 24.87 64.02
N ALA F 64 35.24 23.59 64.37
CA ALA F 64 36.31 22.63 64.14
C ALA F 64 36.52 22.41 62.63
N ILE F 65 35.53 22.51 61.77
CA ILE F 65 35.67 22.42 60.32
C ILE F 65 36.52 23.67 59.93
N GLU F 66 36.16 24.90 60.32
CA GLU F 66 37.06 26.03 60.03
C GLU F 66 38.48 25.75 60.52
N ARG F 67 38.73 25.20 61.71
CA ARG F 67 40.03 24.95 62.27
C ARG F 67 40.83 23.91 61.50
N MET F 68 40.21 22.85 61.02
CA MET F 68 40.87 21.82 60.25
C MET F 68 41.26 22.37 58.87
N LYS F 69 40.56 23.30 58.28
CA LYS F 69 41.00 23.92 57.04
C LYS F 69 42.19 24.84 57.36
N ASP F 70 42.22 25.54 58.48
CA ASP F 70 43.38 26.36 58.82
C ASP F 70 44.66 25.54 58.94
N THR F 71 44.50 24.45 59.71
CA THR F 71 45.60 23.52 59.96
C THR F 71 46.13 22.96 58.67
N LEU F 72 45.25 22.54 57.75
CA LEU F 72 45.75 21.97 56.49
C LEU F 72 46.55 22.97 55.69
N ARG F 73 46.14 24.24 55.66
CA ARG F 73 46.83 25.30 54.93
C ARG F 73 48.21 25.61 55.50
N ILE F 74 48.38 25.71 56.79
CA ILE F 74 49.69 25.99 57.38
C ILE F 74 50.64 24.81 57.31
N THR F 75 50.11 23.61 57.39
CA THR F 75 50.83 22.35 57.22
C THR F 75 51.39 22.26 55.81
N TYR F 76 50.54 22.62 54.83
CA TYR F 76 50.96 22.62 53.45
C TYR F 76 52.15 23.55 53.26
N LEU F 77 51.95 24.83 53.63
CA LEU F 77 52.91 25.87 53.52
C LEU F 77 54.20 25.56 54.25
N THR F 78 54.18 24.94 55.42
CA THR F 78 55.30 24.65 56.24
C THR F 78 55.99 23.34 55.82
N GLU F 79 55.30 22.54 55.01
CA GLU F 79 55.79 21.30 54.49
C GLU F 79 56.06 20.32 55.64
N THR F 80 55.14 20.28 56.59
CA THR F 80 55.16 19.51 57.79
C THR F 80 54.70 18.10 57.51
N LYS F 81 55.45 17.14 58.05
CA LYS F 81 55.00 15.78 57.77
C LYS F 81 53.73 15.51 58.60
N ILE F 82 52.76 14.97 57.92
CA ILE F 82 51.57 14.44 58.53
C ILE F 82 52.00 13.00 58.88
N ASP F 83 51.55 12.55 60.06
CA ASP F 83 51.77 11.20 60.53
C ASP F 83 50.56 10.42 60.05
N LYS F 84 49.39 10.62 60.70
CA LYS F 84 48.21 9.92 60.23
C LYS F 84 46.99 10.80 60.02
N LEU F 85 46.03 10.24 59.28
CA LEU F 85 44.75 10.92 59.09
C LEU F 85 43.69 9.89 59.52
N CYS F 86 42.72 10.30 60.30
CA CYS F 86 41.54 9.52 60.62
C CYS F 86 40.43 10.06 59.71
N VAL F 87 40.00 9.25 58.75
CA VAL F 87 39.03 9.68 57.76
C VAL F 87 37.75 8.83 57.76
N TRP F 88 36.73 9.36 57.11
CA TRP F 88 35.48 8.66 56.91
C TRP F 88 35.64 8.11 55.49
N ASN F 89 35.53 6.80 55.35
CA ASN F 89 35.64 6.13 54.08
C ASN F 89 34.29 5.96 53.41
N ASN F 90 33.25 6.65 53.87
CA ASN F 90 31.91 6.55 53.29
C ASN F 90 31.64 7.78 52.43
N LYS F 91 32.75 8.43 52.07
CA LYS F 91 32.74 9.60 51.22
C LYS F 91 33.81 9.53 50.14
N THR F 92 33.68 10.33 49.07
CA THR F 92 34.71 10.39 48.03
C THR F 92 34.86 11.84 47.57
N PRO F 93 36.06 12.40 47.75
CA PRO F 93 37.14 11.69 48.41
C PRO F 93 36.82 11.56 49.90
N ASN F 94 37.58 10.71 50.57
CA ASN F 94 37.45 10.32 51.96
C ASN F 94 37.66 11.57 52.83
N SER F 95 36.76 11.82 53.76
CA SER F 95 36.70 13.00 54.59
C SER F 95 37.51 12.97 55.85
N ILE F 96 38.10 14.11 56.17
CA ILE F 96 39.01 14.16 57.32
C ILE F 96 38.18 14.37 58.58
N ALA F 97 38.53 13.55 59.58
CA ALA F 97 37.87 13.60 60.87
C ALA F 97 38.93 14.12 61.83
N ALA F 98 40.17 13.75 61.68
CA ALA F 98 41.27 14.12 62.55
C ALA F 98 42.62 13.89 61.84
N ILE F 99 43.63 14.51 62.43
CA ILE F 99 44.97 14.53 61.86
C ILE F 99 45.99 14.63 62.99
N SER F 100 47.13 13.99 62.78
CA SER F 100 48.24 14.01 63.70
C SER F 100 49.53 14.20 62.90
N MET F 101 50.53 14.66 63.61
CA MET F 101 51.84 15.05 63.18
C MET F 101 52.85 14.77 64.30
N LYS F 102 54.00 14.26 63.92
CA LYS F 102 55.00 13.92 64.91
C LYS F 102 56.39 14.44 64.61
N ASN F 103 56.93 15.19 65.55
CA ASN F 103 58.23 15.79 65.33
C ASN F 103 59.27 14.79 65.82
N ALA G 1 45.69 39.89 89.55
CA ALA G 1 46.08 38.89 88.52
C ALA G 1 47.39 38.25 88.95
N PRO G 2 47.43 36.94 88.89
CA PRO G 2 48.62 36.18 89.22
C PRO G 2 49.75 36.61 88.32
N GLN G 3 50.99 36.56 88.77
CA GLN G 3 52.10 36.99 87.93
C GLN G 3 52.81 35.81 87.33
N THR G 4 52.45 34.60 87.73
CA THR G 4 53.18 33.45 87.19
C THR G 4 52.16 32.39 86.80
N ILE G 5 52.66 31.41 86.04
CA ILE G 5 51.76 30.29 85.75
C ILE G 5 51.57 29.52 87.06
N THR G 6 52.58 29.45 87.94
CA THR G 6 52.34 28.63 89.13
C THR G 6 51.33 29.28 90.09
N GLU G 7 51.42 30.58 90.26
CA GLU G 7 50.48 31.30 91.11
C GLU G 7 49.07 31.10 90.53
N LEU G 8 48.97 31.37 89.21
CA LEU G 8 47.70 31.16 88.56
C LEU G 8 47.19 29.75 88.82
N CYS G 9 47.99 28.75 88.49
CA CYS G 9 47.61 27.36 88.67
C CYS G 9 47.15 27.02 90.09
N SER G 10 47.85 27.59 91.06
CA SER G 10 47.54 27.39 92.46
C SER G 10 46.16 27.92 92.84
N GLU G 11 45.57 28.88 92.11
CA GLU G 11 44.28 29.44 92.40
C GLU G 11 43.11 28.51 92.12
N TYR G 12 43.31 27.34 91.54
CA TYR G 12 42.28 26.41 91.20
C TYR G 12 42.39 25.06 91.92
N ARG G 13 41.24 24.42 92.01
CA ARG G 13 41.13 23.08 92.60
C ARG G 13 41.65 22.10 91.57
N ASN G 14 41.68 20.82 91.83
CA ASN G 14 42.15 19.75 90.98
C ASN G 14 43.23 20.06 89.96
N THR G 15 44.23 20.90 90.18
CA THR G 15 45.28 21.20 89.24
C THR G 15 46.67 20.88 89.79
N GLN G 16 47.65 20.80 88.90
CA GLN G 16 49.05 20.63 89.22
C GLN G 16 49.91 21.32 88.14
N ILE G 17 51.22 21.26 88.31
CA ILE G 17 52.13 21.90 87.37
C ILE G 17 53.13 20.91 86.79
N TYR G 18 53.01 20.57 85.52
CA TYR G 18 54.03 19.70 84.91
C TYR G 18 55.18 20.56 84.36
N THR G 19 56.41 20.31 84.79
CA THR G 19 57.56 21.05 84.25
C THR G 19 58.03 20.17 83.10
N ILE G 20 57.97 20.76 81.91
CA ILE G 20 58.24 20.02 80.66
C ILE G 20 59.57 20.31 80.04
N ASN G 21 59.90 21.57 79.89
CA ASN G 21 61.11 22.15 79.31
C ASN G 21 61.54 21.45 78.03
N ASP G 22 60.60 21.27 77.11
CA ASP G 22 60.79 20.57 75.86
C ASP G 22 59.68 20.91 74.85
N LYS G 23 60.02 20.85 73.57
CA LYS G 23 59.12 21.08 72.46
C LYS G 23 58.05 20.02 72.33
N ILE G 24 56.91 20.28 71.70
CA ILE G 24 55.88 19.28 71.51
C ILE G 24 56.38 18.19 70.56
N LEU G 25 56.06 16.95 70.88
CA LEU G 25 56.41 15.80 70.12
C LEU G 25 55.30 15.36 69.16
N SER G 26 54.05 15.30 69.59
CA SER G 26 52.95 14.90 68.72
C SER G 26 51.85 15.95 68.89
N TYR G 27 51.12 16.28 67.86
CA TYR G 27 50.03 17.24 67.81
C TYR G 27 48.90 16.46 67.16
N THR G 28 47.78 16.36 67.82
CA THR G 28 46.68 15.61 67.22
C THR G 28 45.46 16.52 67.16
N GLU G 29 44.77 16.51 66.00
CA GLU G 29 43.64 17.41 65.95
C GLU G 29 42.40 16.68 65.44
N SER G 30 41.32 17.03 66.15
CA SER G 30 40.10 16.38 65.71
C SER G 30 38.91 17.27 65.58
N MET G 31 38.15 17.03 64.51
CA MET G 31 36.85 17.71 64.34
C MET G 31 35.67 16.75 64.44
N ALA G 32 35.79 15.50 64.88
CA ALA G 32 34.65 14.56 64.90
C ALA G 32 33.56 14.91 65.90
N GLY G 33 32.28 14.79 65.59
CA GLY G 33 31.23 15.20 66.53
C GLY G 33 31.54 14.71 67.96
N LYS G 34 31.54 15.58 68.95
CA LYS G 34 31.73 15.28 70.36
C LYS G 34 33.16 15.00 70.71
N ARG G 35 34.05 15.09 69.71
CA ARG G 35 35.49 14.98 69.89
C ARG G 35 36.26 16.10 69.16
N GLU G 36 35.71 17.32 69.22
CA GLU G 36 36.34 18.53 68.73
C GLU G 36 37.42 18.95 69.73
N MET G 37 38.63 18.44 69.61
CA MET G 37 39.71 18.70 70.54
C MET G 37 41.11 18.59 69.95
N VAL G 38 42.07 18.92 70.78
CA VAL G 38 43.49 18.79 70.48
C VAL G 38 44.09 17.94 71.61
N ILE G 39 45.09 17.14 71.25
CA ILE G 39 45.81 16.24 72.11
C ILE G 39 47.31 16.45 71.85
N ILE G 40 48.13 16.76 72.84
CA ILE G 40 49.54 16.88 72.53
C ILE G 40 50.33 15.77 73.22
N THR G 41 51.55 15.44 72.83
CA THR G 41 52.36 14.44 73.53
C THR G 41 53.82 14.89 73.59
N PHE G 42 54.55 14.44 74.60
CA PHE G 42 55.95 14.75 74.80
C PHE G 42 56.88 13.55 74.82
N LYS G 43 58.19 13.77 74.69
CA LYS G 43 59.19 12.69 74.71
C LYS G 43 59.02 11.84 75.97
N SER G 44 58.94 12.50 77.12
CA SER G 44 58.67 11.94 78.42
C SER G 44 57.53 10.93 78.53
N GLY G 45 56.55 10.91 77.65
CA GLY G 45 55.45 9.95 77.70
C GLY G 45 54.11 10.61 78.05
N GLU G 46 54.25 11.87 78.44
CA GLU G 46 53.11 12.67 78.86
C GLU G 46 52.27 13.14 77.70
N THR G 47 51.00 12.79 77.81
CA THR G 47 49.94 13.13 76.89
C THR G 47 49.01 14.14 77.55
N PHE G 48 48.67 15.24 76.90
CA PHE G 48 47.73 16.21 77.46
C PHE G 48 46.71 16.62 76.38
N GLN G 49 45.56 17.07 76.82
CA GLN G 49 44.45 17.46 76.01
C GLN G 49 43.90 18.86 76.29
N VAL G 50 43.24 19.38 75.27
CA VAL G 50 42.44 20.58 75.26
C VAL G 50 41.04 19.98 75.08
N GLU G 51 40.26 20.24 76.14
CA GLU G 51 38.92 19.67 76.21
C GLU G 51 37.89 20.09 75.18
N VAL G 52 36.98 19.20 74.81
CA VAL G 52 35.84 19.53 74.00
C VAL G 52 34.97 20.49 74.82
N PRO G 53 34.67 21.68 74.32
CA PRO G 53 33.85 22.66 74.96
C PRO G 53 32.52 22.18 75.51
N GLY G 54 32.24 22.34 76.81
CA GLY G 54 30.97 21.85 77.32
C GLY G 54 30.32 22.64 78.43
N SER G 55 29.59 21.89 79.27
CA SER G 55 28.85 22.38 80.42
C SER G 55 29.67 22.97 81.55
N GLN G 56 30.84 22.40 81.78
CA GLN G 56 31.78 22.75 82.81
C GLN G 56 32.62 23.98 82.49
N HIS G 57 32.34 24.61 81.37
CA HIS G 57 33.00 25.82 80.92
C HIS G 57 31.95 26.96 80.92
N ILE G 58 32.42 28.15 81.19
CA ILE G 58 31.56 29.33 81.20
C ILE G 58 31.84 30.08 79.90
N ASP G 59 31.08 31.11 79.58
CA ASP G 59 31.26 31.84 78.36
C ASP G 59 32.63 32.42 78.03
N SER G 60 33.25 33.10 78.97
CA SER G 60 34.52 33.79 78.74
C SER G 60 35.65 32.91 78.26
N GLN G 61 35.70 31.64 78.56
CA GLN G 61 36.60 30.60 78.19
C GLN G 61 36.40 30.12 76.75
N LYS G 62 35.29 30.42 76.10
CA LYS G 62 35.01 29.91 74.75
C LYS G 62 36.05 30.43 73.75
N LYS G 63 36.28 31.72 73.74
CA LYS G 63 37.36 32.32 73.01
C LYS G 63 38.69 31.70 73.45
N ALA G 64 38.93 31.54 74.76
CA ALA G 64 40.21 31.05 75.26
C ALA G 64 40.40 29.59 74.99
N ILE G 65 39.36 28.72 74.86
CA ILE G 65 39.73 27.35 74.43
C ILE G 65 40.22 27.42 72.96
N GLU G 66 39.61 28.24 72.09
CA GLU G 66 40.08 28.31 70.70
C GLU G 66 41.48 28.86 70.62
N ARG G 67 41.69 29.92 71.41
CA ARG G 67 43.04 30.48 71.41
C ARG G 67 44.02 29.38 71.78
N MET G 68 43.70 28.57 72.82
CA MET G 68 44.69 27.60 73.25
C MET G 68 45.09 26.63 72.16
N LYS G 69 44.12 26.11 71.45
CA LYS G 69 44.33 25.17 70.33
C LYS G 69 45.12 25.89 69.26
N ASP G 70 44.80 27.15 68.98
CA ASP G 70 45.65 27.97 68.13
C ASP G 70 47.08 27.90 68.66
N THR G 71 47.36 28.24 69.92
CA THR G 71 48.71 28.31 70.45
C THR G 71 49.47 26.98 70.37
N LEU G 72 48.76 25.87 70.62
CA LEU G 72 49.43 24.58 70.61
C LEU G 72 49.88 24.23 69.19
N ARG G 73 49.05 24.58 68.20
CA ARG G 73 49.42 24.36 66.82
C ARG G 73 50.69 25.10 66.41
N ILE G 74 50.78 26.39 66.55
CA ILE G 74 51.99 27.12 66.07
C ILE G 74 53.22 26.67 66.85
N THR G 75 53.14 26.52 68.17
CA THR G 75 54.18 26.00 69.03
C THR G 75 54.66 24.62 68.53
N TYR G 76 53.73 23.72 68.20
CA TYR G 76 54.23 22.49 67.60
C TYR G 76 55.01 22.75 66.29
N LEU G 77 54.39 23.46 65.34
CA LEU G 77 54.98 23.72 64.02
C LEU G 77 56.33 24.40 64.03
N THR G 78 56.61 25.33 64.97
CA THR G 78 57.83 26.03 65.10
C THR G 78 58.74 25.31 66.12
N GLU G 79 58.43 24.15 66.61
CA GLU G 79 59.31 23.47 67.57
C GLU G 79 59.56 24.38 68.79
N THR G 80 58.56 25.01 69.39
CA THR G 80 58.95 25.97 70.43
C THR G 80 58.95 25.25 71.76
N LYS G 81 59.95 25.48 72.58
CA LYS G 81 60.03 24.80 73.88
C LYS G 81 58.92 25.26 74.82
N ILE G 82 58.12 24.36 75.33
CA ILE G 82 57.11 24.74 76.32
C ILE G 82 57.89 24.67 77.67
N ASP G 83 57.77 25.70 78.48
CA ASP G 83 58.36 25.71 79.82
C ASP G 83 57.43 24.88 80.71
N LYS G 84 56.28 25.42 81.09
CA LYS G 84 55.30 24.77 81.95
C LYS G 84 53.86 24.71 81.47
N LEU G 85 53.11 23.71 81.92
CA LEU G 85 51.72 23.48 81.68
C LEU G 85 50.93 23.41 83.00
N CYS G 86 49.80 24.10 83.11
CA CYS G 86 48.93 24.05 84.27
C CYS G 86 47.71 23.26 83.80
N VAL G 87 47.59 22.10 84.42
CA VAL G 87 46.58 21.13 84.07
C VAL G 87 45.61 20.74 85.19
N TRP G 88 44.45 20.28 84.73
CA TRP G 88 43.44 19.73 85.62
C TRP G 88 43.83 18.25 85.64
N ASN G 89 43.90 17.65 86.83
CA ASN G 89 44.29 16.24 86.91
C ASN G 89 43.03 15.40 87.08
N ASN G 90 41.86 16.06 87.03
CA ASN G 90 40.60 15.33 87.20
C ASN G 90 40.01 14.85 85.89
N LYS G 91 40.83 14.75 84.86
CA LYS G 91 40.52 14.21 83.56
C LYS G 91 41.73 13.43 83.04
N THR G 92 41.44 12.61 82.05
CA THR G 92 42.37 11.78 81.30
C THR G 92 42.14 11.99 79.82
N PRO G 93 43.09 12.52 79.06
CA PRO G 93 44.39 12.92 79.54
C PRO G 93 44.21 14.15 80.40
N ASN G 94 45.17 14.56 81.20
CA ASN G 94 44.97 15.81 81.97
C ASN G 94 44.62 16.97 81.02
N SER G 95 43.89 17.99 81.48
CA SER G 95 43.43 19.10 80.69
C SER G 95 44.28 20.36 80.79
N ILE G 96 44.53 20.97 79.62
CA ILE G 96 45.37 22.15 79.66
C ILE G 96 44.50 23.31 80.13
N ALA G 97 45.14 24.01 81.09
CA ALA G 97 44.45 25.14 81.69
C ALA G 97 45.27 26.39 81.45
N ALA G 98 46.59 26.14 81.39
CA ALA G 98 47.50 27.27 81.11
C ALA G 98 48.85 26.75 80.63
N ILE G 99 49.62 27.60 79.94
CA ILE G 99 50.87 27.13 79.37
C ILE G 99 51.87 28.28 79.51
N SER G 100 53.17 27.98 79.57
CA SER G 100 54.16 29.06 79.58
C SER G 100 55.36 28.64 78.71
N MET G 101 56.13 29.54 78.20
CA MET G 101 57.25 29.28 77.32
C MET G 101 58.31 30.32 77.66
N LYS G 102 59.56 29.90 77.74
CA LYS G 102 60.61 30.90 77.95
C LYS G 102 61.82 30.47 77.10
N ASN G 103 62.49 31.48 76.58
CA ASN G 103 63.61 31.33 75.66
C ASN G 103 64.84 32.01 76.27
N ALA H 1 44.50 61.82 65.09
CA ALA H 1 44.88 60.95 66.26
C ALA H 1 46.37 60.90 66.60
N PRO H 2 46.73 60.19 67.68
CA PRO H 2 48.11 60.09 68.14
C PRO H 2 49.03 59.64 67.01
N GLN H 3 50.29 60.07 67.01
CA GLN H 3 51.23 59.68 65.99
C GLN H 3 52.31 58.82 66.65
N THR H 4 52.35 58.67 67.95
CA THR H 4 53.40 57.88 68.59
C THR H 4 52.78 57.14 69.77
N ILE H 5 53.36 56.07 70.29
CA ILE H 5 52.83 55.37 71.42
C ILE H 5 52.85 56.28 72.67
N THR H 6 53.88 57.13 72.76
CA THR H 6 54.04 58.06 73.86
C THR H 6 52.89 59.04 73.96
N GLU H 7 52.54 59.74 72.89
CA GLU H 7 51.42 60.64 72.75
C GLU H 7 50.10 59.97 73.10
N LEU H 8 49.79 58.81 72.57
CA LEU H 8 48.64 57.98 72.82
C LEU H 8 48.51 57.67 74.30
N CYS H 9 49.56 57.23 74.96
CA CYS H 9 49.58 56.91 76.38
C CYS H 9 49.19 58.09 77.27
N SER H 10 49.59 59.29 76.85
CA SER H 10 49.41 60.53 77.57
C SER H 10 47.96 61.00 77.59
N GLU H 11 47.12 60.41 76.76
CA GLU H 11 45.70 60.77 76.71
C GLU H 11 44.91 60.11 77.81
N TYR H 12 45.46 59.22 78.59
CA TYR H 12 44.91 58.33 79.56
C TYR H 12 45.52 58.64 80.93
N ARG H 13 44.70 58.36 81.92
CA ARG H 13 45.13 58.55 83.30
C ARG H 13 45.74 57.24 83.74
N ASN H 14 46.66 57.27 84.66
CA ASN H 14 47.27 56.11 85.28
C ASN H 14 48.12 55.36 84.26
N THR H 15 48.74 56.12 83.36
CA THR H 15 49.56 55.36 82.41
C THR H 15 51.03 55.72 82.60
N GLN H 16 51.85 54.77 82.15
CA GLN H 16 53.27 55.01 82.11
C GLN H 16 53.88 54.11 81.01
N ILE H 17 54.77 54.74 80.27
CA ILE H 17 55.57 54.13 79.23
C ILE H 17 56.80 53.45 79.83
N TYR H 18 56.87 52.16 79.51
CA TYR H 18 58.04 51.38 79.79
C TYR H 18 58.83 51.10 78.50
N THR H 19 60.08 51.48 78.47
CA THR H 19 61.07 51.24 77.44
C THR H 19 61.70 49.88 77.72
N ILE H 20 61.35 48.94 76.86
CA ILE H 20 61.77 47.55 77.02
C ILE H 20 63.02 47.26 76.20
N ASN H 21 63.00 47.81 74.99
CA ASN H 21 64.01 47.65 73.97
C ASN H 21 64.59 46.23 74.02
N ASP H 22 63.70 45.25 73.96
CA ASP H 22 64.03 43.87 74.12
C ASP H 22 62.84 42.95 73.82
N LYS H 23 63.17 41.69 73.66
CA LYS H 23 62.36 40.59 73.25
C LYS H 23 61.76 39.93 74.49
N ILE H 24 60.71 39.16 74.31
CA ILE H 24 60.00 38.58 75.42
C ILE H 24 60.73 37.36 75.96
N LEU H 25 60.92 37.40 77.28
CA LEU H 25 61.62 36.31 77.92
C LEU H 25 60.63 35.21 78.10
N SER H 26 59.41 35.52 78.62
CA SER H 26 58.45 34.43 78.80
C SER H 26 57.03 34.89 78.42
N TYR H 27 56.26 33.88 78.01
CA TYR H 27 54.93 33.99 77.53
C TYR H 27 54.01 32.99 78.22
N THR H 28 52.97 33.56 78.88
CA THR H 28 52.07 32.65 79.61
C THR H 28 50.65 32.85 79.17
N GLU H 29 49.85 31.83 78.96
CA GLU H 29 48.47 32.04 78.48
C GLU H 29 47.56 31.13 79.29
N SER H 30 46.38 31.60 79.70
CA SER H 30 45.51 30.78 80.51
C SER H 30 44.09 30.73 79.96
N MET H 31 43.58 29.50 79.90
CA MET H 31 42.17 29.42 79.48
C MET H 31 41.31 28.98 80.68
N ALA H 32 41.78 29.32 81.87
CA ALA H 32 41.18 29.02 83.15
C ALA H 32 40.13 30.08 83.51
N GLY H 33 39.04 29.54 84.04
CA GLY H 33 37.86 30.29 84.41
C GLY H 33 38.12 31.60 85.09
N LYS H 34 37.82 32.73 84.46
CA LYS H 34 38.02 34.03 85.04
C LYS H 34 39.46 34.48 85.05
N ARG H 35 40.35 33.68 84.48
CA ARG H 35 41.74 34.05 84.33
C ARG H 35 42.17 33.78 82.87
N GLU H 36 41.32 34.23 81.94
CA GLU H 36 41.61 34.05 80.51
C GLU H 36 42.47 35.23 80.12
N MET H 37 43.78 35.05 80.25
CA MET H 37 44.77 36.08 80.10
C MET H 37 46.15 35.63 79.57
N VAL H 38 47.00 36.62 79.35
CA VAL H 38 48.37 36.41 78.90
C VAL H 38 49.25 37.29 79.78
N ILE H 39 50.37 36.69 80.18
CA ILE H 39 51.34 37.43 80.98
C ILE H 39 52.69 37.32 80.32
N ILE H 40 53.42 38.38 80.20
CA ILE H 40 54.75 38.33 79.63
C ILE H 40 55.76 38.92 80.61
N THR H 41 56.91 38.24 80.68
CA THR H 41 58.01 38.77 81.48
C THR H 41 59.18 39.06 80.55
N PHE H 42 60.07 39.94 80.96
CA PHE H 42 61.27 40.30 80.23
C PHE H 42 62.48 39.89 81.05
N LYS H 43 63.72 40.09 80.56
CA LYS H 43 64.89 39.66 81.34
C LYS H 43 65.15 40.70 82.43
N SER H 44 64.54 41.88 82.29
CA SER H 44 64.65 42.95 83.25
C SER H 44 63.93 42.62 84.56
N GLY H 45 63.09 41.61 84.59
CA GLY H 45 62.33 41.25 85.79
C GLY H 45 60.90 41.78 85.70
N GLU H 46 60.62 42.64 84.73
CA GLU H 46 59.27 43.19 84.63
C GLU H 46 58.29 42.14 84.12
N THR H 47 57.09 42.21 84.69
CA THR H 47 56.01 41.30 84.34
C THR H 47 54.81 42.13 83.91
N PHE H 48 54.16 41.75 82.80
CA PHE H 48 53.00 42.53 82.35
C PHE H 48 51.89 41.58 81.89
N GLN H 49 50.68 42.15 81.79
CA GLN H 49 49.51 41.39 81.44
C GLN H 49 48.59 42.11 80.47
N VAL H 50 47.82 41.27 79.81
CA VAL H 50 46.68 41.61 79.02
C VAL H 50 45.54 41.13 79.92
N GLU H 51 44.69 42.04 80.33
CA GLU H 51 43.62 41.68 81.23
C GLU H 51 42.54 40.73 80.77
N VAL H 52 41.99 40.02 81.76
CA VAL H 52 40.77 39.21 81.57
C VAL H 52 39.84 40.31 81.09
N PRO H 53 39.28 40.07 79.91
CA PRO H 53 38.37 41.08 79.34
C PRO H 53 37.14 41.04 80.23
N GLY H 54 36.52 42.17 80.50
CA GLY H 54 35.37 42.03 81.42
C GLY H 54 34.51 43.28 81.38
N SER H 55 33.92 43.57 82.55
CA SER H 55 33.02 44.71 82.66
C SER H 55 33.62 46.03 82.22
N GLN H 56 34.71 46.53 82.66
CA GLN H 56 35.43 47.74 82.42
C GLN H 56 35.89 48.06 80.99
N HIS H 57 35.62 47.18 80.05
CA HIS H 57 35.98 47.22 78.67
C HIS H 57 34.78 47.37 77.73
N ILE H 58 34.73 48.49 77.03
CA ILE H 58 33.68 48.63 76.02
C ILE H 58 33.98 47.66 74.89
N ASP H 59 33.01 47.37 74.08
CA ASP H 59 32.88 46.55 72.92
C ASP H 59 34.08 46.65 71.99
N SER H 60 34.50 47.85 71.59
CA SER H 60 35.67 47.96 70.72
C SER H 60 36.94 47.47 71.41
N GLN H 61 36.99 47.54 72.74
CA GLN H 61 38.15 47.08 73.43
C GLN H 61 38.23 45.56 73.55
N LYS H 62 37.16 44.79 73.56
CA LYS H 62 37.28 43.35 73.70
C LYS H 62 38.02 42.78 72.47
N LYS H 63 37.57 43.33 71.34
CA LYS H 63 38.14 42.89 70.07
C LYS H 63 39.63 43.20 70.09
N ALA H 64 40.07 44.39 70.44
CA ALA H 64 41.44 44.81 70.51
C ALA H 64 42.23 43.99 71.51
N ILE H 65 41.59 43.56 72.59
CA ILE H 65 42.20 42.65 73.56
C ILE H 65 42.62 41.34 72.88
N GLU H 66 41.73 40.73 72.06
CA GLU H 66 42.09 39.47 71.41
C GLU H 66 43.27 39.71 70.45
N ARG H 67 43.27 40.83 69.73
CA ARG H 67 44.32 41.21 68.80
C ARG H 67 45.65 41.44 69.57
N MET H 68 45.55 42.07 70.72
CA MET H 68 46.77 42.26 71.53
C MET H 68 47.32 40.92 72.03
N LYS H 69 46.53 39.92 72.45
CA LYS H 69 47.13 38.63 72.78
C LYS H 69 47.72 37.93 71.52
N ASP H 70 47.13 38.17 70.34
CA ASP H 70 47.69 37.53 69.16
C ASP H 70 49.07 38.16 68.88
N THR H 71 49.18 39.46 69.03
CA THR H 71 50.41 40.15 68.72
C THR H 71 51.52 39.65 69.66
N LEU H 72 51.19 39.53 70.93
CA LEU H 72 52.12 39.10 71.93
C LEU H 72 52.61 37.69 71.62
N ARG H 73 51.80 36.74 71.28
CA ARG H 73 52.19 35.37 71.00
C ARG H 73 53.14 35.28 69.80
N ILE H 74 52.86 36.10 68.76
CA ILE H 74 53.71 36.01 67.57
C ILE H 74 55.06 36.67 67.79
N THR H 75 55.05 37.74 68.53
CA THR H 75 56.19 38.55 68.95
C THR H 75 57.06 37.62 69.80
N TYR H 76 56.48 36.84 70.71
CA TYR H 76 57.29 35.92 71.47
C TYR H 76 57.87 34.80 70.58
N LEU H 77 57.10 34.31 69.62
CA LEU H 77 57.56 33.19 68.84
C LEU H 77 58.61 33.69 67.88
N THR H 78 58.66 34.94 67.48
CA THR H 78 59.63 35.40 66.54
C THR H 78 60.80 36.12 67.18
N GLU H 79 60.88 36.27 68.51
CA GLU H 79 61.88 37.00 69.17
C GLU H 79 61.88 38.45 68.72
N THR H 80 60.74 39.01 68.32
CA THR H 80 60.81 40.36 67.82
C THR H 80 60.99 41.22 69.09
N LYS H 81 61.76 42.27 68.83
CA LYS H 81 62.08 43.25 69.81
C LYS H 81 60.95 44.28 69.97
N ILE H 82 60.48 44.33 71.19
CA ILE H 82 59.49 45.30 71.64
C ILE H 82 60.22 46.60 72.01
N ASP H 83 59.78 47.74 71.53
CA ASP H 83 60.38 49.03 71.83
C ASP H 83 59.74 49.56 73.14
N LYS H 84 58.54 50.15 73.03
CA LYS H 84 57.87 50.66 74.25
C LYS H 84 56.59 49.89 74.58
N LEU H 85 56.11 49.99 75.81
CA LEU H 85 54.88 49.45 76.32
C LEU H 85 54.18 50.61 77.10
N CYS H 86 52.89 50.75 76.79
CA CYS H 86 52.04 51.73 77.48
C CYS H 86 51.18 50.87 78.37
N VAL H 87 51.47 50.90 79.69
CA VAL H 87 50.74 50.10 80.63
C VAL H 87 49.90 50.93 81.61
N TRP H 88 48.87 50.24 82.11
CA TRP H 88 48.06 50.84 83.17
C TRP H 88 48.72 50.34 84.49
N ASN H 89 49.29 51.25 85.26
CA ASN H 89 49.86 50.97 86.57
C ASN H 89 48.83 50.98 87.72
N ASN H 90 47.59 50.59 87.52
CA ASN H 90 46.57 50.59 88.58
C ASN H 90 46.02 49.17 88.62
N LYS H 91 46.82 48.31 87.99
CA LYS H 91 46.66 46.89 87.86
C LYS H 91 47.98 46.23 88.22
N THR H 92 48.00 45.01 88.71
CA THR H 92 49.22 44.28 89.02
C THR H 92 49.04 42.85 88.57
N PRO H 93 49.90 42.38 87.64
CA PRO H 93 50.94 43.17 87.02
C PRO H 93 50.34 44.27 86.17
N ASN H 94 51.05 45.30 85.80
CA ASN H 94 50.56 46.41 85.01
C ASN H 94 49.89 45.90 83.75
N SER H 95 48.91 46.63 83.21
CA SER H 95 48.15 46.06 82.11
C SER H 95 48.50 46.69 80.77
N ILE H 96 48.65 45.75 79.78
CA ILE H 96 49.05 46.43 78.50
C ILE H 96 47.87 47.19 77.88
N ALA H 97 47.96 48.38 77.40
CA ALA H 97 47.21 49.33 76.70
C ALA H 97 47.65 49.49 75.23
N ALA H 98 48.95 49.66 74.99
CA ALA H 98 49.54 49.78 73.66
C ALA H 98 50.95 49.13 73.68
N ILE H 99 51.42 48.77 72.49
CA ILE H 99 52.75 48.15 72.31
C ILE H 99 53.37 48.76 71.04
N SER H 100 54.69 48.93 71.03
CA SER H 100 55.44 49.44 69.91
C SER H 100 56.71 48.58 69.74
N MET H 101 57.11 48.37 68.52
CA MET H 101 58.14 47.56 67.92
C MET H 101 58.75 48.35 66.74
N LYS H 102 60.09 48.45 66.73
CA LYS H 102 60.74 49.18 65.64
C LYS H 102 62.02 48.48 65.17
N ASN H 103 62.21 48.66 63.88
CA ASN H 103 63.29 48.07 63.08
C ASN H 103 64.46 49.05 62.91
N ALA I 1 36.07 45.78 38.33
CA ALA I 1 36.55 46.52 39.55
C ALA I 1 37.94 47.02 39.20
N PRO I 2 38.54 47.90 39.97
CA PRO I 2 39.89 48.34 39.69
C PRO I 2 40.83 47.15 39.65
N GLN I 3 41.93 47.32 38.93
CA GLN I 3 42.91 46.27 38.73
C GLN I 3 44.21 46.58 39.43
N THR I 4 44.30 47.79 39.93
CA THR I 4 45.46 48.35 40.59
C THR I 4 45.02 49.20 41.80
N ILE I 5 45.99 49.55 42.62
CA ILE I 5 45.80 50.35 43.81
C ILE I 5 45.53 51.81 43.38
N THR I 6 46.41 52.37 42.54
CA THR I 6 46.18 53.69 41.96
C THR I 6 44.82 53.77 41.28
N GLU I 7 44.28 52.91 40.43
CA GLU I 7 42.93 53.10 39.96
C GLU I 7 41.94 53.15 41.14
N LEU I 8 41.78 52.06 41.89
CA LEU I 8 40.95 52.03 43.07
C LEU I 8 41.07 53.30 43.90
N CYS I 9 42.25 53.70 44.37
CA CYS I 9 42.43 54.90 45.18
C CYS I 9 41.73 56.11 44.59
N SER I 10 41.89 56.28 43.26
CA SER I 10 41.33 57.49 42.64
C SER I 10 39.84 57.43 42.47
N GLU I 11 39.09 56.41 42.91
CA GLU I 11 37.64 56.34 42.89
C GLU I 11 37.04 57.01 44.13
N TYR I 12 37.92 57.52 45.01
CA TYR I 12 37.54 58.13 46.27
C TYR I 12 38.04 59.56 46.44
N ARG I 13 37.32 60.43 47.16
CA ARG I 13 37.84 61.77 47.38
C ARG I 13 38.85 61.82 48.51
N ASN I 14 39.64 62.89 48.55
CA ASN I 14 40.58 63.17 49.63
C ASN I 14 41.63 62.07 49.80
N THR I 15 41.90 61.31 48.73
CA THR I 15 42.87 60.26 48.84
C THR I 15 44.12 60.61 48.05
N GLN I 16 45.17 59.96 48.48
CA GLN I 16 46.48 60.12 47.86
C GLN I 16 47.31 58.85 47.95
N ILE I 17 48.13 58.66 46.94
CA ILE I 17 48.98 57.48 46.80
C ILE I 17 50.38 57.80 47.28
N TYR I 18 50.89 57.00 48.20
CA TYR I 18 52.27 57.16 48.68
C TYR I 18 53.12 56.00 48.18
N THR I 19 54.25 56.29 47.53
CA THR I 19 55.09 55.25 46.94
C THR I 19 56.20 54.92 47.93
N ILE I 20 56.03 54.01 48.84
CA ILE I 20 56.99 53.74 49.90
C ILE I 20 58.16 52.94 49.41
N ASN I 21 57.81 51.76 48.88
CA ASN I 21 58.83 50.86 48.38
C ASN I 21 59.79 50.70 49.53
N ASP I 22 59.30 50.17 50.65
CA ASP I 22 60.20 50.06 51.80
C ASP I 22 59.45 49.27 52.88
N LYS I 23 60.20 48.60 53.73
CA LYS I 23 59.48 47.86 54.77
C LYS I 23 59.04 48.85 55.83
N ILE I 24 58.29 48.38 56.82
CA ILE I 24 57.84 49.26 57.88
C ILE I 24 58.93 49.43 58.94
N LEU I 25 59.12 50.71 59.28
CA LEU I 25 60.11 51.03 60.32
C LEU I 25 59.56 50.72 61.71
N SER I 26 58.37 51.28 62.06
CA SER I 26 57.88 50.88 63.39
C SER I 26 56.43 50.45 63.31
N TYR I 27 56.04 49.57 64.21
CA TYR I 27 54.61 49.18 64.31
C TYR I 27 54.08 49.43 65.71
N THR I 28 52.97 50.20 65.78
CA THR I 28 52.40 50.48 67.13
C THR I 28 50.96 50.06 67.19
N GLU I 29 50.54 49.25 68.12
CA GLU I 29 49.11 48.82 68.13
C GLU I 29 48.54 49.24 69.49
N SER I 30 47.31 49.66 69.58
CA SER I 30 46.75 50.09 70.86
C SER I 30 45.40 49.47 71.15
N MET I 31 45.18 48.99 72.38
CA MET I 31 43.85 48.48 72.71
C MET I 31 43.23 49.42 73.77
N ALA I 32 43.72 50.67 73.78
CA ALA I 32 43.19 51.66 74.71
C ALA I 32 41.81 52.11 74.25
N GLY I 33 40.84 52.11 75.19
CA GLY I 33 39.48 52.50 74.99
C GLY I 33 39.26 53.72 74.13
N LYS I 34 38.59 53.50 72.99
CA LYS I 34 38.28 54.51 71.99
C LYS I 34 39.44 54.93 71.12
N ARG I 35 40.62 54.31 71.35
CA ARG I 35 41.73 54.65 70.48
C ARG I 35 42.27 53.29 69.96
N GLU I 36 41.36 52.35 69.66
CA GLU I 36 41.83 51.03 69.24
C GLU I 36 42.37 51.18 67.80
N MET I 37 43.72 51.30 67.66
CA MET I 37 44.29 51.51 66.32
C MET I 37 45.67 50.96 66.03
N VAL I 38 46.13 51.03 64.75
CA VAL I 38 47.50 50.66 64.43
C VAL I 38 48.17 51.91 63.81
N ILE I 39 49.38 52.18 64.20
CA ILE I 39 50.19 53.30 63.70
C ILE I 39 51.48 52.73 63.12
N ILE I 40 51.89 53.08 61.90
CA ILE I 40 53.16 52.53 61.38
C ILE I 40 54.04 53.67 60.91
N THR I 41 55.36 53.63 61.00
CA THR I 41 56.22 54.67 60.46
C THR I 41 57.25 54.01 59.51
N PHE I 42 57.76 54.86 58.63
CA PHE I 42 58.77 54.54 57.65
C PHE I 42 59.94 55.50 57.86
N LYS I 43 61.10 55.02 57.42
CA LYS I 43 62.37 55.72 57.48
C LYS I 43 62.30 57.09 56.83
N SER I 44 61.41 57.27 55.87
CA SER I 44 61.08 58.49 55.18
C SER I 44 60.53 59.54 56.14
N GLY I 45 60.07 59.14 57.32
CA GLY I 45 59.57 60.06 58.32
C GLY I 45 58.06 59.89 58.51
N GLU I 46 57.44 59.57 57.38
CA GLU I 46 56.04 59.32 57.21
C GLU I 46 55.46 58.44 58.31
N THR I 47 54.22 58.80 58.62
CA THR I 47 53.48 58.15 59.69
C THR I 47 52.11 57.93 59.12
N PHE I 48 51.53 56.77 59.44
CA PHE I 48 50.20 56.46 58.85
C PHE I 48 49.34 55.80 59.90
N GLN I 49 48.03 55.75 59.69
CA GLN I 49 47.22 55.07 60.73
C GLN I 49 46.20 54.12 60.12
N VAL I 50 45.68 53.20 60.91
CA VAL I 50 44.46 52.49 60.53
C VAL I 50 43.42 53.08 61.51
N GLU I 51 42.38 53.78 61.09
CA GLU I 51 41.53 54.48 62.06
C GLU I 51 40.76 53.58 63.01
N VAL I 52 40.35 54.16 64.15
CA VAL I 52 39.45 53.40 65.07
C VAL I 52 38.14 53.17 64.34
N PRO I 53 37.53 52.02 64.31
CA PRO I 53 36.26 51.80 63.61
C PRO I 53 35.24 52.83 64.11
N GLY I 54 34.53 53.48 63.21
CA GLY I 54 33.59 54.51 63.66
C GLY I 54 32.36 54.67 62.80
N SER I 55 31.59 55.75 63.04
CA SER I 55 30.34 55.98 62.33
C SER I 55 30.52 56.35 60.87
N GLN I 56 31.70 56.73 60.43
CA GLN I 56 32.03 57.06 59.06
C GLN I 56 32.26 55.83 58.17
N HIS I 57 32.21 54.64 58.72
CA HIS I 57 32.52 53.39 58.11
C HIS I 57 31.21 52.63 57.93
N ILE I 58 31.08 52.03 56.76
CA ILE I 58 29.88 51.22 56.58
C ILE I 58 30.20 49.88 57.24
N ASP I 59 29.18 49.04 57.38
CA ASP I 59 29.33 47.75 58.03
C ASP I 59 30.25 46.80 57.32
N SER I 60 30.23 46.77 55.98
CA SER I 60 31.16 45.93 55.21
C SER I 60 32.63 46.24 55.49
N GLN I 61 32.92 47.45 55.97
CA GLN I 61 34.22 47.92 56.33
C GLN I 61 34.72 47.39 57.67
N LYS I 62 33.90 46.88 58.57
CA LYS I 62 34.34 46.40 59.87
C LYS I 62 35.33 45.23 59.82
N LYS I 63 35.05 44.18 59.10
CA LYS I 63 35.98 43.08 58.90
C LYS I 63 37.22 43.49 58.12
N ALA I 64 37.08 44.50 57.24
CA ALA I 64 38.21 44.85 56.37
C ALA I 64 39.24 45.62 57.13
N ILE I 65 38.71 46.36 58.14
CA ILE I 65 39.60 47.19 58.98
C ILE I 65 40.44 46.24 59.82
N GLU I 66 39.85 45.22 60.40
CA GLU I 66 40.62 44.24 61.17
C GLU I 66 41.62 43.55 60.25
N ARG I 67 41.23 43.13 59.02
CA ARG I 67 42.16 42.51 58.09
C ARG I 67 43.38 43.36 57.81
N MET I 68 43.16 44.69 57.58
CA MET I 68 44.26 45.61 57.26
C MET I 68 45.27 45.68 58.41
N LYS I 69 44.77 45.72 59.66
CA LYS I 69 45.66 45.69 60.83
C LYS I 69 46.40 44.35 60.89
N ASP I 70 45.71 43.26 60.58
CA ASP I 70 46.40 41.96 60.54
C ASP I 70 47.54 41.97 59.49
N THR I 71 47.24 42.57 58.35
CA THR I 71 48.25 42.63 57.29
C THR I 71 49.44 43.47 57.74
N LEU I 72 49.24 44.67 58.33
CA LEU I 72 50.38 45.49 58.74
C LEU I 72 51.28 44.80 59.75
N ARG I 73 50.59 44.07 60.66
CA ARG I 73 51.37 43.31 61.64
C ARG I 73 52.32 42.36 60.89
N ILE I 74 51.76 41.41 60.11
CA ILE I 74 52.66 40.39 59.52
C ILE I 74 53.65 40.95 58.50
N THR I 75 53.31 41.99 57.78
CA THR I 75 54.21 42.68 56.89
C THR I 75 55.35 43.26 57.71
N TYR I 76 55.00 43.96 58.80
CA TYR I 76 56.06 44.49 59.66
C TYR I 76 56.94 43.31 60.08
N LEU I 77 56.35 42.23 60.64
CA LEU I 77 57.17 41.18 61.18
C LEU I 77 58.01 40.49 60.10
N THR I 78 57.56 40.42 58.85
CA THR I 78 58.40 39.73 57.87
C THR I 78 59.33 40.70 57.17
N GLU I 79 59.29 41.98 57.44
CA GLU I 79 60.10 43.04 56.89
C GLU I 79 59.81 43.11 55.40
N THR I 80 58.55 42.90 55.02
CA THR I 80 58.13 42.81 53.64
C THR I 80 58.00 44.19 53.10
N LYS I 81 58.54 44.46 51.94
CA LYS I 81 58.45 45.82 51.41
C LYS I 81 57.00 46.19 51.11
N ILE I 82 56.60 47.44 51.42
CA ILE I 82 55.29 47.89 50.95
C ILE I 82 55.57 48.62 49.64
N ASP I 83 54.73 48.48 48.62
CA ASP I 83 54.96 49.22 47.40
C ASP I 83 54.22 50.55 47.54
N LYS I 84 52.89 50.52 47.53
CA LYS I 84 52.13 51.74 47.72
C LYS I 84 51.10 51.62 48.88
N LEU I 85 50.65 52.79 49.33
CA LEU I 85 49.60 52.96 50.28
C LEU I 85 48.65 53.98 49.67
N CYS I 86 47.40 53.63 49.56
CA CYS I 86 46.37 54.58 49.23
C CYS I 86 45.79 55.05 50.60
N VAL I 87 45.92 56.34 50.90
CA VAL I 87 45.49 56.94 52.14
C VAL I 87 44.55 58.14 52.06
N TRP I 88 43.60 58.25 53.01
CA TRP I 88 42.79 59.47 53.05
C TRP I 88 43.68 60.55 53.68
N ASN I 89 43.81 61.71 53.03
CA ASN I 89 44.65 62.79 53.52
C ASN I 89 43.89 63.85 54.31
N ASN I 90 42.61 63.64 54.57
CA ASN I 90 41.81 64.54 55.39
C ASN I 90 41.77 64.07 56.83
N LYS I 91 42.80 63.36 57.30
CA LYS I 91 43.01 62.90 58.65
C LYS I 91 44.49 63.07 59.00
N THR I 92 44.83 63.04 60.27
CA THR I 92 46.22 63.10 60.71
C THR I 92 46.37 62.12 61.86
N PRO I 93 47.27 61.14 61.76
CA PRO I 93 48.06 60.88 60.59
C PRO I 93 47.15 60.41 59.46
N ASN I 94 47.60 60.40 58.21
CA ASN I 94 46.74 59.96 57.13
C ASN I 94 46.22 58.54 57.36
N SER I 95 44.96 58.33 57.11
CA SER I 95 44.28 57.07 57.31
C SER I 95 44.36 56.03 56.17
N ILE I 96 44.86 54.82 56.52
CA ILE I 96 45.02 53.83 55.44
C ILE I 96 43.72 53.36 54.85
N ALA I 97 43.63 53.30 53.53
CA ALA I 97 42.48 52.80 52.78
C ALA I 97 42.90 51.55 51.96
N ALA I 98 44.17 51.46 51.57
CA ALA I 98 44.63 50.28 50.77
C ALA I 98 46.14 50.23 50.67
N ILE I 99 46.66 49.01 50.46
CA ILE I 99 48.11 48.81 50.46
C ILE I 99 48.48 47.86 49.31
N SER I 100 49.71 47.93 48.79
CA SER I 100 50.09 47.09 47.65
C SER I 100 51.54 46.73 47.91
N MET I 101 51.82 45.46 47.62
CA MET I 101 53.11 44.85 47.88
C MET I 101 53.61 44.15 46.62
N LYS I 102 54.88 44.25 46.31
CA LYS I 102 55.40 43.72 45.05
C LYS I 102 56.68 42.95 45.27
N ASN I 103 56.69 41.71 44.79
CA ASN I 103 57.79 40.77 44.98
C ASN I 103 58.41 41.00 46.37
N ALA J 1 32.26 14.24 46.29
CA ALA J 1 32.79 15.63 46.00
C ALA J 1 33.89 15.55 44.96
N PRO J 2 34.18 16.67 44.31
CA PRO J 2 35.27 16.73 43.34
C PRO J 2 36.57 16.40 44.03
N GLN J 3 37.51 15.91 43.27
CA GLN J 3 38.82 15.50 43.71
C GLN J 3 39.90 16.42 43.18
N THR J 4 39.59 17.25 42.17
CA THR J 4 40.61 18.18 41.72
C THR J 4 39.97 19.56 41.60
N ILE J 5 40.73 20.63 41.40
CA ILE J 5 40.23 21.98 41.19
C ILE J 5 39.51 22.07 39.84
N THR J 6 39.98 21.27 38.88
CA THR J 6 39.41 21.26 37.53
C THR J 6 38.04 20.57 37.55
N GLU J 7 37.98 19.45 38.26
CA GLU J 7 36.67 18.78 38.43
C GLU J 7 35.67 19.67 39.16
N LEU J 8 36.07 20.41 40.22
CA LEU J 8 35.20 21.31 40.96
C LEU J 8 34.78 22.47 40.06
N CYS J 9 35.76 23.07 39.36
CA CYS J 9 35.53 24.19 38.46
C CYS J 9 34.57 23.82 37.32
N SER J 10 34.69 22.60 36.83
CA SER J 10 33.79 22.23 35.72
C SER J 10 32.36 22.47 36.16
N GLU J 11 32.01 22.02 37.36
CA GLU J 11 30.68 22.20 37.91
C GLU J 11 30.04 23.55 37.80
N TYR J 12 30.74 24.66 37.63
CA TYR J 12 30.21 26.02 37.58
C TYR J 12 30.19 26.65 36.21
N ARG J 13 29.22 27.56 36.01
CA ARG J 13 29.13 28.24 34.75
C ARG J 13 29.99 29.50 34.80
N ASN J 14 30.39 29.96 33.60
CA ASN J 14 31.20 31.17 33.52
C ASN J 14 32.53 31.02 34.25
N THR J 15 33.14 29.83 34.23
CA THR J 15 34.43 29.60 34.85
C THR J 15 35.50 29.08 33.87
N GLN J 16 36.77 29.30 34.26
CA GLN J 16 37.85 28.68 33.53
C GLN J 16 38.99 28.43 34.52
N ILE J 17 39.83 27.51 34.19
CA ILE J 17 41.05 27.19 34.87
C ILE J 17 42.19 27.95 34.21
N TYR J 18 42.89 28.74 35.01
CA TYR J 18 44.12 29.36 34.58
C TYR J 18 45.27 28.49 35.12
N THR J 19 46.17 28.05 34.27
CA THR J 19 47.35 27.32 34.73
C THR J 19 48.47 28.35 34.88
N ILE J 20 48.73 28.74 36.13
CA ILE J 20 49.70 29.74 36.47
C ILE J 20 51.07 29.19 36.80
N ASN J 21 51.12 28.15 37.62
CA ASN J 21 52.39 27.65 38.15
C ASN J 21 53.46 28.71 38.47
N ASP J 22 53.14 29.68 39.33
CA ASP J 22 54.12 30.65 39.79
C ASP J 22 53.67 31.35 41.08
N LYS J 23 54.65 31.90 41.80
CA LYS J 23 54.26 32.72 42.96
C LYS J 23 53.56 34.00 42.48
N ILE J 24 52.93 34.71 43.41
CA ILE J 24 52.26 35.96 43.16
C ILE J 24 53.28 37.07 43.06
N LEU J 25 53.09 37.93 42.06
CA LEU J 25 53.98 39.06 41.83
C LEU J 25 53.62 40.19 42.81
N SER J 26 52.28 40.40 42.81
CA SER J 26 51.88 41.49 43.73
C SER J 26 50.54 41.21 44.39
N TYR J 27 50.32 41.68 45.57
CA TYR J 27 49.14 41.59 46.41
C TYR J 27 48.74 43.02 46.74
N THR J 28 47.48 43.35 46.55
CA THR J 28 46.93 44.65 46.84
C THR J 28 45.71 44.42 47.73
N GLU J 29 45.56 45.24 48.77
CA GLU J 29 44.38 45.00 49.65
C GLU J 29 43.69 46.32 50.00
N SER J 30 42.36 46.31 49.89
CA SER J 30 41.53 47.45 50.17
C SER J 30 40.44 47.24 51.23
N MET J 31 40.38 48.18 52.15
CA MET J 31 39.32 48.22 53.16
C MET J 31 38.40 49.42 52.88
N ALA J 32 38.49 50.02 51.70
CA ALA J 32 37.68 51.21 51.40
C ALA J 32 36.23 50.84 51.12
N GLY J 33 35.31 51.66 51.62
CA GLY J 33 33.87 51.37 51.46
C GLY J 33 33.49 50.95 50.07
N LYS J 34 32.84 49.80 49.92
CA LYS J 34 32.36 49.17 48.75
C LYS J 34 33.50 48.63 47.87
N ARG J 35 34.75 48.66 48.28
CA ARG J 35 35.85 48.04 47.56
C ARG J 35 36.62 47.15 48.56
N GLU J 36 35.82 46.37 49.34
CA GLU J 36 36.54 45.60 50.38
C GLU J 36 37.01 44.36 49.64
N MET J 37 38.22 44.38 49.14
CA MET J 37 38.69 43.34 48.21
C MET J 37 40.20 43.23 48.23
N VAL J 38 40.69 42.24 47.53
CA VAL J 38 42.07 41.85 47.31
C VAL J 38 42.31 41.66 45.80
N ILE J 39 43.49 42.01 45.35
CA ILE J 39 43.83 41.98 43.92
C ILE J 39 45.25 41.46 43.88
N ILE J 40 45.45 40.39 43.08
CA ILE J 40 46.79 39.86 42.95
C ILE J 40 47.19 39.90 41.48
N THR J 41 48.55 39.99 41.29
CA THR J 41 48.95 39.96 39.90
C THR J 41 50.09 38.94 39.77
N PHE J 42 50.21 38.43 38.52
CA PHE J 42 51.32 37.52 38.22
C PHE J 42 52.26 38.15 37.18
N LYS J 43 53.48 37.69 37.14
CA LYS J 43 54.54 38.09 36.21
C LYS J 43 54.16 37.97 34.74
N SER J 44 53.22 37.09 34.46
CA SER J 44 52.61 36.70 33.24
C SER J 44 51.65 37.73 32.70
N GLY J 45 51.38 38.79 33.45
CA GLY J 45 50.46 39.81 32.98
C GLY J 45 49.07 39.68 33.59
N GLU J 46 48.66 38.52 34.11
CA GLU J 46 47.32 38.44 34.65
C GLU J 46 47.10 39.09 36.00
N THR J 47 45.90 39.58 36.19
CA THR J 47 45.39 40.25 37.34
C THR J 47 44.17 39.47 37.84
N PHE J 48 43.98 39.30 39.15
CA PHE J 48 42.76 38.61 39.56
C PHE J 48 42.26 39.26 40.85
N GLN J 49 41.00 39.02 41.15
CA GLN J 49 40.34 39.51 42.33
C GLN J 49 39.57 38.46 43.14
N VAL J 50 39.43 38.73 44.43
CA VAL J 50 38.49 38.11 45.31
C VAL J 50 37.46 39.25 45.41
N GLU J 51 36.25 38.99 44.90
CA GLU J 51 35.27 40.06 44.91
C GLU J 51 34.85 40.50 46.32
N VAL J 52 34.37 41.71 46.38
CA VAL J 52 33.65 42.32 47.49
C VAL J 52 32.44 41.45 47.77
N PRO J 53 32.09 41.04 48.96
CA PRO J 53 30.91 40.25 49.28
C PRO J 53 29.65 40.93 48.79
N GLY J 54 28.66 40.18 48.30
CA GLY J 54 27.50 40.88 47.74
C GLY J 54 26.28 40.02 47.67
N SER J 55 25.18 40.50 47.06
CA SER J 55 23.99 39.68 46.90
C SER J 55 24.23 38.47 46.04
N GLN J 56 25.24 38.41 45.18
CA GLN J 56 25.54 37.19 44.44
C GLN J 56 25.97 36.03 45.33
N HIS J 57 26.58 36.29 46.50
CA HIS J 57 27.03 35.18 47.34
C HIS J 57 26.03 34.46 48.20
N ILE J 58 26.18 33.16 48.49
CA ILE J 58 25.28 32.47 49.39
C ILE J 58 25.91 32.63 50.79
N ASP J 59 25.15 32.43 51.85
CA ASP J 59 25.60 32.65 53.20
C ASP J 59 26.86 31.84 53.47
N SER J 60 26.91 30.59 53.05
CA SER J 60 28.09 29.74 53.26
C SER J 60 29.32 30.29 52.55
N GLN J 61 29.22 31.14 51.55
CA GLN J 61 30.37 31.80 50.93
C GLN J 61 31.02 32.92 51.74
N LYS J 62 30.40 33.50 52.75
CA LYS J 62 30.93 34.60 53.55
C LYS J 62 32.29 34.24 54.18
N LYS J 63 32.35 33.12 54.86
CA LYS J 63 33.52 32.65 55.56
C LYS J 63 34.53 32.14 54.50
N ALA J 64 34.01 31.67 53.37
CA ALA J 64 34.99 31.16 52.37
C ALA J 64 35.73 32.31 51.72
N ILE J 65 35.07 33.44 51.48
CA ILE J 65 35.64 34.64 50.94
C ILE J 65 36.72 35.23 51.87
N GLU J 66 36.44 35.22 53.19
CA GLU J 66 37.45 35.75 54.12
C GLU J 66 38.63 34.76 54.17
N ARG J 67 38.34 33.47 54.04
CA ARG J 67 39.44 32.51 54.01
C ARG J 67 40.32 32.67 52.77
N MET J 68 39.77 32.93 51.60
CA MET J 68 40.55 33.05 50.33
C MET J 68 41.52 34.21 50.36
N LYS J 69 40.91 35.32 50.90
CA LYS J 69 41.76 36.49 51.07
C LYS J 69 42.91 36.22 52.02
N ASP J 70 42.63 35.46 53.11
CA ASP J 70 43.76 35.14 54.01
C ASP J 70 44.83 34.26 53.34
N THR J 71 44.36 33.26 52.63
CA THR J 71 45.21 32.32 51.86
C THR J 71 46.05 33.12 50.84
N LEU J 72 45.44 34.04 50.08
CA LEU J 72 46.21 34.88 49.14
C LEU J 72 47.29 35.69 49.79
N ARG J 73 47.04 36.29 50.97
CA ARG J 73 48.07 37.05 51.68
C ARG J 73 49.28 36.21 52.07
N ILE J 74 49.02 35.09 52.76
CA ILE J 74 50.08 34.20 53.22
C ILE J 74 50.73 33.54 52.02
N THR J 75 50.03 33.30 50.89
CA THR J 75 50.70 32.69 49.72
C THR J 75 51.74 33.67 49.19
N TYR J 76 51.30 34.91 49.13
CA TYR J 76 52.15 35.98 48.65
C TYR J 76 53.39 36.16 49.50
N LEU J 77 53.23 36.49 50.77
CA LEU J 77 54.31 36.65 51.72
C LEU J 77 55.28 35.47 51.80
N THR J 78 54.80 34.24 51.60
CA THR J 78 55.69 33.08 51.64
C THR J 78 56.24 32.80 50.26
N GLU J 79 55.81 33.49 49.21
CA GLU J 79 56.26 33.28 47.84
C GLU J 79 55.93 31.86 47.42
N THR J 80 54.81 31.28 47.83
CA THR J 80 54.45 29.93 47.39
C THR J 80 53.91 30.01 45.98
N LYS J 81 54.28 29.08 45.13
CA LYS J 81 53.80 28.96 43.78
C LYS J 81 52.32 28.57 43.76
N ILE J 82 51.51 29.27 42.98
CA ILE J 82 50.13 28.88 42.76
C ILE J 82 50.20 27.99 41.49
N ASP J 83 49.58 26.84 41.52
CA ASP J 83 49.49 25.90 40.42
C ASP J 83 48.29 26.35 39.61
N LYS J 84 47.04 26.05 40.00
CA LYS J 84 45.94 26.54 39.16
C LYS J 84 44.97 27.44 39.93
N LEU J 85 44.20 28.23 39.17
CA LEU J 85 43.15 29.05 39.70
C LEU J 85 41.86 28.70 38.94
N CYS J 86 40.76 28.54 39.66
CA CYS J 86 39.46 28.37 39.08
C CYS J 86 38.80 29.76 39.18
N VAL J 87 38.68 30.48 38.08
CA VAL J 87 38.13 31.83 38.19
C VAL J 87 36.87 32.04 37.36
N TRP J 88 35.98 32.95 37.85
CA TRP J 88 34.82 33.28 37.03
C TRP J 88 35.25 34.39 36.05
N ASN J 89 34.91 34.20 34.77
CA ASN J 89 35.33 35.12 33.71
C ASN J 89 34.28 36.10 33.25
N ASN J 90 33.17 36.18 33.95
CA ASN J 90 32.14 37.17 33.70
C ASN J 90 32.43 38.38 34.58
N LYS J 91 33.67 38.58 35.00
CA LYS J 91 33.96 39.70 35.89
C LYS J 91 35.30 40.20 35.42
N THR J 92 35.65 41.42 35.68
CA THR J 92 36.90 42.03 35.36
C THR J 92 37.47 42.82 36.52
N PRO J 93 38.62 42.46 37.05
CA PRO J 93 39.40 41.29 36.65
C PRO J 93 38.70 40.02 37.01
N ASN J 94 39.06 38.89 36.43
CA ASN J 94 38.38 37.62 36.68
C ASN J 94 38.35 37.36 38.19
N SER J 95 37.40 36.57 38.62
CA SER J 95 37.16 36.48 40.04
C SER J 95 37.36 35.09 40.59
N ILE J 96 38.19 35.03 41.65
CA ILE J 96 38.63 33.70 42.10
C ILE J 96 37.50 32.93 42.79
N ALA J 97 37.33 31.70 42.33
CA ALA J 97 36.42 30.76 42.90
C ALA J 97 37.19 29.70 43.70
N ALA J 98 38.42 29.41 43.22
CA ALA J 98 39.18 28.33 43.82
C ALA J 98 40.65 28.36 43.43
N ILE J 99 41.55 27.95 44.31
CA ILE J 99 42.99 27.94 44.13
C ILE J 99 43.59 26.60 44.56
N SER J 100 44.63 26.15 43.88
CA SER J 100 45.42 24.97 44.16
C SER J 100 46.88 25.41 44.15
N MET J 101 47.73 24.77 44.89
CA MET J 101 49.13 24.94 45.06
C MET J 101 49.76 23.55 45.07
N LYS J 102 50.87 23.35 44.35
CA LYS J 102 51.54 22.07 44.36
C LYS J 102 53.05 22.26 44.59
N ASN J 103 53.56 21.26 45.32
CA ASN J 103 54.92 21.36 45.81
C ASN J 103 55.81 20.19 45.57
N ALA K 1 -9.36 -48.04 -10.56
CA ALA K 1 -10.12 -47.20 -11.54
C ALA K 1 -10.21 -47.90 -12.88
N PRO K 2 -10.84 -47.25 -13.85
CA PRO K 2 -10.93 -47.77 -15.19
C PRO K 2 -9.53 -48.14 -15.68
N GLN K 3 -9.53 -49.01 -16.67
CA GLN K 3 -8.36 -49.59 -17.30
C GLN K 3 -8.41 -49.44 -18.82
N THR K 4 -9.57 -49.04 -19.30
CA THR K 4 -9.86 -48.82 -20.70
C THR K 4 -10.71 -47.56 -20.83
N ILE K 5 -10.59 -46.89 -21.98
CA ILE K 5 -11.37 -45.69 -22.26
C ILE K 5 -12.84 -46.08 -22.36
N THR K 6 -13.05 -47.26 -22.89
CA THR K 6 -14.37 -47.87 -23.01
C THR K 6 -15.02 -47.89 -21.64
N GLU K 7 -14.40 -48.64 -20.74
CA GLU K 7 -14.85 -48.75 -19.35
C GLU K 7 -15.17 -47.36 -18.82
N LEU K 8 -14.14 -46.53 -18.71
CA LEU K 8 -14.21 -45.16 -18.24
C LEU K 8 -15.40 -44.40 -18.79
N CYS K 9 -15.55 -44.41 -20.11
CA CYS K 9 -16.66 -43.71 -20.76
C CYS K 9 -17.97 -44.16 -20.14
N SER K 10 -18.30 -45.43 -20.34
CA SER K 10 -19.49 -46.05 -19.78
C SER K 10 -19.89 -45.54 -18.41
N GLU K 11 -19.00 -45.48 -17.44
CA GLU K 11 -19.30 -44.97 -16.11
C GLU K 11 -20.16 -43.72 -16.11
N TYR K 12 -20.08 -42.79 -17.03
CA TYR K 12 -20.80 -41.55 -17.09
C TYR K 12 -22.10 -41.52 -17.88
N ARG K 13 -23.04 -40.66 -17.48
CA ARG K 13 -24.29 -40.56 -18.23
C ARG K 13 -24.15 -39.43 -19.26
N ASN K 14 -24.86 -39.62 -20.37
CA ASN K 14 -24.86 -38.70 -21.49
C ASN K 14 -23.58 -38.82 -22.31
N THR K 15 -22.96 -39.99 -22.36
CA THR K 15 -21.71 -40.14 -23.09
C THR K 15 -21.72 -41.10 -24.27
N GLN K 16 -20.62 -41.12 -25.01
CA GLN K 16 -20.55 -41.98 -26.20
C GLN K 16 -19.13 -42.09 -26.75
N ILE K 17 -18.74 -43.31 -27.14
CA ILE K 17 -17.44 -43.58 -27.74
C ILE K 17 -17.62 -43.45 -29.26
N TYR K 18 -16.53 -43.10 -29.94
CA TYR K 18 -16.49 -42.91 -31.38
C TYR K 18 -15.15 -43.38 -31.93
N THR K 19 -14.90 -44.67 -32.09
CA THR K 19 -13.62 -45.10 -32.67
C THR K 19 -13.31 -44.31 -33.93
N ILE K 20 -12.18 -43.61 -33.95
CA ILE K 20 -11.76 -42.81 -35.07
C ILE K 20 -10.66 -43.46 -35.89
N ASN K 21 -9.71 -44.10 -35.24
CA ASN K 21 -8.52 -44.64 -35.87
C ASN K 21 -8.10 -43.76 -37.04
N ASP K 22 -7.67 -42.53 -36.76
CA ASP K 22 -7.22 -41.59 -37.77
C ASP K 22 -6.54 -40.39 -37.13
N LYS K 23 -5.89 -39.56 -37.94
CA LYS K 23 -5.21 -38.38 -37.43
C LYS K 23 -6.27 -37.28 -37.33
N ILE K 24 -5.82 -36.14 -36.84
CA ILE K 24 -6.75 -35.01 -36.79
C ILE K 24 -6.65 -34.32 -38.17
N LEU K 25 -7.82 -33.96 -38.65
CA LEU K 25 -7.88 -33.28 -39.95
C LEU K 25 -7.71 -31.78 -39.75
N SER K 26 -8.41 -31.20 -38.79
CA SER K 26 -8.38 -29.76 -38.60
C SER K 26 -8.43 -29.38 -37.12
N TYR K 27 -7.53 -28.50 -36.74
CA TYR K 27 -7.43 -28.07 -35.35
C TYR K 27 -7.76 -26.58 -35.31
N THR K 28 -8.64 -26.24 -34.36
CA THR K 28 -9.05 -24.83 -34.29
C THR K 28 -8.89 -24.32 -32.87
N GLU K 29 -8.42 -23.09 -32.67
CA GLU K 29 -8.20 -22.69 -31.27
C GLU K 29 -8.66 -21.27 -31.05
N SER K 30 -9.55 -21.06 -30.06
CA SER K 30 -9.91 -19.65 -29.95
C SER K 30 -9.62 -19.04 -28.60
N MET K 31 -9.12 -17.80 -28.65
CA MET K 31 -8.94 -17.07 -27.40
C MET K 31 -9.88 -15.88 -27.25
N ALA K 32 -11.07 -15.94 -27.84
CA ALA K 32 -11.91 -14.72 -27.65
C ALA K 32 -12.82 -14.87 -26.45
N GLY K 33 -12.87 -13.85 -25.60
CA GLY K 33 -13.75 -13.88 -24.42
C GLY K 33 -15.10 -14.49 -24.80
N LYS K 34 -15.46 -15.49 -24.04
CA LYS K 34 -16.61 -16.36 -24.07
C LYS K 34 -16.45 -17.51 -25.06
N ARG K 35 -15.38 -17.46 -25.86
CA ARG K 35 -15.11 -18.50 -26.84
C ARG K 35 -13.69 -19.02 -26.76
N GLU K 36 -13.22 -19.17 -25.51
CA GLU K 36 -11.88 -19.72 -25.24
C GLU K 36 -11.95 -21.26 -25.31
N MET K 37 -11.75 -21.85 -26.51
CA MET K 37 -11.93 -23.30 -26.65
C MET K 37 -11.23 -24.01 -27.79
N VAL K 38 -11.31 -25.34 -27.91
CA VAL K 38 -10.72 -26.03 -29.04
C VAL K 38 -11.74 -26.90 -29.77
N ILE K 39 -11.73 -26.88 -31.10
CA ILE K 39 -12.61 -27.74 -31.92
C ILE K 39 -11.74 -28.56 -32.86
N ILE K 40 -12.02 -29.85 -33.02
CA ILE K 40 -11.27 -30.65 -33.98
C ILE K 40 -12.25 -31.32 -34.97
N THR K 41 -11.80 -31.66 -36.16
CA THR K 41 -12.52 -32.39 -37.16
C THR K 41 -11.61 -33.52 -37.69
N PHE K 42 -12.27 -34.49 -38.27
CA PHE K 42 -11.66 -35.66 -38.87
C PHE K 42 -12.25 -35.90 -40.26
N LYS K 43 -11.61 -36.77 -41.03
CA LYS K 43 -12.02 -37.18 -42.37
C LYS K 43 -13.52 -37.47 -42.44
N SER K 44 -13.97 -38.33 -41.54
CA SER K 44 -15.30 -38.80 -41.28
C SER K 44 -16.39 -37.74 -41.34
N GLY K 45 -16.14 -36.51 -40.92
CA GLY K 45 -17.11 -35.43 -40.99
C GLY K 45 -17.42 -34.84 -39.61
N GLU K 46 -17.12 -35.64 -38.60
CA GLU K 46 -17.31 -35.29 -37.21
C GLU K 46 -16.55 -34.04 -36.80
N THR K 47 -17.17 -33.32 -35.89
CA THR K 47 -16.59 -32.09 -35.32
C THR K 47 -16.74 -32.25 -33.80
N PHE K 48 -15.64 -32.17 -33.06
CA PHE K 48 -15.69 -32.27 -31.60
C PHE K 48 -15.09 -31.02 -30.93
N GLN K 49 -15.52 -30.71 -29.72
CA GLN K 49 -15.00 -29.59 -28.99
C GLN K 49 -14.44 -29.98 -27.62
N VAL K 50 -13.70 -29.01 -27.10
CA VAL K 50 -13.24 -28.93 -25.74
C VAL K 50 -14.00 -27.70 -25.23
N GLU K 51 -15.03 -27.93 -24.42
CA GLU K 51 -15.88 -26.83 -24.01
C GLU K 51 -15.15 -25.76 -23.21
N VAL K 52 -15.75 -24.57 -23.22
CA VAL K 52 -15.21 -23.46 -22.43
C VAL K 52 -15.43 -23.82 -20.96
N PRO K 53 -14.40 -23.60 -20.13
CA PRO K 53 -14.46 -23.86 -18.70
C PRO K 53 -15.67 -23.14 -18.10
N GLY K 54 -16.60 -23.88 -17.50
CA GLY K 54 -17.78 -23.24 -16.95
C GLY K 54 -18.26 -23.75 -15.60
N SER K 55 -19.56 -23.60 -15.35
CA SER K 55 -20.20 -24.02 -14.12
C SER K 55 -20.42 -25.52 -14.01
N GLN K 56 -20.40 -26.24 -15.12
CA GLN K 56 -20.57 -27.67 -15.17
C GLN K 56 -19.30 -28.42 -14.76
N HIS K 57 -18.22 -27.68 -14.62
CA HIS K 57 -16.93 -28.22 -14.26
C HIS K 57 -16.56 -28.11 -12.79
N ILE K 58 -15.89 -29.16 -12.34
CA ILE K 58 -15.41 -29.28 -10.99
C ILE K 58 -13.90 -29.11 -10.87
N ASP K 59 -13.50 -28.35 -9.88
CA ASP K 59 -12.13 -28.06 -9.53
C ASP K 59 -11.04 -28.73 -10.37
N SER K 60 -10.90 -30.02 -10.21
CA SER K 60 -9.97 -30.91 -10.82
C SER K 60 -10.12 -31.09 -12.32
N GLN K 61 -11.13 -30.49 -12.91
CA GLN K 61 -11.34 -30.52 -14.34
C GLN K 61 -10.61 -29.33 -14.96
N LYS K 62 -10.45 -28.22 -14.22
CA LYS K 62 -9.73 -27.08 -14.76
C LYS K 62 -8.37 -27.49 -15.25
N LYS K 63 -7.46 -28.14 -14.53
CA LYS K 63 -6.19 -28.54 -15.13
C LYS K 63 -6.38 -29.63 -16.19
N ALA K 64 -7.31 -30.57 -16.08
CA ALA K 64 -7.39 -31.61 -17.11
C ALA K 64 -7.91 -31.03 -18.42
N ILE K 65 -8.67 -29.93 -18.43
CA ILE K 65 -9.10 -29.32 -19.69
C ILE K 65 -7.88 -28.76 -20.46
N GLU K 66 -7.07 -27.98 -19.72
CA GLU K 66 -5.89 -27.40 -20.40
C GLU K 66 -5.01 -28.50 -20.96
N ARG K 67 -4.81 -29.58 -20.19
CA ARG K 67 -4.01 -30.69 -20.64
C ARG K 67 -4.63 -31.36 -21.88
N MET K 68 -5.96 -31.43 -21.93
CA MET K 68 -6.57 -32.04 -23.12
C MET K 68 -6.28 -31.17 -24.33
N LYS K 69 -6.41 -29.84 -24.17
CA LYS K 69 -6.19 -28.94 -25.32
C LYS K 69 -4.74 -29.06 -25.81
N ASP K 70 -3.82 -29.22 -24.85
CA ASP K 70 -2.42 -29.50 -25.11
C ASP K 70 -2.31 -30.77 -25.94
N THR K 71 -2.93 -31.84 -25.45
CA THR K 71 -2.78 -33.15 -26.15
C THR K 71 -3.29 -33.09 -27.59
N LEU K 72 -4.45 -32.48 -27.81
CA LEU K 72 -5.03 -32.32 -29.14
C LEU K 72 -4.08 -31.57 -30.03
N ARG K 73 -3.56 -30.41 -29.69
CA ARG K 73 -2.62 -29.64 -30.48
C ARG K 73 -1.39 -30.42 -30.94
N ILE K 74 -0.70 -31.05 -29.98
CA ILE K 74 0.52 -31.73 -30.40
C ILE K 74 0.21 -32.99 -31.21
N THR K 75 -0.91 -33.62 -30.95
CA THR K 75 -1.26 -34.85 -31.66
C THR K 75 -1.60 -34.46 -33.08
N TYR K 76 -2.25 -33.31 -33.21
CA TYR K 76 -2.52 -32.73 -34.54
C TYR K 76 -1.21 -32.44 -35.26
N LEU K 77 -0.34 -31.63 -34.67
CA LEU K 77 0.94 -31.30 -35.32
C LEU K 77 1.74 -32.54 -35.67
N THR K 78 1.76 -33.61 -34.88
CA THR K 78 2.59 -34.77 -35.13
C THR K 78 1.97 -35.73 -36.15
N GLU K 79 0.68 -35.49 -36.44
CA GLU K 79 -0.04 -36.35 -37.38
C GLU K 79 -0.02 -37.72 -36.70
N THR K 80 -0.59 -37.67 -35.50
CA THR K 80 -0.62 -38.86 -34.65
C THR K 80 -2.04 -39.39 -34.72
N LYS K 81 -2.11 -40.69 -34.97
CA LYS K 81 -3.39 -41.36 -35.15
C LYS K 81 -4.22 -41.49 -33.90
N ILE K 82 -5.46 -41.07 -33.90
CA ILE K 82 -6.37 -41.14 -32.77
C ILE K 82 -7.30 -42.37 -32.83
N ASP K 83 -7.35 -43.06 -31.68
CA ASP K 83 -8.18 -44.23 -31.53
C ASP K 83 -9.61 -43.85 -31.17
N LYS K 84 -9.96 -43.79 -29.89
CA LYS K 84 -11.35 -43.45 -29.60
C LYS K 84 -11.46 -42.06 -29.00
N LEU K 85 -12.70 -41.61 -28.90
CA LEU K 85 -13.00 -40.34 -28.26
C LEU K 85 -14.25 -40.58 -27.41
N CYS K 86 -14.16 -40.50 -26.09
CA CYS K 86 -15.39 -40.67 -25.32
C CYS K 86 -15.98 -39.28 -25.20
N VAL K 87 -17.17 -39.01 -25.72
CA VAL K 87 -17.69 -37.65 -25.63
C VAL K 87 -19.00 -37.52 -24.87
N TRP K 88 -19.35 -36.25 -24.65
CA TRP K 88 -20.61 -35.84 -24.04
C TRP K 88 -21.49 -35.43 -25.23
N ASN K 89 -22.50 -36.26 -25.52
CA ASN K 89 -23.37 -36.02 -26.67
C ASN K 89 -24.62 -35.21 -26.37
N ASN K 90 -24.64 -34.52 -25.25
CA ASN K 90 -25.74 -33.62 -24.91
C ASN K 90 -25.27 -32.21 -25.20
N LYS K 91 -24.26 -32.10 -26.04
CA LYS K 91 -23.69 -30.83 -26.47
C LYS K 91 -23.48 -30.88 -27.98
N THR K 92 -23.30 -29.72 -28.57
CA THR K 92 -23.07 -29.51 -29.99
C THR K 92 -22.02 -28.44 -30.23
N PRO K 93 -20.90 -28.80 -30.84
CA PRO K 93 -20.59 -30.15 -31.27
C PRO K 93 -20.38 -31.09 -30.10
N ASN K 94 -20.23 -32.39 -30.30
CA ASN K 94 -20.02 -33.29 -29.16
C ASN K 94 -18.85 -32.82 -28.31
N SER K 95 -18.89 -33.04 -26.99
CA SER K 95 -17.84 -32.54 -26.11
C SER K 95 -16.93 -33.63 -25.58
N ILE K 96 -15.65 -33.56 -25.92
CA ILE K 96 -14.65 -34.53 -25.49
C ILE K 96 -14.48 -34.58 -23.98
N ALA K 97 -14.58 -35.80 -23.46
CA ALA K 97 -14.41 -36.10 -22.05
C ALA K 97 -13.13 -36.94 -21.88
N ALA K 98 -12.75 -37.66 -22.94
CA ALA K 98 -11.54 -38.47 -22.85
C ALA K 98 -11.02 -38.85 -24.24
N ILE K 99 -9.79 -39.35 -24.30
CA ILE K 99 -9.14 -39.69 -25.56
C ILE K 99 -8.26 -40.92 -25.32
N SER K 100 -7.76 -41.54 -26.36
CA SER K 100 -6.90 -42.69 -26.31
C SER K 100 -6.32 -42.79 -27.72
N MET K 101 -5.08 -43.19 -27.82
CA MET K 101 -4.48 -43.27 -29.18
C MET K 101 -3.53 -44.46 -29.05
N LYS K 102 -3.40 -45.31 -30.06
CA LYS K 102 -2.55 -46.51 -29.95
C LYS K 102 -1.62 -46.63 -31.13
N ASN K 103 -0.42 -47.10 -30.83
CA ASN K 103 0.65 -47.22 -31.80
C ASN K 103 0.95 -48.71 -31.92
N ALA L 1 20.27 -38.41 -1.61
CA ALA L 1 19.03 -39.12 -2.05
C ALA L 1 19.39 -40.33 -2.90
N PRO L 2 18.39 -41.00 -3.41
CA PRO L 2 18.60 -42.09 -4.34
C PRO L 2 19.44 -41.74 -5.57
N GLN L 3 20.04 -42.81 -6.12
CA GLN L 3 20.85 -42.81 -7.32
C GLN L 3 20.09 -43.66 -8.34
N THR L 4 19.06 -44.42 -7.98
CA THR L 4 18.46 -45.30 -8.94
C THR L 4 16.96 -45.46 -8.75
N ILE L 5 16.27 -45.72 -9.87
CA ILE L 5 14.84 -45.96 -9.67
C ILE L 5 14.61 -47.11 -8.68
N THR L 6 15.40 -48.19 -8.68
CA THR L 6 15.15 -49.29 -7.72
C THR L 6 15.46 -48.90 -6.28
N GLU L 7 16.65 -48.37 -6.01
CA GLU L 7 16.91 -47.84 -4.66
C GLU L 7 15.71 -46.97 -4.25
N LEU L 8 15.54 -45.84 -4.93
CA LEU L 8 14.38 -44.99 -4.69
C LEU L 8 13.09 -45.78 -4.53
N CYS L 9 12.73 -46.74 -5.40
CA CYS L 9 11.47 -47.47 -5.26
C CYS L 9 11.31 -48.20 -3.91
N SER L 10 12.44 -48.69 -3.42
CA SER L 10 12.63 -49.47 -2.22
C SER L 10 12.48 -48.69 -0.90
N GLU L 11 12.17 -47.39 -0.97
CA GLU L 11 12.01 -46.62 0.24
C GLU L 11 10.53 -46.63 0.61
N TYR L 12 9.71 -47.12 -0.31
CA TYR L 12 8.26 -47.16 -0.17
C TYR L 12 7.67 -48.54 0.02
N ARG L 13 6.55 -48.56 0.70
CA ARG L 13 5.79 -49.78 0.97
C ARG L 13 4.78 -49.95 -0.15
N ASN L 14 4.42 -51.20 -0.46
CA ASN L 14 3.44 -51.57 -1.46
C ASN L 14 3.83 -51.06 -2.84
N THR L 15 5.13 -51.18 -3.11
CA THR L 15 5.74 -50.77 -4.34
C THR L 15 6.66 -51.87 -4.92
N GLN L 16 6.71 -51.93 -6.24
CA GLN L 16 7.58 -52.85 -6.94
C GLN L 16 8.04 -52.29 -8.30
N ILE L 17 9.10 -52.89 -8.82
CA ILE L 17 9.65 -52.59 -10.10
C ILE L 17 9.27 -53.60 -11.21
N TYR L 18 8.52 -53.10 -12.19
CA TYR L 18 8.19 -53.88 -13.38
C TYR L 18 9.29 -53.56 -14.39
N THR L 19 10.05 -54.50 -14.93
CA THR L 19 11.01 -54.05 -15.96
C THR L 19 10.23 -54.00 -17.27
N ILE L 20 10.09 -52.81 -17.87
CA ILE L 20 9.28 -52.75 -19.10
C ILE L 20 10.06 -52.83 -20.39
N ASN L 21 11.14 -52.10 -20.61
CA ASN L 21 11.91 -52.18 -21.85
C ASN L 21 11.03 -52.34 -23.09
N ASP L 22 10.22 -51.32 -23.33
CA ASP L 22 9.31 -51.20 -24.44
C ASP L 22 8.55 -49.86 -24.46
N LYS L 23 8.45 -49.30 -25.66
CA LYS L 23 7.69 -48.07 -25.87
C LYS L 23 6.22 -48.33 -25.51
N ILE L 24 5.48 -47.26 -25.29
CA ILE L 24 4.08 -47.41 -24.93
C ILE L 24 3.23 -47.90 -26.12
N LEU L 25 2.28 -48.78 -25.85
CA LEU L 25 1.38 -49.27 -26.86
C LEU L 25 0.19 -48.30 -26.95
N SER L 26 -0.41 -48.05 -25.81
CA SER L 26 -1.60 -47.24 -25.69
C SER L 26 -1.51 -46.04 -24.75
N TYR L 27 -1.89 -44.83 -25.14
CA TYR L 27 -1.94 -43.71 -24.22
C TYR L 27 -3.41 -43.33 -24.12
N THR L 28 -3.93 -43.22 -22.90
CA THR L 28 -5.30 -42.77 -22.68
C THR L 28 -5.34 -41.59 -21.72
N GLU L 29 -6.19 -40.59 -21.97
CA GLU L 29 -6.18 -39.45 -21.05
C GLU L 29 -7.56 -38.99 -20.65
N SER L 30 -7.89 -38.70 -19.39
CA SER L 30 -9.27 -38.27 -19.21
C SER L 30 -9.43 -36.95 -18.46
N MET L 31 -10.42 -36.16 -18.87
CA MET L 31 -10.79 -34.92 -18.24
C MET L 31 -12.21 -35.04 -17.68
N ALA L 32 -12.68 -36.26 -17.45
CA ALA L 32 -14.04 -36.41 -16.91
C ALA L 32 -14.10 -36.20 -15.41
N GLY L 33 -14.91 -35.26 -14.93
CA GLY L 33 -15.03 -35.07 -13.48
C GLY L 33 -14.84 -36.32 -12.66
N LYS L 34 -13.82 -36.41 -11.81
CA LYS L 34 -13.48 -37.53 -10.97
C LYS L 34 -12.63 -38.60 -11.64
N ARG L 35 -12.49 -38.55 -12.94
CA ARG L 35 -11.62 -39.46 -13.67
C ARG L 35 -10.57 -38.65 -14.42
N GLU L 36 -10.01 -37.63 -13.73
CA GLU L 36 -8.95 -36.84 -14.38
C GLU L 36 -7.66 -37.63 -14.26
N MET L 37 -7.37 -38.57 -15.14
CA MET L 37 -6.19 -39.42 -15.06
C MET L 37 -5.61 -39.82 -16.40
N VAL L 38 -4.52 -40.56 -16.43
CA VAL L 38 -3.91 -41.09 -17.63
C VAL L 38 -3.74 -42.60 -17.44
N ILE L 39 -3.96 -43.35 -18.52
CA ILE L 39 -3.76 -44.77 -18.54
C ILE L 39 -2.91 -45.09 -19.78
N ILE L 40 -1.93 -45.92 -19.52
CA ILE L 40 -1.06 -46.41 -20.58
C ILE L 40 -1.08 -47.94 -20.60
N THR L 41 -0.81 -48.52 -21.77
CA THR L 41 -0.77 -49.98 -21.87
C THR L 41 0.49 -50.37 -22.65
N PHE L 42 0.86 -51.64 -22.50
CA PHE L 42 2.01 -52.16 -23.22
C PHE L 42 1.67 -53.49 -23.92
N LYS L 43 2.59 -53.86 -24.78
CA LYS L 43 2.60 -55.05 -25.62
C LYS L 43 2.37 -56.31 -24.80
N SER L 44 3.10 -56.36 -23.69
CA SER L 44 3.02 -57.34 -22.65
C SER L 44 1.63 -57.48 -22.05
N GLY L 45 0.77 -56.49 -22.26
CA GLY L 45 -0.58 -56.44 -21.77
C GLY L 45 -0.66 -55.70 -20.44
N GLU L 46 0.48 -55.28 -19.91
CA GLU L 46 0.54 -54.54 -18.66
C GLU L 46 -0.20 -53.22 -18.84
N THR L 47 -0.91 -52.85 -17.78
CA THR L 47 -1.70 -51.62 -17.76
C THR L 47 -1.42 -50.83 -16.49
N PHE L 48 -0.94 -49.61 -16.68
CA PHE L 48 -0.55 -48.68 -15.64
C PHE L 48 -1.37 -47.40 -15.63
N GLN L 49 -1.43 -46.80 -14.44
CA GLN L 49 -2.13 -45.54 -14.32
C GLN L 49 -1.22 -44.52 -13.63
N VAL L 50 -1.76 -43.33 -13.61
CA VAL L 50 -1.24 -42.16 -12.93
C VAL L 50 -2.59 -41.79 -12.35
N GLU L 51 -2.75 -41.89 -11.05
CA GLU L 51 -4.05 -41.75 -10.45
C GLU L 51 -4.61 -40.35 -10.38
N VAL L 52 -5.91 -40.29 -10.15
CA VAL L 52 -6.54 -38.98 -9.89
C VAL L 52 -5.80 -38.46 -8.65
N PRO L 53 -5.40 -37.20 -8.68
CA PRO L 53 -4.70 -36.62 -7.52
C PRO L 53 -5.70 -36.65 -6.37
N GLY L 54 -5.30 -37.13 -5.19
CA GLY L 54 -6.27 -37.18 -4.09
C GLY L 54 -5.81 -36.89 -2.68
N SER L 55 -6.44 -37.58 -1.72
CA SER L 55 -6.14 -37.39 -0.31
C SER L 55 -4.90 -38.19 0.10
N GLN L 56 -4.36 -39.07 -0.71
CA GLN L 56 -3.16 -39.82 -0.34
C GLN L 56 -1.83 -39.23 -0.80
N HIS L 57 -1.89 -38.27 -1.74
CA HIS L 57 -0.74 -37.52 -2.23
C HIS L 57 -0.46 -36.33 -1.31
N ILE L 58 0.80 -35.91 -1.16
CA ILE L 58 1.08 -34.72 -0.37
C ILE L 58 1.18 -33.52 -1.33
N ASP L 59 1.19 -32.30 -0.81
CA ASP L 59 1.28 -31.08 -1.59
C ASP L 59 2.39 -31.17 -2.62
N SER L 60 3.60 -31.59 -2.33
CA SER L 60 4.75 -31.69 -3.17
C SER L 60 4.67 -32.62 -4.36
N GLN L 61 3.74 -33.58 -4.32
CA GLN L 61 3.54 -34.52 -5.43
C GLN L 61 2.60 -33.94 -6.48
N LYS L 62 1.87 -32.92 -6.08
CA LYS L 62 0.86 -32.34 -6.95
C LYS L 62 1.42 -31.91 -8.30
N LYS L 63 2.55 -31.20 -8.36
CA LYS L 63 3.15 -30.84 -9.63
C LYS L 63 3.82 -32.08 -10.22
N ALA L 64 4.40 -32.96 -9.39
CA ALA L 64 5.10 -34.15 -9.82
C ALA L 64 4.14 -35.06 -10.59
N ILE L 65 2.90 -35.12 -10.19
CA ILE L 65 1.86 -35.87 -10.88
C ILE L 65 1.55 -35.28 -12.24
N GLU L 66 1.53 -33.94 -12.32
CA GLU L 66 1.22 -33.30 -13.61
C GLU L 66 2.43 -33.54 -14.48
N ARG L 67 3.65 -33.43 -13.95
CA ARG L 67 4.86 -33.69 -14.73
C ARG L 67 4.87 -35.12 -15.28
N MET L 68 4.38 -36.07 -14.47
CA MET L 68 4.42 -37.49 -14.84
C MET L 68 3.54 -37.73 -16.05
N LYS L 69 2.35 -37.16 -16.20
CA LYS L 69 1.52 -37.27 -17.38
C LYS L 69 2.11 -36.56 -18.61
N ASP L 70 2.86 -35.48 -18.41
CA ASP L 70 3.63 -34.78 -19.41
C ASP L 70 4.66 -35.78 -19.99
N THR L 71 5.45 -36.36 -19.12
CA THR L 71 6.45 -37.36 -19.53
C THR L 71 5.80 -38.59 -20.19
N LEU L 72 4.68 -39.12 -19.75
CA LEU L 72 4.09 -40.26 -20.47
C LEU L 72 3.61 -39.79 -21.85
N ARG L 73 2.95 -38.60 -21.93
CA ARG L 73 2.46 -38.11 -23.19
C ARG L 73 3.62 -37.95 -24.19
N ILE L 74 4.67 -37.19 -23.80
CA ILE L 74 5.76 -37.03 -24.77
C ILE L 74 6.33 -38.41 -25.05
N THR L 75 6.70 -39.17 -24.04
CA THR L 75 7.13 -40.57 -24.24
C THR L 75 6.36 -41.37 -25.25
N TYR L 76 5.04 -41.42 -25.29
CA TYR L 76 4.20 -42.14 -26.21
C TYR L 76 4.25 -41.64 -27.65
N LEU L 77 4.42 -40.32 -27.81
CA LEU L 77 4.46 -39.63 -29.09
C LEU L 77 5.82 -39.82 -29.73
N THR L 78 6.88 -39.92 -28.97
CA THR L 78 8.20 -40.13 -29.56
C THR L 78 8.56 -41.62 -29.54
N GLU L 79 7.63 -42.50 -29.13
CA GLU L 79 7.96 -43.92 -29.14
C GLU L 79 9.30 -44.08 -28.40
N THR L 80 9.43 -43.41 -27.26
CA THR L 80 10.67 -43.48 -26.50
C THR L 80 10.52 -44.76 -25.65
N LYS L 81 11.65 -45.39 -25.42
CA LYS L 81 11.68 -46.63 -24.69
C LYS L 81 11.80 -46.46 -23.19
N ILE L 82 10.75 -46.79 -22.51
CA ILE L 82 10.70 -46.80 -21.07
C ILE L 82 11.55 -47.97 -20.55
N ASP L 83 12.23 -47.72 -19.45
CA ASP L 83 13.02 -48.79 -18.86
C ASP L 83 12.25 -49.45 -17.71
N LYS L 84 12.34 -48.88 -16.51
CA LYS L 84 11.58 -49.42 -15.40
C LYS L 84 10.45 -48.51 -14.96
N LEU L 85 9.48 -49.09 -14.30
CA LEU L 85 8.33 -48.44 -13.74
C LEU L 85 8.18 -48.82 -12.26
N CYS L 86 8.42 -47.84 -11.40
CA CYS L 86 8.23 -48.11 -9.96
C CYS L 86 6.75 -47.90 -9.74
N VAL L 87 6.00 -48.93 -9.37
CA VAL L 87 4.56 -48.77 -9.20
C VAL L 87 3.98 -49.11 -7.84
N TRP L 88 2.88 -48.46 -7.50
CA TRP L 88 2.19 -48.78 -6.25
C TRP L 88 1.25 -49.96 -6.51
N ASN L 89 1.70 -51.18 -6.18
CA ASN L 89 0.85 -52.35 -6.38
C ASN L 89 -0.46 -52.28 -5.65
N ASN L 90 -0.73 -51.71 -4.50
CA ASN L 90 -2.04 -51.71 -3.86
C ASN L 90 -3.16 -50.98 -4.58
N LYS L 91 -3.06 -50.79 -5.88
CA LYS L 91 -3.99 -50.15 -6.75
C LYS L 91 -4.23 -50.94 -8.03
N THR L 92 -5.39 -50.69 -8.61
CA THR L 92 -5.70 -51.32 -9.91
C THR L 92 -6.27 -50.40 -10.95
N PRO L 93 -5.64 -50.18 -12.09
CA PRO L 93 -4.36 -50.72 -12.43
C PRO L 93 -3.27 -50.14 -11.55
N ASN L 94 -2.12 -50.76 -11.66
CA ASN L 94 -0.98 -50.31 -10.84
C ASN L 94 -0.66 -48.84 -11.07
N SER L 95 -0.32 -48.09 -10.02
CA SER L 95 -0.06 -46.68 -9.97
C SER L 95 1.36 -46.21 -10.25
N ILE L 96 1.66 -45.45 -11.30
CA ILE L 96 3.03 -45.00 -11.49
C ILE L 96 3.48 -44.05 -10.38
N ALA L 97 4.71 -44.27 -9.95
CA ALA L 97 5.42 -43.56 -8.93
C ALA L 97 6.70 -42.90 -9.43
N ALA L 98 7.55 -43.63 -10.10
CA ALA L 98 8.78 -43.22 -10.74
C ALA L 98 8.89 -43.92 -12.11
N ILE L 99 9.63 -43.34 -13.05
CA ILE L 99 9.82 -43.91 -14.40
C ILE L 99 11.27 -43.73 -14.75
N SER L 100 11.89 -44.50 -15.59
CA SER L 100 13.33 -44.39 -15.88
C SER L 100 13.47 -44.74 -17.37
N MET L 101 14.36 -44.12 -18.10
CA MET L 101 14.43 -44.37 -19.54
C MET L 101 15.93 -44.39 -19.88
N LYS L 102 16.40 -45.27 -20.78
CA LYS L 102 17.82 -45.27 -21.07
C LYS L 102 18.13 -45.58 -22.53
N ASN L 103 19.24 -45.05 -23.02
CA ASN L 103 19.59 -45.26 -24.43
C ASN L 103 21.07 -45.63 -24.63
N ALA M 1 26.40 -9.87 -14.93
CA ALA M 1 26.22 -11.28 -14.53
C ALA M 1 27.17 -12.19 -15.29
N PRO M 2 27.32 -13.41 -14.80
CA PRO M 2 28.18 -14.37 -15.46
C PRO M 2 27.85 -14.47 -16.96
N GLN M 3 28.89 -14.67 -17.71
CA GLN M 3 29.08 -14.81 -19.11
C GLN M 3 29.24 -16.31 -19.38
N THR M 4 29.78 -17.05 -18.39
CA THR M 4 29.94 -18.48 -18.64
C THR M 4 29.39 -19.37 -17.53
N ILE M 5 29.31 -20.67 -17.89
CA ILE M 5 28.81 -21.63 -16.93
C ILE M 5 29.89 -21.74 -15.82
N THR M 6 31.15 -21.72 -16.23
CA THR M 6 32.26 -21.72 -15.30
C THR M 6 32.35 -20.49 -14.42
N GLU M 7 32.18 -19.28 -14.90
CA GLU M 7 32.15 -18.12 -14.03
C GLU M 7 30.94 -18.22 -13.08
N LEU M 8 29.82 -18.82 -13.49
CA LEU M 8 28.64 -18.88 -12.63
C LEU M 8 28.87 -19.83 -11.45
N CYS M 9 29.35 -21.02 -11.73
CA CYS M 9 29.70 -22.05 -10.77
C CYS M 9 30.82 -21.58 -9.86
N SER M 10 31.65 -20.64 -10.34
CA SER M 10 32.68 -19.99 -9.56
C SER M 10 32.08 -19.05 -8.52
N GLU M 11 30.83 -18.62 -8.46
CA GLU M 11 30.41 -17.72 -7.38
C GLU M 11 29.79 -18.45 -6.19
N TYR M 12 29.73 -19.78 -6.21
CA TYR M 12 29.10 -20.61 -5.19
C TYR M 12 30.09 -21.48 -4.42
N ARG M 13 29.79 -21.73 -3.15
CA ARG M 13 30.60 -22.64 -2.35
C ARG M 13 30.08 -24.04 -2.73
N ASN M 14 30.93 -24.99 -2.38
CA ASN M 14 30.66 -26.41 -2.56
C ASN M 14 30.17 -26.83 -3.94
N THR M 15 30.65 -26.25 -5.03
CA THR M 15 30.29 -26.60 -6.40
C THR M 15 31.52 -26.93 -7.27
N GLN M 16 31.33 -27.79 -8.27
CA GLN M 16 32.38 -28.09 -9.21
C GLN M 16 31.72 -28.23 -10.58
N ILE M 17 32.59 -28.14 -11.58
CA ILE M 17 32.25 -28.22 -12.97
C ILE M 17 32.51 -29.67 -13.41
N TYR M 18 31.51 -30.34 -13.94
CA TYR M 18 31.70 -31.60 -14.60
C TYR M 18 31.52 -31.43 -16.12
N THR M 19 32.62 -31.68 -16.83
CA THR M 19 32.60 -31.55 -18.29
C THR M 19 32.20 -32.92 -18.79
N ILE M 20 30.96 -33.02 -19.23
CA ILE M 20 30.28 -34.23 -19.65
C ILE M 20 30.40 -34.55 -21.13
N ASN M 21 30.18 -33.58 -22.02
CA ASN M 21 30.28 -33.72 -23.45
C ASN M 21 29.76 -35.06 -23.90
N ASP M 22 28.48 -35.31 -23.68
CA ASP M 22 27.81 -36.55 -24.08
C ASP M 22 26.33 -36.40 -23.67
N LYS M 23 25.51 -37.03 -24.48
CA LYS M 23 24.09 -37.08 -24.11
C LYS M 23 23.88 -37.85 -22.80
N ILE M 24 22.68 -37.77 -22.29
CA ILE M 24 22.16 -38.43 -21.12
C ILE M 24 21.88 -39.90 -21.46
N LEU M 25 22.36 -40.83 -20.64
CA LEU M 25 22.08 -42.24 -20.91
C LEU M 25 20.76 -42.59 -20.24
N SER M 26 20.62 -42.08 -19.00
CA SER M 26 19.42 -42.42 -18.25
C SER M 26 18.70 -41.21 -17.66
N TYR M 27 17.38 -41.28 -17.64
CA TYR M 27 16.53 -40.21 -17.18
C TYR M 27 15.53 -40.83 -16.23
N THR M 28 15.63 -40.45 -14.96
CA THR M 28 14.66 -41.03 -14.00
C THR M 28 13.83 -39.91 -13.36
N GLU M 29 12.57 -40.19 -13.06
CA GLU M 29 11.70 -39.13 -12.50
C GLU M 29 10.75 -39.72 -11.48
N SER M 30 10.52 -39.12 -10.34
CA SER M 30 9.60 -39.65 -9.37
C SER M 30 8.62 -38.60 -8.93
N MET M 31 7.36 -38.96 -8.85
CA MET M 31 6.27 -38.30 -8.22
C MET M 31 6.02 -38.94 -6.82
N ALA M 32 6.98 -39.68 -6.27
CA ALA M 32 6.90 -40.26 -4.92
C ALA M 32 7.16 -39.27 -3.76
N GLY M 33 6.16 -39.30 -2.85
CA GLY M 33 6.12 -38.44 -1.67
C GLY M 33 7.44 -38.19 -1.03
N LYS M 34 7.92 -36.94 -1.05
CA LYS M 34 9.16 -36.48 -0.48
C LYS M 34 10.34 -36.92 -1.32
N ARG M 35 10.20 -37.53 -2.51
CA ARG M 35 11.34 -37.78 -3.40
C ARG M 35 11.01 -37.25 -4.81
N GLU M 36 10.22 -36.18 -4.90
CA GLU M 36 9.86 -35.61 -6.23
C GLU M 36 11.08 -34.92 -6.77
N MET M 37 11.83 -35.61 -7.62
CA MET M 37 13.10 -35.31 -8.15
C MET M 37 13.34 -35.98 -9.49
N VAL M 38 14.51 -35.64 -10.03
CA VAL M 38 14.86 -36.16 -11.35
C VAL M 38 16.30 -36.68 -11.15
N ILE M 39 16.62 -37.81 -11.77
CA ILE M 39 18.01 -38.26 -11.63
C ILE M 39 18.43 -38.63 -13.04
N ILE M 40 19.60 -38.11 -13.40
CA ILE M 40 20.10 -38.41 -14.74
C ILE M 40 21.44 -39.16 -14.63
N THR M 41 21.70 -40.08 -15.55
CA THR M 41 22.97 -40.78 -15.59
C THR M 41 23.51 -40.81 -17.06
N PHE M 42 24.83 -40.76 -17.12
CA PHE M 42 25.57 -40.85 -18.37
C PHE M 42 26.21 -42.24 -18.57
N LYS M 43 26.82 -42.47 -19.73
CA LYS M 43 27.45 -43.77 -19.96
C LYS M 43 28.69 -43.90 -19.08
N SER M 44 29.44 -42.84 -18.81
CA SER M 44 30.53 -42.89 -17.82
C SER M 44 30.12 -43.67 -16.56
N GLY M 45 28.92 -43.37 -16.08
CA GLY M 45 28.32 -43.93 -14.91
C GLY M 45 27.99 -42.77 -13.95
N GLU M 46 28.52 -41.58 -14.21
CA GLU M 46 28.26 -40.40 -13.39
C GLU M 46 26.75 -40.14 -13.19
N THR M 47 26.41 -39.89 -11.93
CA THR M 47 25.04 -39.70 -11.47
C THR M 47 24.79 -38.38 -10.77
N PHE M 48 23.74 -37.67 -11.22
CA PHE M 48 23.36 -36.32 -10.81
C PHE M 48 21.87 -36.16 -10.56
N GLN M 49 21.53 -35.17 -9.72
CA GLN M 49 20.16 -34.92 -9.36
C GLN M 49 19.67 -33.45 -9.39
N VAL M 50 18.36 -33.34 -9.51
CA VAL M 50 17.73 -32.06 -9.28
C VAL M 50 17.08 -32.30 -7.91
N GLU M 51 17.54 -31.55 -6.90
CA GLU M 51 16.98 -31.80 -5.59
C GLU M 51 15.49 -31.51 -5.49
N VAL M 52 14.86 -32.17 -4.54
CA VAL M 52 13.53 -32.01 -4.08
C VAL M 52 13.49 -30.58 -3.49
N PRO M 53 12.57 -29.74 -3.91
CA PRO M 53 12.43 -28.42 -3.33
C PRO M 53 12.39 -28.62 -1.80
N GLY M 54 13.13 -27.88 -1.05
CA GLY M 54 13.31 -27.83 0.36
C GLY M 54 13.53 -26.44 0.96
N SER M 55 13.90 -26.42 2.27
CA SER M 55 14.09 -25.18 3.01
C SER M 55 15.39 -24.46 2.67
N GLN M 56 16.36 -25.09 2.02
CA GLN M 56 17.54 -24.44 1.52
C GLN M 56 17.18 -23.61 0.25
N HIS M 57 16.05 -23.77 -0.42
CA HIS M 57 15.70 -23.04 -1.62
C HIS M 57 14.96 -21.73 -1.41
N ILE M 58 15.23 -20.69 -2.19
CA ILE M 58 14.45 -19.44 -1.92
C ILE M 58 13.30 -19.44 -2.90
N ASP M 59 12.24 -18.66 -2.73
CA ASP M 59 11.07 -18.66 -3.58
C ASP M 59 11.22 -18.57 -5.08
N SER M 60 12.21 -17.85 -5.56
CA SER M 60 12.59 -17.56 -6.91
C SER M 60 13.25 -18.75 -7.59
N GLN M 61 13.70 -19.69 -6.77
CA GLN M 61 14.22 -20.96 -7.24
C GLN M 61 13.08 -21.97 -7.46
N LYS M 62 11.86 -21.66 -7.02
CA LYS M 62 10.79 -22.62 -7.21
C LYS M 62 10.53 -22.94 -8.67
N LYS M 63 10.45 -21.90 -9.49
CA LYS M 63 10.24 -22.02 -10.92
C LYS M 63 11.48 -22.47 -11.63
N ALA M 64 12.64 -22.03 -11.15
CA ALA M 64 13.88 -22.45 -11.80
C ALA M 64 14.05 -23.97 -11.65
N ILE M 65 13.64 -24.55 -10.52
CA ILE M 65 13.71 -25.98 -10.25
C ILE M 65 12.84 -26.73 -11.21
N GLU M 66 11.60 -26.33 -11.46
CA GLU M 66 10.75 -27.01 -12.43
C GLU M 66 11.27 -26.98 -13.85
N ARG M 67 11.80 -25.81 -14.24
CA ARG M 67 12.40 -25.56 -15.51
C ARG M 67 13.64 -26.45 -15.70
N MET M 68 14.54 -26.59 -14.70
CA MET M 68 15.69 -27.47 -14.95
C MET M 68 15.21 -28.91 -15.18
N LYS M 69 14.09 -29.40 -14.66
CA LYS M 69 13.65 -30.75 -14.92
C LYS M 69 13.10 -30.86 -16.35
N ASP M 70 12.37 -29.84 -16.79
CA ASP M 70 11.87 -29.75 -18.16
C ASP M 70 13.04 -29.88 -19.17
N THR M 71 14.04 -29.09 -18.88
CA THR M 71 15.23 -29.10 -19.70
C THR M 71 15.89 -30.47 -19.73
N LEU M 72 16.10 -31.12 -18.59
CA LEU M 72 16.80 -32.42 -18.72
C LEU M 72 15.95 -33.43 -19.45
N ARG M 73 14.65 -33.54 -19.31
CA ARG M 73 13.74 -34.37 -20.01
C ARG M 73 13.81 -34.12 -21.53
N ILE M 74 13.71 -32.87 -22.02
CA ILE M 74 13.78 -32.58 -23.44
C ILE M 74 15.21 -32.78 -23.93
N THR M 75 16.25 -32.59 -23.14
CA THR M 75 17.63 -32.81 -23.53
C THR M 75 17.87 -34.31 -23.75
N TYR M 76 17.33 -35.14 -22.88
CA TYR M 76 17.39 -36.59 -22.99
C TYR M 76 16.62 -37.14 -24.18
N LEU M 77 15.38 -36.72 -24.43
CA LEU M 77 14.55 -37.31 -25.47
C LEU M 77 15.04 -37.03 -26.89
N THR M 78 15.78 -35.94 -27.03
CA THR M 78 16.28 -35.44 -28.28
C THR M 78 17.75 -35.90 -28.47
N GLU M 79 18.29 -36.43 -27.39
CA GLU M 79 19.61 -36.96 -27.28
C GLU M 79 20.67 -35.89 -27.52
N THR M 80 20.34 -34.74 -27.03
CA THR M 80 21.17 -33.56 -27.08
C THR M 80 22.31 -33.75 -26.07
N LYS M 81 23.52 -33.52 -26.58
CA LYS M 81 24.75 -33.67 -25.81
C LYS M 81 24.88 -32.53 -24.84
N ILE M 82 25.10 -32.85 -23.58
CA ILE M 82 25.30 -31.82 -22.55
C ILE M 82 26.80 -31.54 -22.47
N ASP M 83 27.19 -30.29 -22.61
CA ASP M 83 28.62 -29.99 -22.50
C ASP M 83 28.97 -30.14 -21.02
N LYS M 84 28.91 -29.05 -20.28
CA LYS M 84 29.16 -28.98 -18.86
C LYS M 84 27.91 -29.10 -17.99
N LEU M 85 28.11 -29.39 -16.72
CA LEU M 85 27.19 -29.39 -15.63
C LEU M 85 27.91 -28.74 -14.43
N CYS M 86 27.25 -27.79 -13.80
CA CYS M 86 27.74 -27.19 -12.57
C CYS M 86 26.88 -27.80 -11.45
N VAL M 87 27.52 -28.41 -10.45
CA VAL M 87 26.89 -29.21 -9.42
C VAL M 87 27.34 -28.97 -7.98
N TRP M 88 26.43 -28.89 -7.01
CA TRP M 88 26.85 -28.71 -5.59
C TRP M 88 27.34 -30.08 -5.15
N ASN M 89 28.56 -30.18 -4.62
CA ASN M 89 29.16 -31.48 -4.28
C ASN M 89 28.83 -31.88 -2.85
N ASN M 90 28.04 -31.09 -2.13
CA ASN M 90 27.74 -31.43 -0.73
C ASN M 90 26.48 -32.23 -0.64
N LYS M 91 26.14 -32.92 -1.71
CA LYS M 91 24.91 -33.68 -1.81
C LYS M 91 25.23 -34.99 -2.52
N THR M 92 24.37 -35.99 -2.50
CA THR M 92 24.53 -37.22 -3.20
C THR M 92 23.21 -37.86 -3.59
N PRO M 93 23.08 -38.06 -4.92
CA PRO M 93 24.10 -37.72 -5.89
C PRO M 93 24.27 -36.23 -5.98
N ASN M 94 25.35 -35.83 -6.63
CA ASN M 94 25.62 -34.39 -6.74
C ASN M 94 24.38 -33.74 -7.36
N SER M 95 24.24 -32.47 -7.04
CA SER M 95 23.09 -31.64 -7.28
C SER M 95 23.19 -30.60 -8.38
N ILE M 96 22.29 -30.74 -9.36
CA ILE M 96 22.45 -29.69 -10.41
C ILE M 96 22.20 -28.26 -9.98
N ALA M 97 23.15 -27.37 -10.34
CA ALA M 97 22.95 -25.94 -10.13
C ALA M 97 22.73 -25.23 -11.47
N ALA M 98 23.27 -25.76 -12.57
CA ALA M 98 23.32 -25.16 -13.89
C ALA M 98 23.97 -26.13 -14.88
N ILE M 99 23.57 -25.99 -16.15
CA ILE M 99 23.98 -26.87 -17.22
C ILE M 99 24.29 -26.04 -18.45
N SER M 100 25.16 -26.48 -19.31
CA SER M 100 25.51 -25.86 -20.57
C SER M 100 25.50 -26.95 -21.67
N MET M 101 25.08 -26.51 -22.84
CA MET M 101 24.98 -27.28 -24.05
C MET M 101 25.63 -26.53 -25.22
N LYS M 102 26.33 -27.26 -26.10
CA LYS M 102 26.92 -26.50 -27.21
C LYS M 102 26.87 -27.35 -28.48
N ASN M 103 26.75 -26.55 -29.51
CA ASN M 103 26.57 -26.89 -30.90
C ASN M 103 27.77 -26.46 -31.76
N ALA N 1 0.48 -0.86 -32.00
CA ALA N 1 1.54 -1.64 -31.28
C ALA N 1 2.63 -1.76 -32.32
N PRO N 2 3.88 -2.00 -31.94
CA PRO N 2 4.96 -2.17 -32.88
C PRO N 2 4.63 -3.26 -33.89
N GLN N 3 5.30 -3.21 -35.02
CA GLN N 3 4.96 -4.14 -36.12
C GLN N 3 6.19 -4.96 -36.41
N THR N 4 7.36 -4.44 -36.04
CA THR N 4 8.58 -5.20 -36.19
C THR N 4 9.39 -5.13 -34.87
N ILE N 5 10.45 -5.90 -34.79
CA ILE N 5 11.30 -5.89 -33.60
C ILE N 5 12.16 -4.64 -33.60
N THR N 6 12.43 -4.11 -34.80
CA THR N 6 13.14 -2.84 -34.92
C THR N 6 12.31 -1.74 -34.24
N GLU N 7 11.01 -1.67 -34.51
CA GLU N 7 10.21 -0.65 -33.87
C GLU N 7 10.06 -0.79 -32.37
N LEU N 8 9.83 -2.09 -32.00
CA LEU N 8 9.68 -2.32 -30.57
C LEU N 8 10.98 -1.88 -29.92
N CYS N 9 12.18 -2.19 -30.36
CA CYS N 9 13.40 -1.78 -29.63
C CYS N 9 13.66 -0.29 -29.65
N SER N 10 13.19 0.42 -30.67
CA SER N 10 13.28 1.87 -30.76
C SER N 10 12.65 2.54 -29.53
N GLU N 11 11.55 1.96 -28.99
CA GLU N 11 10.82 2.57 -27.89
C GLU N 11 11.51 2.60 -26.54
N TYR N 12 12.55 1.83 -26.38
CA TYR N 12 13.27 1.69 -25.15
C TYR N 12 14.69 2.23 -25.24
N ARG N 13 15.00 2.87 -24.10
CA ARG N 13 16.35 3.47 -24.02
C ARG N 13 17.38 2.37 -23.84
N ASN N 14 18.66 2.70 -24.08
CA ASN N 14 19.79 1.83 -23.92
C ASN N 14 19.70 0.48 -24.62
N THR N 15 18.93 0.39 -25.70
CA THR N 15 18.68 -0.81 -26.45
C THR N 15 19.37 -0.76 -27.80
N GLN N 16 19.31 -1.89 -28.48
CA GLN N 16 19.88 -1.99 -29.80
C GLN N 16 19.67 -3.42 -30.29
N ILE N 17 19.43 -3.41 -31.59
CA ILE N 17 19.15 -4.62 -32.32
C ILE N 17 20.43 -5.29 -32.79
N TYR N 18 20.58 -6.56 -32.46
CA TYR N 18 21.73 -7.32 -32.97
C TYR N 18 21.22 -8.16 -34.15
N THR N 19 21.83 -8.02 -35.32
CA THR N 19 21.37 -8.78 -36.48
C THR N 19 22.15 -10.07 -36.52
N ILE N 20 21.50 -11.10 -35.97
CA ILE N 20 22.14 -12.39 -35.79
C ILE N 20 22.22 -13.27 -37.00
N ASN N 21 21.19 -13.91 -37.52
CA ASN N 21 21.35 -14.72 -38.71
C ASN N 21 22.20 -15.98 -38.52
N ASP N 22 21.92 -16.61 -37.37
CA ASP N 22 22.65 -17.86 -37.04
C ASP N 22 21.89 -18.58 -35.93
N LYS N 23 22.16 -19.87 -35.79
CA LYS N 23 21.61 -20.65 -34.70
C LYS N 23 22.37 -20.39 -33.40
N ILE N 24 21.76 -20.55 -32.23
CA ILE N 24 22.49 -20.39 -30.98
C ILE N 24 23.61 -21.42 -30.94
N LEU N 25 24.84 -20.95 -30.65
CA LEU N 25 26.00 -21.84 -30.55
C LEU N 25 25.99 -22.63 -29.26
N SER N 26 25.70 -21.98 -28.15
CA SER N 26 25.63 -22.64 -26.85
C SER N 26 24.56 -22.08 -25.91
N TYR N 27 23.97 -23.02 -25.16
CA TYR N 27 22.94 -22.57 -24.20
C TYR N 27 23.30 -22.93 -22.75
N THR N 28 23.00 -22.05 -21.80
CA THR N 28 23.31 -22.24 -20.39
C THR N 28 22.13 -21.82 -19.53
N GLU N 29 21.76 -22.72 -18.57
CA GLU N 29 20.63 -22.35 -17.66
C GLU N 29 21.05 -22.57 -16.20
N SER N 30 20.79 -21.64 -15.33
CA SER N 30 21.14 -21.78 -13.91
C SER N 30 19.92 -21.74 -13.00
N MET N 31 19.85 -22.66 -12.01
CA MET N 31 18.73 -22.54 -11.04
C MET N 31 19.33 -22.09 -9.70
N ALA N 32 20.63 -21.75 -9.64
CA ALA N 32 21.27 -21.30 -8.42
C ALA N 32 20.59 -20.03 -7.93
N GLY N 33 20.39 -19.93 -6.60
CA GLY N 33 19.60 -18.86 -6.01
C GLY N 33 20.24 -17.55 -6.34
N LYS N 34 19.44 -16.61 -6.80
CA LYS N 34 19.86 -15.30 -7.27
C LYS N 34 20.54 -15.28 -8.63
N ARG N 35 20.79 -16.40 -9.28
CA ARG N 35 21.36 -16.51 -10.60
C ARG N 35 20.40 -17.36 -11.47
N GLU N 36 19.10 -17.20 -11.29
CA GLU N 36 18.07 -17.95 -12.02
C GLU N 36 17.86 -17.26 -13.39
N MET N 37 18.73 -17.63 -14.29
CA MET N 37 18.90 -16.97 -15.57
C MET N 37 19.22 -17.95 -16.65
N VAL N 38 19.21 -17.36 -17.86
CA VAL N 38 19.61 -18.15 -19.02
C VAL N 38 20.74 -17.39 -19.69
N ILE N 39 21.66 -18.15 -20.26
CA ILE N 39 22.72 -17.51 -21.05
C ILE N 39 22.85 -18.14 -22.44
N ILE N 40 22.94 -17.28 -23.46
CA ILE N 40 23.29 -17.77 -24.79
C ILE N 40 24.43 -16.98 -25.45
N THR N 41 25.24 -17.67 -26.23
CA THR N 41 26.35 -17.12 -26.99
C THR N 41 26.20 -17.57 -28.45
N PHE N 42 26.87 -16.91 -29.40
CA PHE N 42 26.79 -17.26 -30.80
C PHE N 42 28.18 -17.50 -31.41
N LYS N 43 28.16 -18.15 -32.58
CA LYS N 43 29.38 -18.48 -33.31
C LYS N 43 30.26 -17.27 -33.56
N SER N 44 29.63 -16.12 -33.72
CA SER N 44 30.19 -14.80 -33.78
C SER N 44 31.15 -14.58 -32.60
N GLY N 45 30.58 -14.81 -31.43
CA GLY N 45 31.18 -14.59 -30.15
C GLY N 45 30.34 -13.61 -29.34
N GLU N 46 29.12 -13.31 -29.77
CA GLU N 46 28.21 -12.45 -29.04
C GLU N 46 27.74 -13.27 -27.83
N THR N 47 27.43 -12.62 -26.72
CA THR N 47 26.98 -13.34 -25.54
C THR N 47 25.83 -12.52 -24.94
N PHE N 48 24.69 -13.21 -24.71
CA PHE N 48 23.53 -12.53 -24.14
C PHE N 48 22.91 -13.31 -22.98
N GLN N 49 22.05 -12.64 -22.24
CA GLN N 49 21.43 -13.27 -21.09
C GLN N 49 19.95 -12.95 -20.97
N VAL N 50 19.16 -13.82 -20.35
CA VAL N 50 17.79 -13.37 -20.02
C VAL N 50 18.01 -13.06 -18.52
N GLU N 51 17.60 -11.95 -17.97
CA GLU N 51 17.92 -11.61 -16.62
C GLU N 51 17.02 -12.25 -15.57
N VAL N 52 17.76 -12.48 -14.46
CA VAL N 52 17.19 -12.97 -13.23
C VAL N 52 16.05 -11.97 -13.04
N PRO N 53 14.85 -12.44 -12.78
CA PRO N 53 13.75 -11.55 -12.49
C PRO N 53 14.09 -10.65 -11.32
N GLY N 54 14.10 -9.35 -11.52
CA GLY N 54 14.42 -8.39 -10.45
C GLY N 54 13.41 -7.28 -10.28
N SER N 55 13.68 -6.38 -9.33
CA SER N 55 12.83 -5.24 -9.07
C SER N 55 12.76 -4.28 -10.26
N GLN N 56 13.64 -4.38 -11.24
CA GLN N 56 13.61 -3.56 -12.45
C GLN N 56 12.61 -4.12 -13.47
N HIS N 57 11.95 -5.21 -13.11
CA HIS N 57 10.91 -5.84 -13.86
C HIS N 57 9.52 -5.52 -13.30
N ILE N 58 8.65 -5.07 -14.22
CA ILE N 58 7.24 -4.88 -13.82
C ILE N 58 6.57 -6.26 -13.84
N ASP N 59 5.52 -6.49 -13.06
CA ASP N 59 4.94 -7.81 -12.90
C ASP N 59 4.47 -8.50 -14.18
N SER N 60 4.09 -7.74 -15.20
CA SER N 60 3.59 -8.31 -16.44
C SER N 60 4.78 -8.96 -17.13
N GLN N 61 6.01 -8.54 -16.84
CA GLN N 61 7.20 -9.14 -17.39
C GLN N 61 7.48 -10.52 -16.80
N LYS N 62 7.02 -10.90 -15.63
CA LYS N 62 7.39 -12.16 -14.99
C LYS N 62 7.01 -13.39 -15.83
N LYS N 63 5.78 -13.59 -16.27
CA LYS N 63 5.39 -14.63 -17.17
C LYS N 63 6.04 -14.40 -18.56
N ALA N 64 6.57 -13.23 -18.93
CA ALA N 64 7.10 -13.06 -20.30
C ALA N 64 8.57 -13.44 -20.25
N ILE N 65 9.08 -13.26 -18.99
CA ILE N 65 10.46 -13.69 -18.78
C ILE N 65 10.45 -15.23 -18.82
N GLU N 66 9.49 -15.88 -18.16
CA GLU N 66 9.50 -17.38 -18.33
C GLU N 66 9.35 -17.83 -19.76
N ARG N 67 8.49 -17.15 -20.54
CA ARG N 67 8.25 -17.53 -21.92
C ARG N 67 9.46 -17.34 -22.80
N MET N 68 10.28 -16.30 -22.62
CA MET N 68 11.45 -16.11 -23.44
C MET N 68 12.45 -17.17 -23.10
N LYS N 69 12.63 -17.49 -21.79
CA LYS N 69 13.60 -18.65 -21.60
C LYS N 69 13.07 -19.94 -22.23
N ASP N 70 11.75 -20.12 -22.31
CA ASP N 70 11.23 -21.30 -23.02
C ASP N 70 11.61 -21.23 -24.49
N THR N 71 11.37 -19.99 -25.05
CA THR N 71 11.64 -19.80 -26.50
C THR N 71 13.11 -19.98 -26.79
N LEU N 72 14.05 -19.47 -25.95
CA LEU N 72 15.46 -19.73 -26.25
C LEU N 72 15.88 -21.18 -26.14
N ARG N 73 15.28 -21.92 -25.16
CA ARG N 73 15.64 -23.32 -25.05
C ARG N 73 15.23 -24.05 -26.32
N ILE N 74 13.96 -23.95 -26.70
CA ILE N 74 13.43 -24.66 -27.88
C ILE N 74 14.08 -24.18 -29.18
N THR N 75 14.41 -22.90 -29.34
CA THR N 75 15.16 -22.44 -30.53
C THR N 75 16.52 -23.08 -30.63
N TYR N 76 17.21 -23.16 -29.47
CA TYR N 76 18.53 -23.74 -29.33
C TYR N 76 18.47 -25.15 -29.82
N LEU N 77 17.60 -25.90 -29.11
CA LEU N 77 17.47 -27.28 -29.41
C LEU N 77 17.04 -27.54 -30.85
N THR N 78 16.30 -26.67 -31.54
CA THR N 78 15.91 -26.98 -32.91
C THR N 78 16.94 -26.50 -33.91
N GLU N 79 17.88 -25.70 -33.42
CA GLU N 79 18.90 -25.10 -34.26
C GLU N 79 18.23 -24.07 -35.15
N THR N 80 17.19 -23.44 -34.61
CA THR N 80 16.44 -22.45 -35.35
C THR N 80 17.29 -21.21 -35.51
N LYS N 81 17.48 -20.72 -36.71
CA LYS N 81 18.31 -19.50 -36.80
C LYS N 81 17.57 -18.32 -36.21
N ILE N 82 18.22 -17.44 -35.46
CA ILE N 82 17.55 -16.26 -34.91
C ILE N 82 17.82 -15.13 -35.90
N ASP N 83 16.91 -14.22 -36.09
CA ASP N 83 17.14 -13.14 -37.02
C ASP N 83 17.93 -12.05 -36.29
N LYS N 84 17.23 -11.29 -35.47
CA LYS N 84 17.68 -10.22 -34.63
C LYS N 84 17.42 -10.43 -33.14
N LEU N 85 18.19 -9.72 -32.30
CA LEU N 85 17.91 -9.68 -30.89
C LEU N 85 17.80 -8.18 -30.50
N CYS N 86 16.72 -7.84 -29.82
CA CYS N 86 16.66 -6.48 -29.31
C CYS N 86 17.33 -6.55 -27.92
N VAL N 87 18.43 -5.89 -27.61
CA VAL N 87 19.04 -6.07 -26.30
C VAL N 87 19.37 -4.82 -25.49
N TRP N 88 19.15 -4.88 -24.16
CA TRP N 88 19.59 -3.76 -23.32
C TRP N 88 21.13 -3.80 -23.33
N ASN N 89 21.78 -2.69 -23.71
CA ASN N 89 23.24 -2.68 -23.75
C ASN N 89 23.98 -2.05 -22.56
N ASN N 90 23.26 -1.55 -21.56
CA ASN N 90 23.87 -1.10 -20.31
C ASN N 90 24.14 -2.31 -19.40
N LYS N 91 23.82 -3.54 -19.77
CA LYS N 91 24.04 -4.70 -18.90
C LYS N 91 25.13 -5.60 -19.38
N THR N 92 25.74 -6.46 -18.56
CA THR N 92 26.78 -7.37 -19.01
C THR N 92 26.66 -8.78 -18.49
N PRO N 93 26.50 -9.77 -19.35
CA PRO N 93 26.36 -9.58 -20.79
C PRO N 93 25.04 -8.90 -21.18
N ASN N 94 25.02 -8.46 -22.45
CA ASN N 94 23.83 -7.71 -22.94
C ASN N 94 22.62 -8.65 -22.78
N SER N 95 21.53 -8.05 -22.36
CA SER N 95 20.29 -8.60 -22.00
C SER N 95 19.23 -8.60 -23.10
N ILE N 96 18.63 -9.73 -23.36
CA ILE N 96 17.51 -9.80 -24.32
C ILE N 96 16.23 -9.16 -23.80
N ALA N 97 15.64 -8.38 -24.73
CA ALA N 97 14.36 -7.71 -24.60
C ALA N 97 13.35 -8.28 -25.60
N ALA N 98 13.82 -8.78 -26.77
CA ALA N 98 12.90 -9.30 -27.75
C ALA N 98 13.66 -10.16 -28.74
N ILE N 99 12.89 -11.01 -29.44
CA ILE N 99 13.66 -11.83 -30.41
C ILE N 99 12.86 -11.97 -31.66
N SER N 100 13.52 -12.20 -32.82
CA SER N 100 12.69 -12.30 -34.03
C SER N 100 13.35 -13.39 -34.82
N MET N 101 12.50 -14.12 -35.51
CA MET N 101 12.95 -15.27 -36.29
C MET N 101 12.15 -15.21 -37.60
N LYS N 102 12.90 -15.50 -38.66
CA LYS N 102 12.35 -15.45 -40.01
C LYS N 102 12.81 -16.65 -40.81
N ASN N 103 11.86 -17.32 -41.44
CA ASN N 103 12.02 -18.47 -42.31
C ASN N 103 12.00 -19.83 -41.62
N ALA O 1 -22.52 -23.68 -29.50
CA ALA O 1 -21.04 -23.50 -29.57
C ALA O 1 -20.55 -23.77 -31.00
N PRO O 2 -19.99 -22.75 -31.63
CA PRO O 2 -19.50 -22.83 -32.99
C PRO O 2 -18.70 -24.10 -33.24
N GLN O 3 -18.83 -24.64 -34.44
CA GLN O 3 -18.12 -25.84 -34.86
C GLN O 3 -17.09 -25.48 -35.95
N THR O 4 -17.00 -24.20 -36.28
CA THR O 4 -16.03 -23.71 -37.24
C THR O 4 -15.56 -22.32 -36.78
N ILE O 5 -14.34 -22.00 -37.21
CA ILE O 5 -13.74 -20.72 -36.90
C ILE O 5 -14.56 -19.56 -37.45
N THR O 6 -15.09 -19.70 -38.69
CA THR O 6 -15.88 -18.62 -39.29
C THR O 6 -17.11 -18.28 -38.45
N GLU O 7 -17.91 -19.28 -38.09
CA GLU O 7 -19.03 -19.08 -37.20
C GLU O 7 -18.52 -18.26 -36.00
N LEU O 8 -17.62 -18.90 -35.25
CA LEU O 8 -17.02 -18.30 -34.08
C LEU O 8 -16.55 -16.88 -34.40
N CYS O 9 -15.75 -16.62 -35.43
CA CYS O 9 -15.32 -15.27 -35.75
C CYS O 9 -16.49 -14.30 -35.93
N SER O 10 -17.65 -14.78 -36.39
CA SER O 10 -18.80 -13.93 -36.62
C SER O 10 -19.59 -13.52 -35.40
N GLU O 11 -19.39 -14.16 -34.25
CA GLU O 11 -20.13 -13.78 -33.05
C GLU O 11 -19.63 -12.47 -32.50
N TYR O 12 -18.50 -11.95 -32.93
CA TYR O 12 -17.79 -10.78 -32.51
C TYR O 12 -17.72 -9.53 -33.38
N ARG O 13 -17.72 -8.40 -32.67
CA ARG O 13 -17.63 -7.05 -33.16
C ARG O 13 -16.21 -6.59 -33.45
N ASN O 14 -15.99 -6.14 -34.67
CA ASN O 14 -14.74 -5.66 -35.23
C ASN O 14 -13.81 -6.82 -35.62
N THR O 15 -14.37 -7.90 -36.19
CA THR O 15 -13.52 -8.99 -36.65
C THR O 15 -13.54 -9.07 -38.18
N GLN O 16 -12.93 -10.08 -38.74
CA GLN O 16 -12.82 -10.38 -40.15
C GLN O 16 -11.81 -11.53 -40.31
N ILE O 17 -12.17 -12.52 -41.11
CA ILE O 17 -11.28 -13.65 -41.34
C ILE O 17 -10.25 -13.35 -42.41
N TYR O 18 -9.13 -14.03 -42.22
CA TYR O 18 -8.03 -14.00 -43.17
C TYR O 18 -7.73 -15.45 -43.56
N THR O 19 -8.17 -15.84 -44.73
CA THR O 19 -7.86 -17.20 -45.22
C THR O 19 -6.40 -17.05 -45.70
N ILE O 20 -5.49 -17.63 -44.90
CA ILE O 20 -4.07 -17.43 -45.13
C ILE O 20 -3.47 -18.64 -45.80
N ASN O 21 -3.94 -19.82 -45.43
CA ASN O 21 -3.42 -21.09 -45.83
C ASN O 21 -1.95 -20.97 -46.15
N ASP O 22 -1.11 -20.89 -45.09
CA ASP O 22 0.32 -20.78 -45.40
C ASP O 22 1.10 -20.88 -44.08
N LYS O 23 2.39 -21.07 -44.12
CA LYS O 23 3.10 -21.15 -42.83
C LYS O 23 3.49 -19.72 -42.45
N ILE O 24 3.65 -19.49 -41.15
CA ILE O 24 4.11 -18.20 -40.66
C ILE O 24 5.53 -17.95 -41.17
N LEU O 25 5.79 -16.75 -41.66
CA LEU O 25 7.07 -16.35 -42.15
C LEU O 25 7.98 -15.75 -41.05
N SER O 26 7.43 -14.97 -40.12
CA SER O 26 8.33 -14.38 -39.11
C SER O 26 7.67 -14.40 -37.72
N TYR O 27 8.54 -14.70 -36.77
CA TYR O 27 7.97 -14.82 -35.38
C TYR O 27 8.66 -13.81 -34.51
N THR O 28 7.98 -12.92 -33.83
CA THR O 28 8.73 -11.96 -33.01
C THR O 28 8.19 -12.02 -31.60
N GLU O 29 9.12 -11.94 -30.63
CA GLU O 29 8.67 -12.13 -29.27
C GLU O 29 9.31 -11.10 -28.35
N SER O 30 8.47 -10.60 -27.51
CA SER O 30 8.86 -9.51 -26.60
C SER O 30 8.54 -9.72 -25.13
N MET O 31 9.55 -9.48 -24.29
CA MET O 31 9.43 -9.50 -22.84
C MET O 31 9.78 -8.10 -22.28
N ALA O 32 9.84 -7.11 -23.16
CA ALA O 32 10.12 -5.71 -22.71
C ALA O 32 8.85 -5.13 -22.07
N GLY O 33 9.04 -4.43 -20.97
CA GLY O 33 7.94 -3.93 -20.09
C GLY O 33 6.82 -3.33 -20.90
N LYS O 34 5.55 -3.48 -20.68
CA LYS O 34 4.42 -3.00 -21.44
C LYS O 34 4.37 -3.51 -22.88
N ARG O 35 5.33 -4.25 -23.45
CA ARG O 35 5.28 -4.83 -24.77
C ARG O 35 5.48 -6.38 -24.72
N GLU O 36 4.82 -7.07 -23.80
CA GLU O 36 4.84 -8.51 -23.59
C GLU O 36 3.85 -9.10 -24.61
N MET O 37 4.45 -9.42 -25.77
CA MET O 37 3.61 -9.75 -26.91
C MET O 37 4.37 -10.51 -27.96
N VAL O 38 3.63 -11.05 -28.89
CA VAL O 38 4.13 -11.83 -30.01
C VAL O 38 3.49 -11.25 -31.27
N ILE O 39 4.29 -11.25 -32.31
CA ILE O 39 3.86 -10.70 -33.60
C ILE O 39 4.21 -11.76 -34.63
N ILE O 40 3.29 -12.01 -35.53
CA ILE O 40 3.59 -12.91 -36.66
C ILE O 40 3.36 -12.26 -38.01
N THR O 41 4.28 -12.46 -38.98
CA THR O 41 4.02 -11.99 -40.33
C THR O 41 3.85 -13.21 -41.25
N PHE O 42 3.32 -12.98 -42.44
CA PHE O 42 3.20 -13.90 -43.55
C PHE O 42 3.86 -13.26 -44.79
N LYS O 43 4.16 -14.10 -45.75
CA LYS O 43 4.82 -13.83 -47.01
C LYS O 43 4.04 -12.84 -47.89
N SER O 44 2.73 -12.82 -47.70
CA SER O 44 1.81 -11.95 -48.38
C SER O 44 1.66 -10.57 -47.75
N GLY O 45 2.61 -10.14 -46.93
CA GLY O 45 2.59 -8.88 -46.24
C GLY O 45 1.80 -8.79 -44.97
N GLU O 46 0.73 -9.52 -44.71
CA GLU O 46 0.00 -9.37 -43.45
C GLU O 46 0.90 -9.54 -42.22
N THR O 47 0.52 -8.87 -41.16
CA THR O 47 1.17 -8.85 -39.87
C THR O 47 0.09 -8.93 -38.80
N PHE O 48 0.15 -9.84 -37.85
CA PHE O 48 -0.86 -9.95 -36.80
C PHE O 48 -0.15 -10.06 -35.44
N GLN O 49 -0.89 -9.65 -34.43
CA GLN O 49 -0.29 -9.69 -33.11
C GLN O 49 -1.14 -10.52 -32.15
N VAL O 50 -0.45 -11.00 -31.11
CA VAL O 50 -1.20 -11.51 -29.97
C VAL O 50 -1.04 -10.29 -29.02
N GLU O 51 -2.14 -9.77 -28.50
CA GLU O 51 -2.06 -8.54 -27.71
C GLU O 51 -1.52 -8.58 -26.30
N VAL O 52 -0.78 -7.55 -25.88
CA VAL O 52 -0.39 -7.39 -24.47
C VAL O 52 -1.70 -7.41 -23.69
N PRO O 53 -1.83 -8.26 -22.68
CA PRO O 53 -3.06 -8.42 -21.94
C PRO O 53 -3.39 -7.09 -21.30
N GLY O 54 -4.66 -6.70 -21.35
CA GLY O 54 -5.04 -5.41 -20.83
C GLY O 54 -6.43 -5.25 -20.22
N SER O 55 -6.76 -3.93 -20.08
CA SER O 55 -8.04 -3.56 -19.48
C SER O 55 -9.21 -4.29 -20.15
N GLN O 56 -9.17 -4.36 -21.46
CA GLN O 56 -10.12 -5.01 -22.31
C GLN O 56 -10.45 -6.47 -22.08
N HIS O 57 -9.43 -7.32 -21.91
CA HIS O 57 -9.60 -8.75 -21.78
C HIS O 57 -10.32 -9.19 -20.51
N ILE O 58 -11.08 -10.28 -20.60
CA ILE O 58 -11.64 -10.79 -19.36
C ILE O 58 -10.60 -11.75 -18.75
N ASP O 59 -10.87 -12.25 -17.58
CA ASP O 59 -10.11 -13.17 -16.80
C ASP O 59 -9.95 -14.56 -17.38
N SER O 60 -10.87 -15.02 -18.20
CA SER O 60 -10.79 -16.37 -18.78
C SER O 60 -9.88 -16.38 -20.01
N GLN O 61 -9.49 -15.22 -20.53
CA GLN O 61 -8.65 -15.09 -21.70
C GLN O 61 -7.16 -15.11 -21.33
N LYS O 62 -6.88 -15.04 -20.04
CA LYS O 62 -5.52 -14.95 -19.56
C LYS O 62 -4.71 -16.14 -20.10
N LYS O 63 -5.26 -17.30 -19.86
CA LYS O 63 -4.69 -18.57 -20.20
C LYS O 63 -4.84 -18.81 -21.70
N ALA O 64 -5.83 -18.21 -22.33
CA ALA O 64 -6.03 -18.45 -23.76
C ALA O 64 -5.04 -17.59 -24.46
N ILE O 65 -4.77 -16.41 -23.93
CA ILE O 65 -3.76 -15.54 -24.52
C ILE O 65 -2.43 -16.30 -24.44
N GLU O 66 -2.10 -16.97 -23.31
CA GLU O 66 -0.80 -17.68 -23.31
C GLU O 66 -0.87 -18.93 -24.18
N ARG O 67 -2.02 -19.64 -24.27
CA ARG O 67 -1.99 -20.84 -25.13
C ARG O 67 -1.85 -20.42 -26.59
N MET O 68 -2.53 -19.34 -27.03
CA MET O 68 -2.39 -18.81 -28.37
C MET O 68 -0.90 -18.50 -28.62
N LYS O 69 -0.24 -17.82 -27.70
CA LYS O 69 1.17 -17.59 -27.91
C LYS O 69 1.96 -18.90 -28.00
N ASP O 70 1.63 -19.91 -27.24
CA ASP O 70 2.30 -21.21 -27.27
C ASP O 70 2.07 -21.79 -28.66
N THR O 71 0.80 -21.79 -29.09
CA THR O 71 0.49 -22.28 -30.44
C THR O 71 1.19 -21.64 -31.60
N LEU O 72 1.35 -20.32 -31.61
CA LEU O 72 2.06 -19.64 -32.69
C LEU O 72 3.53 -19.98 -32.77
N ARG O 73 4.12 -20.09 -31.55
CA ARG O 73 5.52 -20.43 -31.52
C ARG O 73 5.76 -21.81 -32.16
N ILE O 74 5.09 -22.84 -31.69
CA ILE O 74 5.30 -24.21 -32.19
C ILE O 74 4.81 -24.39 -33.64
N THR O 75 3.78 -23.61 -33.99
CA THR O 75 3.32 -23.55 -35.38
C THR O 75 4.45 -22.98 -36.21
N TYR O 76 5.05 -21.89 -35.79
CA TYR O 76 6.24 -21.34 -36.45
C TYR O 76 7.44 -22.27 -36.51
N LEU O 77 7.81 -23.00 -35.45
CA LEU O 77 9.03 -23.80 -35.54
C LEU O 77 8.78 -25.07 -36.34
N THR O 78 7.60 -25.64 -36.35
CA THR O 78 7.33 -26.83 -37.16
C THR O 78 6.88 -26.48 -38.58
N GLU O 79 6.85 -25.22 -38.97
CA GLU O 79 6.41 -24.66 -40.22
C GLU O 79 5.01 -25.19 -40.56
N THR O 80 4.05 -25.27 -39.65
CA THR O 80 2.74 -25.81 -39.96
C THR O 80 1.90 -24.77 -40.72
N LYS O 81 1.07 -25.21 -41.66
CA LYS O 81 0.31 -24.27 -42.44
C LYS O 81 -0.83 -23.69 -41.63
N ILE O 82 -0.92 -22.37 -41.59
CA ILE O 82 -2.14 -21.80 -40.96
C ILE O 82 -3.26 -21.72 -41.99
N ASP O 83 -4.37 -22.40 -41.82
CA ASP O 83 -5.51 -22.29 -42.73
C ASP O 83 -6.09 -20.88 -42.67
N LYS O 84 -6.88 -20.55 -41.66
CA LYS O 84 -7.43 -19.21 -41.53
C LYS O 84 -7.18 -18.70 -40.11
N LEU O 85 -7.38 -17.41 -39.97
CA LEU O 85 -7.28 -16.67 -38.74
C LEU O 85 -8.50 -15.76 -38.54
N CYS O 86 -9.00 -15.81 -37.31
CA CYS O 86 -10.02 -14.83 -37.00
C CYS O 86 -9.34 -13.68 -36.23
N VAL O 87 -9.35 -12.44 -36.70
CA VAL O 87 -8.74 -11.35 -35.97
C VAL O 87 -9.71 -10.18 -35.73
N TRP O 88 -9.23 -9.19 -34.99
CA TRP O 88 -9.89 -7.94 -34.72
C TRP O 88 -9.22 -6.87 -35.60
N ASN O 89 -10.03 -6.05 -36.29
CA ASN O 89 -9.51 -5.08 -37.23
C ASN O 89 -9.39 -3.64 -36.78
N ASN O 90 -9.65 -3.38 -35.51
CA ASN O 90 -9.53 -2.04 -34.94
C ASN O 90 -8.21 -1.90 -34.16
N LYS O 91 -7.47 -3.01 -34.12
CA LYS O 91 -6.17 -2.92 -33.41
C LYS O 91 -5.14 -2.81 -34.51
N THR O 92 -3.93 -2.38 -34.27
CA THR O 92 -2.89 -2.32 -35.30
C THR O 92 -1.51 -2.66 -34.70
N PRO O 93 -0.93 -3.75 -35.18
CA PRO O 93 -1.54 -4.59 -36.21
C PRO O 93 -2.76 -5.32 -35.69
N ASN O 94 -3.60 -5.80 -36.57
CA ASN O 94 -4.79 -6.58 -36.27
C ASN O 94 -4.48 -7.69 -35.25
N SER O 95 -5.26 -7.83 -34.20
CA SER O 95 -4.97 -8.76 -33.13
C SER O 95 -5.75 -10.07 -33.35
N ILE O 96 -5.03 -11.16 -33.10
CA ILE O 96 -5.54 -12.49 -33.39
C ILE O 96 -6.56 -12.90 -32.37
N ALA O 97 -7.67 -13.44 -32.81
CA ALA O 97 -8.70 -13.89 -31.89
C ALA O 97 -8.79 -15.40 -31.88
N ALA O 98 -8.41 -15.99 -33.02
CA ALA O 98 -8.54 -17.42 -33.18
C ALA O 98 -7.87 -17.87 -34.48
N ILE O 99 -7.44 -19.12 -34.42
CA ILE O 99 -6.76 -19.79 -35.51
C ILE O 99 -7.27 -21.22 -35.72
N SER O 100 -7.05 -21.70 -36.94
CA SER O 100 -7.37 -22.97 -37.52
C SER O 100 -6.23 -23.45 -38.44
N MET O 101 -6.05 -24.75 -38.44
CA MET O 101 -5.03 -25.44 -39.18
C MET O 101 -5.63 -26.72 -39.77
N LYS O 102 -5.44 -26.97 -41.04
CA LYS O 102 -5.96 -28.17 -41.71
C LYS O 102 -4.78 -28.89 -42.38
N ASN O 103 -4.81 -30.21 -42.29
CA ASN O 103 -3.73 -31.08 -42.71
C ASN O 103 -4.08 -32.12 -43.75
#